data_7FCC
# 
_entry.id   7FCC 
# 
_audit_conform.dict_name       mmcif_pdbx.dic 
_audit_conform.dict_version    5.380 
_audit_conform.dict_location   http://mmcif.pdb.org/dictionaries/ascii/mmcif_pdbx.dic 
# 
loop_
_database_2.database_id 
_database_2.database_code 
_database_2.pdbx_database_accession 
_database_2.pdbx_DOI 
PDB   7FCC         pdb_00007fcc 10.2210/pdb7fcc/pdb 
WWPDB D_1300023255 ?            ?                   
# 
_pdbx_database_status.status_code                     REL 
_pdbx_database_status.status_code_sf                  REL 
_pdbx_database_status.status_code_mr                  ? 
_pdbx_database_status.entry_id                        7FCC 
_pdbx_database_status.recvd_initial_deposition_date   2021-07-14 
_pdbx_database_status.SG_entry                        N 
_pdbx_database_status.deposit_site                    PDBJ 
_pdbx_database_status.process_site                    PDBJ 
_pdbx_database_status.status_code_cs                  ? 
_pdbx_database_status.status_code_nmr_data            ? 
_pdbx_database_status.methods_development_category    ? 
_pdbx_database_status.pdb_format_compatible           Y 
# 
loop_
_audit_author.name 
_audit_author.pdbx_ordinal 
_audit_author.identifier_ORCID 
'Wang, X.' 1 ? 
'Zhou, J.' 2 ? 
# 
_citation.abstract                  ? 
_citation.abstract_id_CAS           ? 
_citation.book_id_ISBN              ? 
_citation.book_publisher            ? 
_citation.book_publisher_city       ? 
_citation.book_title                ? 
_citation.coordinate_linkage        ? 
_citation.country                   US 
_citation.database_id_Medline       ? 
_citation.details                   ? 
_citation.id                        primary 
_citation.journal_abbrev            Iscience 
_citation.journal_id_ASTM           ? 
_citation.journal_id_CSD            ? 
_citation.journal_id_ISSN           2589-0042 
_citation.journal_full              ? 
_citation.journal_issue             ? 
_citation.journal_volume            25 
_citation.language                  ? 
_citation.page_first                104508 
_citation.page_last                 ? 
_citation.title                     'Structural basis of the IL-1 receptor TIR domain-mediated IL-1 signaling' 
_citation.year                      2022 
_citation.database_id_CSD           ? 
_citation.pdbx_database_id_DOI      10.1016/j.isci.2022.104508 
_citation.pdbx_database_id_PubMed   ? 
_citation.pdbx_database_id_patent   ? 
_citation.unpublished_flag          ? 
# 
loop_
_citation_author.citation_id 
_citation_author.name 
_citation_author.ordinal 
_citation_author.identifier_ORCID 
primary 'Zhou, J.' 1 ? 
primary 'Xiao, Y.' 2 ? 
primary 'Ren, Y.'  3 ? 
primary 'Ge, J.'   4 ? 
primary 'Wang, X.' 5 ? 
# 
_cell.angle_alpha                  90.000 
_cell.angle_alpha_esd              ? 
_cell.angle_beta                   90.000 
_cell.angle_beta_esd               ? 
_cell.angle_gamma                  90.000 
_cell.angle_gamma_esd              ? 
_cell.entry_id                     7FCC 
_cell.details                      ? 
_cell.formula_units_Z              ? 
_cell.length_a                     34.632 
_cell.length_a_esd                 ? 
_cell.length_b                     51.170 
_cell.length_b_esd                 ? 
_cell.length_c                     78.484 
_cell.length_c_esd                 ? 
_cell.volume                       ? 
_cell.volume_esd                   ? 
_cell.Z_PDB                        4 
_cell.reciprocal_angle_alpha       ? 
_cell.reciprocal_angle_beta        ? 
_cell.reciprocal_angle_gamma       ? 
_cell.reciprocal_angle_alpha_esd   ? 
_cell.reciprocal_angle_beta_esd    ? 
_cell.reciprocal_angle_gamma_esd   ? 
_cell.reciprocal_length_a          ? 
_cell.reciprocal_length_b          ? 
_cell.reciprocal_length_c          ? 
_cell.reciprocal_length_a_esd      ? 
_cell.reciprocal_length_b_esd      ? 
_cell.reciprocal_length_c_esd      ? 
_cell.pdbx_unique_axis             ? 
# 
_symmetry.entry_id                         7FCC 
_symmetry.cell_setting                     ? 
_symmetry.Int_Tables_number                19 
_symmetry.space_group_name_Hall            ? 
_symmetry.space_group_name_H-M             'P 21 21 21' 
_symmetry.pdbx_full_space_group_name_H-M   ? 
# 
loop_
_entity.id 
_entity.type 
_entity.src_method 
_entity.pdbx_description 
_entity.formula_weight 
_entity.pdbx_number_of_molecules 
_entity.pdbx_ec 
_entity.pdbx_mutation 
_entity.pdbx_fragment 
_entity.details 
1 polymer man 'Isoform 4 of Interleukin-1 receptor accessory protein' 16827.463 1  3.2.2.6 ? ? ? 
2 water   nat water                                                   18.015    54 ?       ? ? ? 
# 
_entity_name_com.entity_id   1 
_entity_name_com.name        'IL-1 receptor accessory protein' 
# 
_entity_poly.entity_id                      1 
_entity_poly.type                           'polypeptide(L)' 
_entity_poly.nstd_linkage                   no 
_entity_poly.nstd_monomer                   no 
_entity_poly.pdbx_seq_one_letter_code       
;KEYDIYVSYARNAEEEEFVLLTLRGVLENEFGYKLCIFDRDSLPGGNTVEAVFDFIQRSRRMIVVLSPDYVTEKSISMLE
FKLGVMCQNSIATKLIVVEYRPLEHPHPGILQLKESVSFVSWKGEKSKHSGSKFWKALRLALPLRS
;
_entity_poly.pdbx_seq_one_letter_code_can   
;KEYDIYVSYARNAEEEEFVLLTLRGVLENEFGYKLCIFDRDSLPGGNTVEAVFDFIQRSRRMIVVLSPDYVTEKSISMLE
FKLGVMCQNSIATKLIVVEYRPLEHPHPGILQLKESVSFVSWKGEKSKHSGSKFWKALRLALPLRS
;
_entity_poly.pdbx_strand_id                 A 
_entity_poly.pdbx_target_identifier         ? 
# 
loop_
_entity_poly_seq.entity_id 
_entity_poly_seq.num 
_entity_poly_seq.mon_id 
_entity_poly_seq.hetero 
1 1   LYS n 
1 2   GLU n 
1 3   TYR n 
1 4   ASP n 
1 5   ILE n 
1 6   TYR n 
1 7   VAL n 
1 8   SER n 
1 9   TYR n 
1 10  ALA n 
1 11  ARG n 
1 12  ASN n 
1 13  ALA n 
1 14  GLU n 
1 15  GLU n 
1 16  GLU n 
1 17  GLU n 
1 18  PHE n 
1 19  VAL n 
1 20  LEU n 
1 21  LEU n 
1 22  THR n 
1 23  LEU n 
1 24  ARG n 
1 25  GLY n 
1 26  VAL n 
1 27  LEU n 
1 28  GLU n 
1 29  ASN n 
1 30  GLU n 
1 31  PHE n 
1 32  GLY n 
1 33  TYR n 
1 34  LYS n 
1 35  LEU n 
1 36  CYS n 
1 37  ILE n 
1 38  PHE n 
1 39  ASP n 
1 40  ARG n 
1 41  ASP n 
1 42  SER n 
1 43  LEU n 
1 44  PRO n 
1 45  GLY n 
1 46  GLY n 
1 47  ASN n 
1 48  THR n 
1 49  VAL n 
1 50  GLU n 
1 51  ALA n 
1 52  VAL n 
1 53  PHE n 
1 54  ASP n 
1 55  PHE n 
1 56  ILE n 
1 57  GLN n 
1 58  ARG n 
1 59  SER n 
1 60  ARG n 
1 61  ARG n 
1 62  MET n 
1 63  ILE n 
1 64  VAL n 
1 65  VAL n 
1 66  LEU n 
1 67  SER n 
1 68  PRO n 
1 69  ASP n 
1 70  TYR n 
1 71  VAL n 
1 72  THR n 
1 73  GLU n 
1 74  LYS n 
1 75  SER n 
1 76  ILE n 
1 77  SER n 
1 78  MET n 
1 79  LEU n 
1 80  GLU n 
1 81  PHE n 
1 82  LYS n 
1 83  LEU n 
1 84  GLY n 
1 85  VAL n 
1 86  MET n 
1 87  CYS n 
1 88  GLN n 
1 89  ASN n 
1 90  SER n 
1 91  ILE n 
1 92  ALA n 
1 93  THR n 
1 94  LYS n 
1 95  LEU n 
1 96  ILE n 
1 97  VAL n 
1 98  VAL n 
1 99  GLU n 
1 100 TYR n 
1 101 ARG n 
1 102 PRO n 
1 103 LEU n 
1 104 GLU n 
1 105 HIS n 
1 106 PRO n 
1 107 HIS n 
1 108 PRO n 
1 109 GLY n 
1 110 ILE n 
1 111 LEU n 
1 112 GLN n 
1 113 LEU n 
1 114 LYS n 
1 115 GLU n 
1 116 SER n 
1 117 VAL n 
1 118 SER n 
1 119 PHE n 
1 120 VAL n 
1 121 SER n 
1 122 TRP n 
1 123 LYS n 
1 124 GLY n 
1 125 GLU n 
1 126 LYS n 
1 127 SER n 
1 128 LYS n 
1 129 HIS n 
1 130 SER n 
1 131 GLY n 
1 132 SER n 
1 133 LYS n 
1 134 PHE n 
1 135 TRP n 
1 136 LYS n 
1 137 ALA n 
1 138 LEU n 
1 139 ARG n 
1 140 LEU n 
1 141 ALA n 
1 142 LEU n 
1 143 PRO n 
1 144 LEU n 
1 145 ARG n 
1 146 SER n 
# 
_entity_src_gen.entity_id                          1 
_entity_src_gen.pdbx_src_id                        1 
_entity_src_gen.pdbx_alt_source_flag               sample 
_entity_src_gen.pdbx_seq_type                      'Biological sequence' 
_entity_src_gen.pdbx_beg_seq_num                   1 
_entity_src_gen.pdbx_end_seq_num                   146 
_entity_src_gen.gene_src_common_name               Human 
_entity_src_gen.gene_src_genus                     ? 
_entity_src_gen.pdbx_gene_src_gene                 'IL1RAP, C3orf13, IL1R3' 
_entity_src_gen.gene_src_species                   ? 
_entity_src_gen.gene_src_strain                    ? 
_entity_src_gen.gene_src_tissue                    ? 
_entity_src_gen.gene_src_tissue_fraction           ? 
_entity_src_gen.gene_src_details                   ? 
_entity_src_gen.pdbx_gene_src_fragment             ? 
_entity_src_gen.pdbx_gene_src_scientific_name      'Homo sapiens' 
_entity_src_gen.pdbx_gene_src_ncbi_taxonomy_id     9606 
_entity_src_gen.pdbx_gene_src_variant              ? 
_entity_src_gen.pdbx_gene_src_cell_line            ? 
_entity_src_gen.pdbx_gene_src_atcc                 ? 
_entity_src_gen.pdbx_gene_src_organ                ? 
_entity_src_gen.pdbx_gene_src_organelle            ? 
_entity_src_gen.pdbx_gene_src_cell                 ? 
_entity_src_gen.pdbx_gene_src_cellular_location    ? 
_entity_src_gen.host_org_common_name               ? 
_entity_src_gen.pdbx_host_org_scientific_name      'Escherichia coli BL21(DE3)' 
_entity_src_gen.pdbx_host_org_ncbi_taxonomy_id     469008 
_entity_src_gen.host_org_genus                     ? 
_entity_src_gen.pdbx_host_org_gene                 ? 
_entity_src_gen.pdbx_host_org_organ                ? 
_entity_src_gen.host_org_species                   ? 
_entity_src_gen.pdbx_host_org_tissue               ? 
_entity_src_gen.pdbx_host_org_tissue_fraction      ? 
_entity_src_gen.pdbx_host_org_strain               'BL21(DE3)' 
_entity_src_gen.pdbx_host_org_variant              ? 
_entity_src_gen.pdbx_host_org_cell_line            ? 
_entity_src_gen.pdbx_host_org_atcc                 ? 
_entity_src_gen.pdbx_host_org_culture_collection   ? 
_entity_src_gen.pdbx_host_org_cell                 ? 
_entity_src_gen.pdbx_host_org_organelle            ? 
_entity_src_gen.pdbx_host_org_cellular_location    ? 
_entity_src_gen.pdbx_host_org_vector_type          ? 
_entity_src_gen.pdbx_host_org_vector               ? 
_entity_src_gen.host_org_details                   ? 
_entity_src_gen.expression_system_id               ? 
_entity_src_gen.plasmid_name                       ? 
_entity_src_gen.plasmid_details                    ? 
_entity_src_gen.pdbx_description                   ? 
# 
_struct_ref.id                         1 
_struct_ref.db_name                    UNP 
_struct_ref.db_code                    IL1AP_HUMAN 
_struct_ref.pdbx_db_accession          Q9NPH3 
_struct_ref.pdbx_db_isoform            Q9NPH3-5 
_struct_ref.entity_id                  1 
_struct_ref.pdbx_seq_one_letter_code   
;KEYDIYVSYARNAEEEEFVLLTLRGVLENEFGYKLCIFDRDSLPGGNTVEAVFDFIQRSRRMIVVLSPDYVTEKSISMLE
FKLGVMCQNSIATKLIVVEYRPLEHPHPGILQLKESVSFVSWKGEKSKHSGSKFWKALRLALPLRS
;
_struct_ref.pdbx_align_begin           403 
# 
_struct_ref_seq.align_id                      1 
_struct_ref_seq.ref_id                        1 
_struct_ref_seq.pdbx_PDB_id_code              7FCC 
_struct_ref_seq.pdbx_strand_id                A 
_struct_ref_seq.seq_align_beg                 1 
_struct_ref_seq.pdbx_seq_align_beg_ins_code   ? 
_struct_ref_seq.seq_align_end                 146 
_struct_ref_seq.pdbx_seq_align_end_ins_code   ? 
_struct_ref_seq.pdbx_db_accession             Q9NPH3 
_struct_ref_seq.db_align_beg                  403 
_struct_ref_seq.pdbx_db_align_beg_ins_code    ? 
_struct_ref_seq.db_align_end                  548 
_struct_ref_seq.pdbx_db_align_end_ins_code    ? 
_struct_ref_seq.pdbx_auth_seq_align_beg       403 
_struct_ref_seq.pdbx_auth_seq_align_end       548 
# 
loop_
_chem_comp.id 
_chem_comp.type 
_chem_comp.mon_nstd_flag 
_chem_comp.name 
_chem_comp.pdbx_synonyms 
_chem_comp.formula 
_chem_comp.formula_weight 
ALA 'L-peptide linking' y ALANINE         ? 'C3 H7 N O2'     89.093  
ARG 'L-peptide linking' y ARGININE        ? 'C6 H15 N4 O2 1' 175.209 
ASN 'L-peptide linking' y ASPARAGINE      ? 'C4 H8 N2 O3'    132.118 
ASP 'L-peptide linking' y 'ASPARTIC ACID' ? 'C4 H7 N O4'     133.103 
CYS 'L-peptide linking' y CYSTEINE        ? 'C3 H7 N O2 S'   121.158 
GLN 'L-peptide linking' y GLUTAMINE       ? 'C5 H10 N2 O3'   146.144 
GLU 'L-peptide linking' y 'GLUTAMIC ACID' ? 'C5 H9 N O4'     147.129 
GLY 'peptide linking'   y GLYCINE         ? 'C2 H5 N O2'     75.067  
HIS 'L-peptide linking' y HISTIDINE       ? 'C6 H10 N3 O2 1' 156.162 
HOH non-polymer         . WATER           ? 'H2 O'           18.015  
ILE 'L-peptide linking' y ISOLEUCINE      ? 'C6 H13 N O2'    131.173 
LEU 'L-peptide linking' y LEUCINE         ? 'C6 H13 N O2'    131.173 
LYS 'L-peptide linking' y LYSINE          ? 'C6 H15 N2 O2 1' 147.195 
MET 'L-peptide linking' y METHIONINE      ? 'C5 H11 N O2 S'  149.211 
PHE 'L-peptide linking' y PHENYLALANINE   ? 'C9 H11 N O2'    165.189 
PRO 'L-peptide linking' y PROLINE         ? 'C5 H9 N O2'     115.130 
SER 'L-peptide linking' y SERINE          ? 'C3 H7 N O3'     105.093 
THR 'L-peptide linking' y THREONINE       ? 'C4 H9 N O3'     119.119 
TRP 'L-peptide linking' y TRYPTOPHAN      ? 'C11 H12 N2 O2'  204.225 
TYR 'L-peptide linking' y TYROSINE        ? 'C9 H11 N O3'    181.189 
VAL 'L-peptide linking' y VALINE          ? 'C5 H11 N O2'    117.146 
# 
_exptl.absorpt_coefficient_mu     ? 
_exptl.absorpt_correction_T_max   ? 
_exptl.absorpt_correction_T_min   ? 
_exptl.absorpt_correction_type    ? 
_exptl.absorpt_process_details    ? 
_exptl.entry_id                   7FCC 
_exptl.crystals_number            1 
_exptl.details                    ? 
_exptl.method                     'X-RAY DIFFRACTION' 
_exptl.method_details             ? 
# 
_exptl_crystal.colour                      ? 
_exptl_crystal.density_diffrn              ? 
_exptl_crystal.density_Matthews            2.07 
_exptl_crystal.density_method              ? 
_exptl_crystal.density_percent_sol         40.47 
_exptl_crystal.description                 ? 
_exptl_crystal.F_000                       ? 
_exptl_crystal.id                          1 
_exptl_crystal.preparation                 ? 
_exptl_crystal.size_max                    ? 
_exptl_crystal.size_mid                    ? 
_exptl_crystal.size_min                    ? 
_exptl_crystal.size_rad                    ? 
_exptl_crystal.colour_lustre               ? 
_exptl_crystal.colour_modifier             ? 
_exptl_crystal.colour_primary              ? 
_exptl_crystal.density_meas                ? 
_exptl_crystal.density_meas_esd            ? 
_exptl_crystal.density_meas_gt             ? 
_exptl_crystal.density_meas_lt             ? 
_exptl_crystal.density_meas_temp           ? 
_exptl_crystal.density_meas_temp_esd       ? 
_exptl_crystal.density_meas_temp_gt        ? 
_exptl_crystal.density_meas_temp_lt        ? 
_exptl_crystal.pdbx_crystal_image_url      ? 
_exptl_crystal.pdbx_crystal_image_format   ? 
_exptl_crystal.pdbx_mosaicity              ? 
_exptl_crystal.pdbx_mosaicity_esd          ? 
# 
_exptl_crystal_grow.apparatus       ? 
_exptl_crystal_grow.atmosphere      ? 
_exptl_crystal_grow.crystal_id      1 
_exptl_crystal_grow.details         ? 
_exptl_crystal_grow.method          'VAPOR DIFFUSION, SITTING DROP' 
_exptl_crystal_grow.method_ref      ? 
_exptl_crystal_grow.pH              ? 
_exptl_crystal_grow.pressure        ? 
_exptl_crystal_grow.pressure_esd    ? 
_exptl_crystal_grow.seeding         ? 
_exptl_crystal_grow.seeding_ref     ? 
_exptl_crystal_grow.temp            291 
_exptl_crystal_grow.temp_details    ? 
_exptl_crystal_grow.temp_esd        ? 
_exptl_crystal_grow.time            ? 
_exptl_crystal_grow.pdbx_details    '0.1 M sodium citrate, pH 5.6, 20%w/v PEG4000, 20% v/v 2-propanol' 
_exptl_crystal_grow.pdbx_pH_range   ? 
# 
_diffrn.ambient_environment              ? 
_diffrn.ambient_temp                     100 
_diffrn.ambient_temp_details             ? 
_diffrn.ambient_temp_esd                 ? 
_diffrn.crystal_id                       1 
_diffrn.crystal_support                  ? 
_diffrn.crystal_treatment                ? 
_diffrn.details                          ? 
_diffrn.id                               1 
_diffrn.ambient_pressure                 ? 
_diffrn.ambient_pressure_esd             ? 
_diffrn.ambient_pressure_gt              ? 
_diffrn.ambient_pressure_lt              ? 
_diffrn.ambient_temp_gt                  ? 
_diffrn.ambient_temp_lt                  ? 
_diffrn.pdbx_serial_crystal_experiment   N 
# 
_diffrn_detector.details                      ? 
_diffrn_detector.detector                     PIXEL 
_diffrn_detector.diffrn_id                    1 
_diffrn_detector.type                         'DECTRIS EIGER2 X 16M' 
_diffrn_detector.area_resol_mean              ? 
_diffrn_detector.dtime                        ? 
_diffrn_detector.pdbx_frames_total            ? 
_diffrn_detector.pdbx_collection_time_total   ? 
_diffrn_detector.pdbx_collection_date         2019-10-24 
_diffrn_detector.pdbx_frequency               ? 
# 
_diffrn_radiation.collimation                      ? 
_diffrn_radiation.diffrn_id                        1 
_diffrn_radiation.filter_edge                      ? 
_diffrn_radiation.inhomogeneity                    ? 
_diffrn_radiation.monochromator                    ? 
_diffrn_radiation.polarisn_norm                    ? 
_diffrn_radiation.polarisn_ratio                   ? 
_diffrn_radiation.probe                            ? 
_diffrn_radiation.type                             ? 
_diffrn_radiation.xray_symbol                      ? 
_diffrn_radiation.wavelength_id                    1 
_diffrn_radiation.pdbx_monochromatic_or_laue_m_l   M 
_diffrn_radiation.pdbx_wavelength_list             ? 
_diffrn_radiation.pdbx_wavelength                  ? 
_diffrn_radiation.pdbx_diffrn_protocol             'SINGLE WAVELENGTH' 
_diffrn_radiation.pdbx_analyzer                    ? 
_diffrn_radiation.pdbx_scattering_type             x-ray 
# 
_diffrn_radiation_wavelength.id           1 
_diffrn_radiation_wavelength.wavelength   0.9796 
_diffrn_radiation_wavelength.wt           1.0 
# 
_diffrn_source.current                     ? 
_diffrn_source.details                     ? 
_diffrn_source.diffrn_id                   1 
_diffrn_source.power                       ? 
_diffrn_source.size                        ? 
_diffrn_source.source                      SYNCHROTRON 
_diffrn_source.target                      ? 
_diffrn_source.type                        'SSRF BEAMLINE BL17U1' 
_diffrn_source.voltage                     ? 
_diffrn_source.take-off_angle              ? 
_diffrn_source.pdbx_wavelength_list        0.9796 
_diffrn_source.pdbx_wavelength             ? 
_diffrn_source.pdbx_synchrotron_beamline   BL17U1 
_diffrn_source.pdbx_synchrotron_site       SSRF 
# 
_reflns.B_iso_Wilson_estimate                          ? 
_reflns.entry_id                                       7FCC 
_reflns.data_reduction_details                         ? 
_reflns.data_reduction_method                          ? 
_reflns.d_resolution_high                              2.144 
_reflns.d_resolution_low                               42.8640 
_reflns.details                                        ? 
_reflns.limit_h_max                                    ? 
_reflns.limit_h_min                                    ? 
_reflns.limit_k_max                                    ? 
_reflns.limit_k_min                                    ? 
_reflns.limit_l_max                                    ? 
_reflns.limit_l_min                                    ? 
_reflns.number_all                                     ? 
_reflns.number_obs                                     7875 
_reflns.observed_criterion                             ? 
_reflns.observed_criterion_F_max                       ? 
_reflns.observed_criterion_F_min                       ? 
_reflns.observed_criterion_I_max                       ? 
_reflns.observed_criterion_I_min                       ? 
_reflns.observed_criterion_sigma_F                     ? 
_reflns.observed_criterion_sigma_I                     ? 
_reflns.percent_possible_obs                           97.25 
_reflns.R_free_details                                 ? 
_reflns.Rmerge_F_all                                   ? 
_reflns.Rmerge_F_obs                                   ? 
_reflns.Friedel_coverage                               ? 
_reflns.number_gt                                      ? 
_reflns.threshold_expression                           ? 
_reflns.pdbx_redundancy                                10.3 
_reflns.pdbx_Rmerge_I_obs                              0.126 
_reflns.pdbx_Rmerge_I_all                              ? 
_reflns.pdbx_Rsym_value                                ? 
_reflns.pdbx_netI_over_av_sigmaI                       ? 
_reflns.pdbx_netI_over_sigmaI                          13.4 
_reflns.pdbx_res_netI_over_av_sigmaI_2                 ? 
_reflns.pdbx_res_netI_over_sigmaI_2                    ? 
_reflns.pdbx_chi_squared                               ? 
_reflns.pdbx_scaling_rejects                           ? 
_reflns.pdbx_d_res_high_opt                            ? 
_reflns.pdbx_d_res_low_opt                             ? 
_reflns.pdbx_d_res_opt_method                          ? 
_reflns.phase_calculation_details                      ? 
_reflns.pdbx_Rrim_I_all                                ? 
_reflns.pdbx_Rpim_I_all                                ? 
_reflns.pdbx_d_opt                                     ? 
_reflns.pdbx_number_measured_all                       ? 
_reflns.pdbx_diffrn_id                                 1 
_reflns.pdbx_ordinal                                   1 
_reflns.pdbx_CC_half                                   ? 
_reflns.pdbx_CC_star                                   ? 
_reflns.pdbx_R_split                                   ? 
_reflns.pdbx_aniso_diffraction_limit_axis_1_ortho[1]   ? 
_reflns.pdbx_aniso_diffraction_limit_axis_1_ortho[2]   ? 
_reflns.pdbx_aniso_diffraction_limit_axis_1_ortho[3]   ? 
_reflns.pdbx_aniso_diffraction_limit_axis_2_ortho[1]   ? 
_reflns.pdbx_aniso_diffraction_limit_axis_2_ortho[2]   ? 
_reflns.pdbx_aniso_diffraction_limit_axis_2_ortho[3]   ? 
_reflns.pdbx_aniso_diffraction_limit_axis_3_ortho[1]   ? 
_reflns.pdbx_aniso_diffraction_limit_axis_3_ortho[2]   ? 
_reflns.pdbx_aniso_diffraction_limit_axis_3_ortho[3]   ? 
_reflns.pdbx_aniso_diffraction_limit_1                 ? 
_reflns.pdbx_aniso_diffraction_limit_2                 ? 
_reflns.pdbx_aniso_diffraction_limit_3                 ? 
_reflns.pdbx_aniso_B_tensor_eigenvector_1_ortho[1]     ? 
_reflns.pdbx_aniso_B_tensor_eigenvector_1_ortho[2]     ? 
_reflns.pdbx_aniso_B_tensor_eigenvector_1_ortho[3]     ? 
_reflns.pdbx_aniso_B_tensor_eigenvector_2_ortho[1]     ? 
_reflns.pdbx_aniso_B_tensor_eigenvector_2_ortho[2]     ? 
_reflns.pdbx_aniso_B_tensor_eigenvector_2_ortho[3]     ? 
_reflns.pdbx_aniso_B_tensor_eigenvector_3_ortho[1]     ? 
_reflns.pdbx_aniso_B_tensor_eigenvector_3_ortho[2]     ? 
_reflns.pdbx_aniso_B_tensor_eigenvector_3_ortho[3]     ? 
_reflns.pdbx_aniso_B_tensor_eigenvalue_1               ? 
_reflns.pdbx_aniso_B_tensor_eigenvalue_2               ? 
_reflns.pdbx_aniso_B_tensor_eigenvalue_3               ? 
_reflns.pdbx_orthogonalization_convention              ? 
_reflns.pdbx_percent_possible_ellipsoidal              ? 
_reflns.pdbx_percent_possible_spherical                ? 
_reflns.pdbx_percent_possible_ellipsoidal_anomalous    ? 
_reflns.pdbx_percent_possible_spherical_anomalous      ? 
_reflns.pdbx_redundancy_anomalous                      ? 
_reflns.pdbx_CC_half_anomalous                         ? 
_reflns.pdbx_absDiff_over_sigma_anomalous              ? 
_reflns.pdbx_percent_possible_anomalous                ? 
_reflns.pdbx_observed_signal_threshold                 ? 
_reflns.pdbx_signal_type                               ? 
_reflns.pdbx_signal_details                            ? 
_reflns.pdbx_signal_software_id                        ? 
# 
_reflns_shell.d_res_high                                    2.144 
_reflns_shell.d_res_low                                     2.221 
_reflns_shell.meanI_over_sigI_all                           ? 
_reflns_shell.meanI_over_sigI_obs                           ? 
_reflns_shell.number_measured_all                           ? 
_reflns_shell.number_measured_obs                           ? 
_reflns_shell.number_possible                               ? 
_reflns_shell.number_unique_all                             ? 
_reflns_shell.number_unique_obs                             663 
_reflns_shell.percent_possible_all                          ? 
_reflns_shell.percent_possible_obs                          ? 
_reflns_shell.Rmerge_F_all                                  ? 
_reflns_shell.Rmerge_F_obs                                  ? 
_reflns_shell.Rmerge_I_all                                  ? 
_reflns_shell.Rmerge_I_obs                                  0.757 
_reflns_shell.meanI_over_sigI_gt                            ? 
_reflns_shell.meanI_over_uI_all                             ? 
_reflns_shell.meanI_over_uI_gt                              ? 
_reflns_shell.number_measured_gt                            ? 
_reflns_shell.number_unique_gt                              ? 
_reflns_shell.percent_possible_gt                           ? 
_reflns_shell.Rmerge_F_gt                                   ? 
_reflns_shell.Rmerge_I_gt                                   ? 
_reflns_shell.pdbx_redundancy                               ? 
_reflns_shell.pdbx_Rsym_value                               ? 
_reflns_shell.pdbx_chi_squared                              ? 
_reflns_shell.pdbx_netI_over_sigmaI_all                     ? 
_reflns_shell.pdbx_netI_over_sigmaI_obs                     ? 
_reflns_shell.pdbx_Rrim_I_all                               ? 
_reflns_shell.pdbx_Rpim_I_all                               ? 
_reflns_shell.pdbx_rejects                                  ? 
_reflns_shell.pdbx_ordinal                                  1 
_reflns_shell.pdbx_diffrn_id                                1 
_reflns_shell.pdbx_CC_half                                  ? 
_reflns_shell.pdbx_CC_star                                  ? 
_reflns_shell.pdbx_R_split                                  ? 
_reflns_shell.pdbx_percent_possible_ellipsoidal             ? 
_reflns_shell.pdbx_percent_possible_spherical               ? 
_reflns_shell.pdbx_percent_possible_ellipsoidal_anomalous   ? 
_reflns_shell.pdbx_percent_possible_spherical_anomalous     ? 
_reflns_shell.pdbx_redundancy_anomalous                     ? 
_reflns_shell.pdbx_CC_half_anomalous                        ? 
_reflns_shell.pdbx_absDiff_over_sigma_anomalous             ? 
_reflns_shell.pdbx_percent_possible_anomalous               ? 
# 
_refine.aniso_B[1][1]                            ? 
_refine.aniso_B[1][2]                            ? 
_refine.aniso_B[1][3]                            ? 
_refine.aniso_B[2][2]                            ? 
_refine.aniso_B[2][3]                            ? 
_refine.aniso_B[3][3]                            ? 
_refine.B_iso_max                                84.480 
_refine.B_iso_mean                               34.5647 
_refine.B_iso_min                                20.490 
_refine.correlation_coeff_Fo_to_Fc               ? 
_refine.correlation_coeff_Fo_to_Fc_free          ? 
_refine.details                                  ? 
_refine.diff_density_max                         ? 
_refine.diff_density_max_esd                     ? 
_refine.diff_density_min                         ? 
_refine.diff_density_min_esd                     ? 
_refine.diff_density_rms                         ? 
_refine.diff_density_rms_esd                     ? 
_refine.entry_id                                 7FCC 
_refine.pdbx_refine_id                           'X-RAY DIFFRACTION' 
_refine.ls_abs_structure_details                 ? 
_refine.ls_abs_structure_Flack                   ? 
_refine.ls_abs_structure_Flack_esd               ? 
_refine.ls_abs_structure_Rogers                  ? 
_refine.ls_abs_structure_Rogers_esd              ? 
_refine.ls_d_res_high                            2.1440 
_refine.ls_d_res_low                             42.8640 
_refine.ls_extinction_coef                       ? 
_refine.ls_extinction_coef_esd                   ? 
_refine.ls_extinction_expression                 ? 
_refine.ls_extinction_method                     ? 
_refine.ls_goodness_of_fit_all                   ? 
_refine.ls_goodness_of_fit_all_esd               ? 
_refine.ls_goodness_of_fit_obs                   ? 
_refine.ls_goodness_of_fit_obs_esd               ? 
_refine.ls_hydrogen_treatment                    ? 
_refine.ls_matrix_type                           ? 
_refine.ls_number_constraints                    ? 
_refine.ls_number_parameters                     ? 
_refine.ls_number_reflns_all                     ? 
_refine.ls_number_reflns_obs                     7868 
_refine.ls_number_reflns_R_free                  419 
_refine.ls_number_reflns_R_work                  7449 
_refine.ls_number_restraints                     ? 
_refine.ls_percent_reflns_obs                    97.2000 
_refine.ls_percent_reflns_R_free                 5.3300 
_refine.ls_R_factor_all                          ? 
_refine.ls_R_factor_obs                          0.2023 
_refine.ls_R_factor_R_free                       0.2431 
_refine.ls_R_factor_R_free_error                 ? 
_refine.ls_R_factor_R_free_error_details         ? 
_refine.ls_R_factor_R_work                       0.1999 
_refine.ls_R_Fsqd_factor_obs                     ? 
_refine.ls_R_I_factor_obs                        ? 
_refine.ls_redundancy_reflns_all                 ? 
_refine.ls_redundancy_reflns_obs                 ? 
_refine.ls_restrained_S_all                      ? 
_refine.ls_restrained_S_obs                      ? 
_refine.ls_shift_over_esd_max                    ? 
_refine.ls_shift_over_esd_mean                   ? 
_refine.ls_structure_factor_coef                 ? 
_refine.ls_weighting_details                     ? 
_refine.ls_weighting_scheme                      ? 
_refine.ls_wR_factor_all                         ? 
_refine.ls_wR_factor_obs                         ? 
_refine.ls_wR_factor_R_free                      ? 
_refine.ls_wR_factor_R_work                      ? 
_refine.occupancy_max                            ? 
_refine.occupancy_min                            ? 
_refine.solvent_model_details                    'FLAT BULK SOLVENT MODEL' 
_refine.solvent_model_param_bsol                 ? 
_refine.solvent_model_param_ksol                 ? 
_refine.pdbx_R_complete                          ? 
_refine.ls_R_factor_gt                           ? 
_refine.ls_goodness_of_fit_gt                    ? 
_refine.ls_goodness_of_fit_ref                   ? 
_refine.ls_shift_over_su_max                     ? 
_refine.ls_shift_over_su_max_lt                  ? 
_refine.ls_shift_over_su_mean                    ? 
_refine.ls_shift_over_su_mean_lt                 ? 
_refine.pdbx_ls_sigma_I                          ? 
_refine.pdbx_ls_sigma_F                          1.360 
_refine.pdbx_ls_sigma_Fsqd                       ? 
_refine.pdbx_data_cutoff_high_absF               ? 
_refine.pdbx_data_cutoff_high_rms_absF           ? 
_refine.pdbx_data_cutoff_low_absF                ? 
_refine.pdbx_isotropic_thermal_model             ? 
_refine.pdbx_ls_cross_valid_method               THROUGHOUT 
_refine.pdbx_method_to_determine_struct          'MOLECULAR REPLACEMENT' 
_refine.pdbx_starting_model                      1T3G 
_refine.pdbx_stereochemistry_target_values       ML 
_refine.pdbx_R_Free_selection_details            ? 
_refine.pdbx_stereochem_target_val_spec_case     ? 
_refine.pdbx_overall_ESU_R                       ? 
_refine.pdbx_overall_ESU_R_Free                  ? 
_refine.pdbx_solvent_vdw_probe_radii             1.1100 
_refine.pdbx_solvent_ion_probe_radii             ? 
_refine.pdbx_solvent_shrinkage_radii             0.9000 
_refine.pdbx_real_space_R                        ? 
_refine.pdbx_density_correlation                 ? 
_refine.pdbx_pd_number_of_powder_patterns        ? 
_refine.pdbx_pd_number_of_points                 ? 
_refine.pdbx_pd_meas_number_of_points            ? 
_refine.pdbx_pd_proc_ls_prof_R_factor            ? 
_refine.pdbx_pd_proc_ls_prof_wR_factor           ? 
_refine.pdbx_pd_Marquardt_correlation_coeff      ? 
_refine.pdbx_pd_Fsqrd_R_factor                   ? 
_refine.pdbx_pd_ls_matrix_band_width             ? 
_refine.pdbx_overall_phase_error                 29.1500 
_refine.pdbx_overall_SU_R_free_Cruickshank_DPI   ? 
_refine.pdbx_overall_SU_R_free_Blow_DPI          ? 
_refine.pdbx_overall_SU_R_Blow_DPI               ? 
_refine.pdbx_TLS_residual_ADP_flag               ? 
_refine.pdbx_diffrn_id                           1 
_refine.overall_SU_B                             ? 
_refine.overall_SU_ML                            0.2600 
_refine.overall_SU_R_Cruickshank_DPI             ? 
_refine.overall_SU_R_free                        ? 
_refine.overall_FOM_free_R_set                   ? 
_refine.overall_FOM_work_R_set                   ? 
_refine.pdbx_average_fsc_overall                 ? 
_refine.pdbx_average_fsc_work                    ? 
_refine.pdbx_average_fsc_free                    ? 
# 
_refine_hist.pdbx_refine_id                   'X-RAY DIFFRACTION' 
_refine_hist.cycle_id                         final 
_refine_hist.details                          ? 
_refine_hist.d_res_high                       2.1440 
_refine_hist.d_res_low                        42.8640 
_refine_hist.number_atoms_solvent             54 
_refine_hist.number_atoms_total               1238 
_refine_hist.number_reflns_all                ? 
_refine_hist.number_reflns_obs                ? 
_refine_hist.number_reflns_R_free             ? 
_refine_hist.number_reflns_R_work             ? 
_refine_hist.R_factor_all                     ? 
_refine_hist.R_factor_obs                     ? 
_refine_hist.R_factor_R_free                  ? 
_refine_hist.R_factor_R_work                  ? 
_refine_hist.pdbx_number_residues_total       146 
_refine_hist.pdbx_B_iso_mean_ligand           ? 
_refine_hist.pdbx_B_iso_mean_solvent          34.34 
_refine_hist.pdbx_number_atoms_protein        1184 
_refine_hist.pdbx_number_atoms_nucleic_acid   0 
_refine_hist.pdbx_number_atoms_ligand         0 
_refine_hist.pdbx_number_atoms_lipid          ? 
_refine_hist.pdbx_number_atoms_carb           ? 
_refine_hist.pdbx_pseudo_atom_details         ? 
# 
loop_
_refine_ls_shell.pdbx_refine_id 
_refine_ls_shell.d_res_high 
_refine_ls_shell.d_res_low 
_refine_ls_shell.number_reflns_all 
_refine_ls_shell.number_reflns_obs 
_refine_ls_shell.number_reflns_R_free 
_refine_ls_shell.number_reflns_R_work 
_refine_ls_shell.percent_reflns_obs 
_refine_ls_shell.percent_reflns_R_free 
_refine_ls_shell.R_factor_all 
_refine_ls_shell.R_factor_obs 
_refine_ls_shell.R_factor_R_free 
_refine_ls_shell.R_factor_R_free_error 
_refine_ls_shell.R_factor_R_work 
_refine_ls_shell.redundancy_reflns_all 
_refine_ls_shell.redundancy_reflns_obs 
_refine_ls_shell.wR_factor_all 
_refine_ls_shell.wR_factor_obs 
_refine_ls_shell.wR_factor_R_free 
_refine_ls_shell.wR_factor_R_work 
_refine_ls_shell.pdbx_R_complete 
_refine_ls_shell.pdbx_total_number_of_bins_used 
_refine_ls_shell.pdbx_phase_error 
_refine_ls_shell.pdbx_fsc_work 
_refine_ls_shell.pdbx_fsc_free 
'X-RAY DIFFRACTION' 2.1440 2.4538 . . 127 2296 92.0000  . . . 0.2751 0.0000 0.2176 . . . . . . . . . . . 
'X-RAY DIFFRACTION' 2.4538 3.0914 . . 136 2517 100.0000 . . . 0.2600 0.0000 0.2258 . . . . . . . . . . . 
'X-RAY DIFFRACTION' 3.0914 10.0   . . 156 2636 100.0000 . . . 0.2299 0.0000 0.1848 . . . . . . . . . . . 
# 
_struct.entry_id                     7FCC 
_struct.title                        'IL-1RAcPb TIR domain' 
_struct.pdbx_model_details           ? 
_struct.pdbx_formula_weight          ? 
_struct.pdbx_formula_weight_method   ? 
_struct.pdbx_model_type_details      ? 
_struct.pdbx_CASP_flag               N 
# 
_struct_keywords.entry_id        7FCC 
_struct_keywords.text            'IL-1RAcPb, TIR domain, receptor protein, IMMUNE SYSTEM' 
_struct_keywords.pdbx_keywords   'IMMUNE SYSTEM' 
# 
loop_
_struct_asym.id 
_struct_asym.pdbx_blank_PDB_chainid_flag 
_struct_asym.pdbx_modified 
_struct_asym.entity_id 
_struct_asym.details 
A N N 1 ? 
B N N 2 ? 
# 
loop_
_struct_conf.conf_type_id 
_struct_conf.id 
_struct_conf.pdbx_PDB_helix_id 
_struct_conf.beg_label_comp_id 
_struct_conf.beg_label_asym_id 
_struct_conf.beg_label_seq_id 
_struct_conf.pdbx_beg_PDB_ins_code 
_struct_conf.end_label_comp_id 
_struct_conf.end_label_asym_id 
_struct_conf.end_label_seq_id 
_struct_conf.pdbx_end_PDB_ins_code 
_struct_conf.beg_auth_comp_id 
_struct_conf.beg_auth_asym_id 
_struct_conf.beg_auth_seq_id 
_struct_conf.end_auth_comp_id 
_struct_conf.end_auth_asym_id 
_struct_conf.end_auth_seq_id 
_struct_conf.pdbx_PDB_helix_class 
_struct_conf.details 
_struct_conf.pdbx_PDB_helix_length 
HELX_P HELX_P1 AA1 ASN A 12  ? LEU A 21  ? ASN A 414 LEU A 423 1 ? 10 
HELX_P HELX_P2 AA2 LEU A 21  ? GLU A 30  ? LEU A 423 GLU A 432 1 ? 10 
HELX_P HELX_P3 AA3 ILE A 37  ? SER A 42  ? ILE A 439 SER A 444 1 ? 6  
HELX_P HELX_P4 AA4 ASN A 47  ? ARG A 58  ? ASN A 449 ARG A 460 1 ? 12 
HELX_P HELX_P5 AA5 SER A 75  ? ALA A 92  ? SER A 477 ALA A 494 1 ? 18 
HELX_P HELX_P6 AA6 HIS A 107 ? LEU A 113 ? HIS A 509 LEU A 515 5 ? 7  
HELX_P HELX_P7 AA7 GLY A 124 ? HIS A 129 ? GLY A 526 HIS A 531 1 ? 6  
HELX_P HELX_P8 AA8 SER A 132 ? LEU A 142 ? SER A 534 LEU A 544 1 ? 11 
# 
_struct_conf_type.id          HELX_P 
_struct_conf_type.criteria    ? 
_struct_conf_type.reference   ? 
# 
_struct_sheet.id               AA1 
_struct_sheet.type             ? 
_struct_sheet.number_strands   5 
_struct_sheet.details          ? 
# 
loop_
_struct_sheet_order.sheet_id 
_struct_sheet_order.range_id_1 
_struct_sheet_order.range_id_2 
_struct_sheet_order.offset 
_struct_sheet_order.sense 
AA1 1 2 ? parallel 
AA1 2 3 ? parallel 
AA1 3 4 ? parallel 
AA1 4 5 ? parallel 
# 
loop_
_struct_sheet_range.sheet_id 
_struct_sheet_range.id 
_struct_sheet_range.beg_label_comp_id 
_struct_sheet_range.beg_label_asym_id 
_struct_sheet_range.beg_label_seq_id 
_struct_sheet_range.pdbx_beg_PDB_ins_code 
_struct_sheet_range.end_label_comp_id 
_struct_sheet_range.end_label_asym_id 
_struct_sheet_range.end_label_seq_id 
_struct_sheet_range.pdbx_end_PDB_ins_code 
_struct_sheet_range.beg_auth_comp_id 
_struct_sheet_range.beg_auth_asym_id 
_struct_sheet_range.beg_auth_seq_id 
_struct_sheet_range.end_auth_comp_id 
_struct_sheet_range.end_auth_asym_id 
_struct_sheet_range.end_auth_seq_id 
AA1 1 LEU A 35  ? CYS A 36  ? LEU A 437 CYS A 438 
AA1 2 TYR A 3   ? SER A 8   ? TYR A 405 SER A 410 
AA1 3 SER A 59  ? LEU A 66  ? SER A 461 LEU A 468 
AA1 4 LYS A 94  ? GLU A 99  ? LYS A 496 GLU A 501 
AA1 5 SER A 118 ? SER A 121 ? SER A 520 SER A 523 
# 
loop_
_pdbx_struct_sheet_hbond.sheet_id 
_pdbx_struct_sheet_hbond.range_id_1 
_pdbx_struct_sheet_hbond.range_id_2 
_pdbx_struct_sheet_hbond.range_1_label_atom_id 
_pdbx_struct_sheet_hbond.range_1_label_comp_id 
_pdbx_struct_sheet_hbond.range_1_label_asym_id 
_pdbx_struct_sheet_hbond.range_1_label_seq_id 
_pdbx_struct_sheet_hbond.range_1_PDB_ins_code 
_pdbx_struct_sheet_hbond.range_1_auth_atom_id 
_pdbx_struct_sheet_hbond.range_1_auth_comp_id 
_pdbx_struct_sheet_hbond.range_1_auth_asym_id 
_pdbx_struct_sheet_hbond.range_1_auth_seq_id 
_pdbx_struct_sheet_hbond.range_2_label_atom_id 
_pdbx_struct_sheet_hbond.range_2_label_comp_id 
_pdbx_struct_sheet_hbond.range_2_label_asym_id 
_pdbx_struct_sheet_hbond.range_2_label_seq_id 
_pdbx_struct_sheet_hbond.range_2_PDB_ins_code 
_pdbx_struct_sheet_hbond.range_2_auth_atom_id 
_pdbx_struct_sheet_hbond.range_2_auth_comp_id 
_pdbx_struct_sheet_hbond.range_2_auth_asym_id 
_pdbx_struct_sheet_hbond.range_2_auth_seq_id 
AA1 1 2 O CYS A 36 ? O CYS A 438 N ILE A 5   ? N ILE A 407 
AA1 2 3 N SER A 8  ? N SER A 410 O ILE A 63  ? O ILE A 465 
AA1 3 4 N VAL A 64 ? N VAL A 466 O ILE A 96  ? O ILE A 498 
AA1 4 5 N GLU A 99 ? N GLU A 501 O VAL A 120 ? O VAL A 522 
# 
_atom_sites.entry_id                    7FCC 
_atom_sites.Cartn_transf_matrix[1][1]   ? 
_atom_sites.Cartn_transf_matrix[1][2]   ? 
_atom_sites.Cartn_transf_matrix[1][3]   ? 
_atom_sites.Cartn_transf_matrix[2][1]   ? 
_atom_sites.Cartn_transf_matrix[2][2]   ? 
_atom_sites.Cartn_transf_matrix[2][3]   ? 
_atom_sites.Cartn_transf_matrix[3][1]   ? 
_atom_sites.Cartn_transf_matrix[3][2]   ? 
_atom_sites.Cartn_transf_matrix[3][3]   ? 
_atom_sites.Cartn_transf_vector[1]      ? 
_atom_sites.Cartn_transf_vector[2]      ? 
_atom_sites.Cartn_transf_vector[3]      ? 
_atom_sites.fract_transf_matrix[1][1]   -0.01491320 
_atom_sites.fract_transf_matrix[1][2]   -0.02111650 
_atom_sites.fract_transf_matrix[1][3]   0.01286295 
_atom_sites.fract_transf_matrix[2][1]   -0.00956088 
_atom_sites.fract_transf_matrix[2][2]   -0.00341930 
_atom_sites.fract_transf_matrix[2][3]   -0.01669811 
_atom_sites.fract_transf_matrix[3][1]   0.00895426 
_atom_sites.fract_transf_matrix[3][2]   -0.00839918 
_atom_sites.fract_transf_matrix[3][3]   -0.00340705 
_atom_sites.fract_transf_vector[1]      0.316457 
_atom_sites.fract_transf_vector[2]      0.481297 
_atom_sites.fract_transf_vector[3]      0.330417 
_atom_sites.solution_primary            ? 
_atom_sites.solution_secondary          ? 
_atom_sites.solution_hydrogens          ? 
_atom_sites.special_details             ? 
# 
loop_
_atom_type.symbol 
C 
N 
O 
S 
# 
loop_
_atom_site.group_PDB 
_atom_site.id 
_atom_site.type_symbol 
_atom_site.label_atom_id 
_atom_site.label_alt_id 
_atom_site.label_comp_id 
_atom_site.label_asym_id 
_atom_site.label_entity_id 
_atom_site.label_seq_id 
_atom_site.pdbx_PDB_ins_code 
_atom_site.Cartn_x 
_atom_site.Cartn_y 
_atom_site.Cartn_z 
_atom_site.occupancy 
_atom_site.B_iso_or_equiv 
_atom_site.pdbx_formal_charge 
_atom_site.auth_seq_id 
_atom_site.auth_comp_id 
_atom_site.auth_asym_id 
_atom_site.auth_atom_id 
_atom_site.pdbx_PDB_model_num 
ATOM   1    N N   . LYS A 1 1   ? -7.797  13.305  -1.306  1.00 43.69 ? 403 LYS A N   1 
ATOM   2    C CA  . LYS A 1 1   ? -8.351  14.458  -0.609  1.00 48.89 ? 403 LYS A CA  1 
ATOM   3    C C   . LYS A 1 1   ? -7.798  14.561  0.803   1.00 46.93 ? 403 LYS A C   1 
ATOM   4    O O   . LYS A 1 1   ? -7.084  15.512  1.118   1.00 49.51 ? 403 LYS A O   1 
ATOM   5    C CB  . LYS A 1 1   ? -9.879  14.395  -0.563  1.00 49.55 ? 403 LYS A CB  1 
ATOM   6    C CG  . LYS A 1 1   ? -10.553 15.759  -0.639  1.00 50.34 ? 403 LYS A CG  1 
ATOM   7    C CD  . LYS A 1 1   ? -10.270 16.456  -1.962  1.00 54.04 ? 403 LYS A CD  1 
ATOM   8    C CE  . LYS A 1 1   ? -10.259 17.972  -1.814  1.00 60.14 ? 403 LYS A CE  1 
ATOM   9    N NZ  . LYS A 1 1   ? -8.928  18.458  -1.339  1.00 55.65 ? 403 LYS A NZ  1 
ATOM   10   N N   . GLU A 1 2   ? -8.117  13.587  1.656   1.00 44.51 ? 404 GLU A N   1 
ATOM   11   C CA  . GLU A 1 2   ? -7.719  13.664  3.063   1.00 37.90 ? 404 GLU A CA  1 
ATOM   12   C C   . GLU A 1 2   ? -6.374  13.006  3.364   1.00 40.71 ? 404 GLU A C   1 
ATOM   13   O O   . GLU A 1 2   ? -5.596  13.553  4.155   1.00 38.32 ? 404 GLU A O   1 
ATOM   14   C CB  . GLU A 1 2   ? -8.789  13.053  3.974   1.00 43.74 ? 404 GLU A CB  1 
ATOM   15   C CG  . GLU A 1 2   ? -8.426  13.189  5.465   1.00 50.11 ? 404 GLU A CG  1 
ATOM   16   C CD  . GLU A 1 2   ? -9.511  12.714  6.422   1.00 53.87 ? 404 GLU A CD  1 
ATOM   17   O OE1 . GLU A 1 2   ? -9.203  12.541  7.625   1.00 57.18 ? 404 GLU A OE1 1 
ATOM   18   O OE2 . GLU A 1 2   ? -10.666 12.523  5.985   1.00 52.96 ? 404 GLU A OE2 1 
ATOM   19   N N   . TYR A 1 3   ? -6.063  11.857  2.766   1.00 34.56 ? 405 TYR A N   1 
ATOM   20   C CA  . TYR A 1 3   ? -4.782  11.199  2.989   1.00 32.60 ? 405 TYR A CA  1 
ATOM   21   C C   . TYR A 1 3   ? -3.944  11.242  1.718   1.00 36.26 ? 405 TYR A C   1 
ATOM   22   O O   . TYR A 1 3   ? -4.469  11.369  0.609   1.00 33.12 ? 405 TYR A O   1 
ATOM   23   C CB  . TYR A 1 3   ? -4.969  9.742   3.442   1.00 33.12 ? 405 TYR A CB  1 
ATOM   24   C CG  . TYR A 1 3   ? -5.884  9.601   4.635   1.00 36.91 ? 405 TYR A CG  1 
ATOM   25   C CD1 . TYR A 1 3   ? -5.404  9.769   5.933   1.00 35.18 ? 405 TYR A CD1 1 
ATOM   26   C CD2 . TYR A 1 3   ? -7.241  9.321   4.463   1.00 35.74 ? 405 TYR A CD2 1 
ATOM   27   C CE1 . TYR A 1 3   ? -6.254  9.649   7.030   1.00 38.69 ? 405 TYR A CE1 1 
ATOM   28   C CE2 . TYR A 1 3   ? -8.089  9.209   5.541   1.00 37.19 ? 405 TYR A CE2 1 
ATOM   29   C CZ  . TYR A 1 3   ? -7.594  9.371   6.821   1.00 37.55 ? 405 TYR A CZ  1 
ATOM   30   O OH  . TYR A 1 3   ? -8.452  9.255   7.890   1.00 40.60 ? 405 TYR A OH  1 
ATOM   31   N N   . ASP A 1 4   ? -2.626  11.165  1.889   1.00 33.56 ? 406 ASP A N   1 
ATOM   32   C CA  . ASP A 1 4   ? -1.749  11.033  0.737   1.00 31.14 ? 406 ASP A CA  1 
ATOM   33   C C   . ASP A 1 4   ? -1.553  9.576   0.341   1.00 32.71 ? 406 ASP A C   1 
ATOM   34   O O   . ASP A 1 4   ? -1.456  9.270   -0.852  1.00 28.27 ? 406 ASP A O   1 
ATOM   35   C CB  . ASP A 1 4   ? -0.389  11.669  1.024   1.00 31.24 ? 406 ASP A CB  1 
ATOM   36   C CG  . ASP A 1 4   ? -0.489  13.161  1.323   1.00 36.65 ? 406 ASP A CG  1 
ATOM   37   O OD1 . ASP A 1 4   ? -1.033  13.911  0.479   1.00 35.94 ? 406 ASP A OD1 1 
ATOM   38   O OD2 . ASP A 1 4   ? -0.025  13.581  2.404   1.00 30.98 ? 406 ASP A OD2 1 
ATOM   39   N N   . ILE A 1 5   ? -1.465  8.668   1.319   1.00 30.13 ? 407 ILE A N   1 
ATOM   40   C CA  . ILE A 1 5   ? -1.240  7.250   1.038   1.00 29.01 ? 407 ILE A CA  1 
ATOM   41   C C   . ILE A 1 5   ? -2.103  6.396   1.968   1.00 30.59 ? 407 ILE A C   1 
ATOM   42   O O   . ILE A 1 5   ? -2.042  6.547   3.196   1.00 25.18 ? 407 ILE A O   1 
ATOM   43   C CB  . ILE A 1 5   ? 0.241   6.846   1.181   1.00 29.98 ? 407 ILE A CB  1 
ATOM   44   C CG1 . ILE A 1 5   ? 1.183   7.952   0.669   1.00 33.35 ? 407 ILE A CG1 1 
ATOM   45   C CG2 . ILE A 1 5   ? 0.494   5.532   0.427   1.00 26.22 ? 407 ILE A CG2 1 
ATOM   46   C CD1 . ILE A 1 5   ? 2.660   7.659   0.877   1.00 29.29 ? 407 ILE A CD1 1 
ATOM   47   N N   . TYR A 1 6   ? -2.902  5.498   1.382   1.00 28.23 ? 408 TYR A N   1 
ATOM   48   C CA  . TYR A 1 6   ? -3.477  4.369   2.109   1.00 26.42 ? 408 TYR A CA  1 
ATOM   49   C C   . TYR A 1 6   ? -2.497  3.208   1.991   1.00 26.82 ? 408 TYR A C   1 
ATOM   50   O O   . TYR A 1 6   ? -2.132  2.818   0.877   1.00 26.59 ? 408 TYR A O   1 
ATOM   51   C CB  . TYR A 1 6   ? -4.852  3.979   1.552   1.00 24.75 ? 408 TYR A CB  1 
ATOM   52   C CG  . TYR A 1 6   ? -5.559  2.875   2.346   1.00 29.64 ? 408 TYR A CG  1 
ATOM   53   C CD1 . TYR A 1 6   ? -5.289  1.518   2.117   1.00 25.24 ? 408 TYR A CD1 1 
ATOM   54   C CD2 . TYR A 1 6   ? -6.497  3.194   3.317   1.00 27.99 ? 408 TYR A CD2 1 
ATOM   55   C CE1 . TYR A 1 6   ? -5.946  0.519   2.842   1.00 22.69 ? 408 TYR A CE1 1 
ATOM   56   C CE2 . TYR A 1 6   ? -7.147  2.210   4.048   1.00 25.97 ? 408 TYR A CE2 1 
ATOM   57   C CZ  . TYR A 1 6   ? -6.870  0.885   3.815   1.00 25.22 ? 408 TYR A CZ  1 
ATOM   58   O OH  . TYR A 1 6   ? -7.530  -0.061  4.579   1.00 31.28 ? 408 TYR A OH  1 
ATOM   59   N N   . VAL A 1 7   ? -2.058  2.661   3.124   1.00 22.42 ? 409 VAL A N   1 
ATOM   60   C CA  . VAL A 1 7   ? -1.069  1.591   3.124   1.00 23.52 ? 409 VAL A CA  1 
ATOM   61   C C   . VAL A 1 7   ? -1.786  0.285   3.434   1.00 26.51 ? 409 VAL A C   1 
ATOM   62   O O   . VAL A 1 7   ? -2.322  0.103   4.534   1.00 26.53 ? 409 VAL A O   1 
ATOM   63   C CB  . VAL A 1 7   ? 0.071   1.856   4.114   1.00 27.47 ? 409 VAL A CB  1 
ATOM   64   C CG1 . VAL A 1 7   ? 1.184   0.853   3.896   1.00 20.49 ? 409 VAL A CG1 1 
ATOM   65   C CG2 . VAL A 1 7   ? 0.580   3.297   3.942   1.00 30.92 ? 409 VAL A CG2 1 
ATOM   66   N N   . SER A 1 8   ? -1.815  -0.609  2.451   1.00 26.57 ? 410 SER A N   1 
ATOM   67   C CA  . SER A 1 8   ? -2.437  -1.919  2.561   1.00 25.44 ? 410 SER A CA  1 
ATOM   68   C C   . SER A 1 8   ? -1.330  -2.948  2.668   1.00 27.93 ? 410 SER A C   1 
ATOM   69   O O   . SER A 1 8   ? -0.380  -2.910  1.877   1.00 26.14 ? 410 SER A O   1 
ATOM   70   C CB  . SER A 1 8   ? -3.304  -2.209  1.333   1.00 27.93 ? 410 SER A CB  1 
ATOM   71   O OG  . SER A 1 8   ? -3.763  -3.550  1.330   1.00 25.46 ? 410 SER A OG  1 
ATOM   72   N N   . TYR A 1 9   ? -1.448  -3.861  3.638   1.00 27.28 ? 411 TYR A N   1 
ATOM   73   C CA  . TYR A 1 9   ? -0.394  -4.837  3.903   1.00 26.88 ? 411 TYR A CA  1 
ATOM   74   C C   . TYR A 1 9   ? -1.009  -6.110  4.469   1.00 24.84 ? 411 TYR A C   1 
ATOM   75   O O   . TYR A 1 9   ? -2.177  -6.143  4.848   1.00 25.94 ? 411 TYR A O   1 
ATOM   76   C CB  . TYR A 1 9   ? 0.658   -4.273  4.866   1.00 24.11 ? 411 TYR A CB  1 
ATOM   77   C CG  . TYR A 1 9   ? 0.063   -3.801  6.183   1.00 27.66 ? 411 TYR A CG  1 
ATOM   78   C CD1 . TYR A 1 9   ? -0.574  -2.560  6.270   1.00 25.79 ? 411 TYR A CD1 1 
ATOM   79   C CD2 . TYR A 1 9   ? 0.125   -4.594  7.330   1.00 22.40 ? 411 TYR A CD2 1 
ATOM   80   C CE1 . TYR A 1 9   ? -1.131  -2.120  7.446   1.00 24.89 ? 411 TYR A CE1 1 
ATOM   81   C CE2 . TYR A 1 9   ? -0.437  -4.152  8.539   1.00 25.61 ? 411 TYR A CE2 1 
ATOM   82   C CZ  . TYR A 1 9   ? -1.062  -2.914  8.575   1.00 27.59 ? 411 TYR A CZ  1 
ATOM   83   O OH  . TYR A 1 9   ? -1.625  -2.444  9.721   1.00 27.41 ? 411 TYR A OH  1 
ATOM   84   N N   . ALA A 1 10  ? -0.201  -7.166  4.528   1.00 26.96 ? 412 ALA A N   1 
ATOM   85   C CA  . ALA A 1 10  ? -0.638  -8.433  5.103   1.00 29.23 ? 412 ALA A CA  1 
ATOM   86   C C   . ALA A 1 10  ? -0.653  -8.361  6.627   1.00 27.96 ? 412 ALA A C   1 
ATOM   87   O O   . ALA A 1 10  ? 0.329   -7.941  7.250   1.00 30.98 ? 412 ALA A O   1 
ATOM   88   C CB  . ALA A 1 10  ? 0.279   -9.565  4.646   1.00 29.89 ? 412 ALA A CB  1 
ATOM   89   N N   . ARG A 1 11  ? -1.748  -8.818  7.236   1.00 28.73 ? 413 ARG A N   1 
ATOM   90   C CA  . ARG A 1 11  ? -1.918  -8.717  8.690   1.00 27.23 ? 413 ARG A CA  1 
ATOM   91   C C   . ARG A 1 11  ? -1.110  -9.813  9.392   1.00 28.96 ? 413 ARG A C   1 
ATOM   92   O O   . ARG A 1 11  ? -1.642  -10.761 9.968   1.00 32.40 ? 413 ARG A O   1 
ATOM   93   C CB  . ARG A 1 11  ? -3.395  -8.788  9.061   1.00 25.30 ? 413 ARG A CB  1 
ATOM   94   C CG  . ARG A 1 11  ? -4.248  -7.710  8.416   1.00 27.61 ? 413 ARG A CG  1 
ATOM   95   C CD  . ARG A 1 11  ? -3.684  -6.315  8.602   1.00 24.45 ? 413 ARG A CD  1 
ATOM   96   N NE  . ARG A 1 11  ? -4.737  -5.316  8.434   1.00 26.17 ? 413 ARG A NE  1 
ATOM   97   C CZ  . ARG A 1 11  ? -5.015  -4.684  7.291   1.00 24.68 ? 413 ARG A CZ  1 
ATOM   98   N NH1 . ARG A 1 11  ? -4.298  -4.909  6.200   1.00 23.08 ? 413 ARG A NH1 1 
ATOM   99   N NH2 . ARG A 1 11  ? -6.004  -3.811  7.239   1.00 21.51 ? 413 ARG A NH2 1 
ATOM   100  N N   . ASN A 1 12  ? 0.213   -9.686  9.307   1.00 30.43 ? 414 ASN A N   1 
ATOM   101  C CA  . ASN A 1 12  ? 1.113   -10.509 10.107  1.00 32.20 ? 414 ASN A CA  1 
ATOM   102  C C   . ASN A 1 12  ? 2.171   -9.602  10.719  1.00 31.09 ? 414 ASN A C   1 
ATOM   103  O O   . ASN A 1 12  ? 2.394   -8.482  10.254  1.00 30.93 ? 414 ASN A O   1 
ATOM   104  C CB  . ASN A 1 12  ? 1.764   -11.651 9.292   1.00 26.46 ? 414 ASN A CB  1 
ATOM   105  C CG  . ASN A 1 12  ? 2.676   -11.150 8.180   1.00 33.68 ? 414 ASN A CG  1 
ATOM   106  O OD1 . ASN A 1 12  ? 3.609   -10.378 8.411   1.00 33.58 ? 414 ASN A OD1 1 
ATOM   107  N ND2 . ASN A 1 12  ? 2.429   -11.618 6.965   1.00 37.82 ? 414 ASN A ND2 1 
ATOM   108  N N   . ALA A 1 13  ? 2.832   -10.109 11.764  1.00 28.56 ? 415 ALA A N   1 
ATOM   109  C CA  . ALA A 1 13  ? 3.748   -9.291  12.554  1.00 28.39 ? 415 ALA A CA  1 
ATOM   110  C C   . ALA A 1 13  ? 4.861   -8.712  11.694  1.00 31.77 ? 415 ALA A C   1 
ATOM   111  O O   . ALA A 1 13  ? 5.165   -7.515  11.779  1.00 35.70 ? 415 ALA A O   1 
ATOM   112  C CB  . ALA A 1 13  ? 4.341   -10.121 13.702  1.00 27.11 ? 415 ALA A CB  1 
ATOM   113  N N   . GLU A 1 14  ? 5.503   -9.551  10.874  1.00 29.84 ? 416 GLU A N   1 
ATOM   114  C CA  . GLU A 1 14  ? 6.657   -9.084  10.109  1.00 32.67 ? 416 GLU A CA  1 
ATOM   115  C C   . GLU A 1 14  ? 6.269   -7.941  9.178   1.00 28.66 ? 416 GLU A C   1 
ATOM   116  O O   . GLU A 1 14  ? 6.923   -6.889  9.150   1.00 26.23 ? 416 GLU A O   1 
ATOM   117  C CB  . GLU A 1 14  ? 7.272   -10.237 9.318   1.00 32.90 ? 416 GLU A CB  1 
ATOM   118  C CG  . GLU A 1 14  ? 8.479   -9.804  8.498   1.00 35.10 ? 416 GLU A CG  1 
ATOM   119  C CD  . GLU A 1 14  ? 8.868   -10.807 7.435   1.00 36.09 ? 416 GLU A CD  1 
ATOM   120  O OE1 . GLU A 1 14  ? 8.383   -11.949 7.500   1.00 43.81 ? 416 GLU A OE1 1 
ATOM   121  O OE2 . GLU A 1 14  ? 9.660   -10.456 6.537   1.00 40.99 ? 416 GLU A OE2 1 
ATOM   122  N N   . GLU A 1 15  ? 5.183   -8.107  8.434   1.00 25.70 ? 417 GLU A N   1 
ATOM   123  C CA  . GLU A 1 15  ? 4.836   -7.072  7.473   1.00 32.46 ? 417 GLU A CA  1 
ATOM   124  C C   . GLU A 1 15  ? 4.181   -5.864  8.134   1.00 30.73 ? 417 GLU A C   1 
ATOM   125  O O   . GLU A 1 15  ? 4.382   -4.731  7.675   1.00 28.77 ? 417 GLU A O   1 
ATOM   126  C CB  . GLU A 1 15  ? 3.987   -7.692  6.365   1.00 30.69 ? 417 GLU A CB  1 
ATOM   127  C CG  . GLU A 1 15  ? 4.835   -8.738  5.629   1.00 31.73 ? 417 GLU A CG  1 
ATOM   128  C CD  . GLU A 1 15  ? 4.075   -9.589  4.640   1.00 38.16 ? 417 GLU A CD  1 
ATOM   129  O OE1 . GLU A 1 15  ? 3.346   -9.022  3.793   1.00 33.95 ? 417 GLU A OE1 1 
ATOM   130  O OE2 . GLU A 1 15  ? 4.231   -10.831 4.696   1.00 38.39 ? 417 GLU A OE2 1 
ATOM   131  N N   . GLU A 1 16  ? 3.435   -6.073  9.221   1.00 29.39 ? 418 GLU A N   1 
ATOM   132  C CA  . GLU A 1 16  ? 2.962   -4.951  10.030  1.00 29.97 ? 418 GLU A CA  1 
ATOM   133  C C   . GLU A 1 16  ? 4.132   -4.114  10.547  1.00 29.35 ? 418 GLU A C   1 
ATOM   134  O O   . GLU A 1 16  ? 4.078   -2.881  10.537  1.00 27.60 ? 418 GLU A O   1 
ATOM   135  C CB  . GLU A 1 16  ? 2.108   -5.471  11.193  1.00 31.36 ? 418 GLU A CB  1 
ATOM   136  C CG  . GLU A 1 16  ? 1.638   -4.386  12.167  1.00 33.98 ? 418 GLU A CG  1 
ATOM   137  C CD  . GLU A 1 16  ? 1.215   -4.951  13.531  1.00 38.92 ? 418 GLU A CD  1 
ATOM   138  O OE1 . GLU A 1 16  ? 1.786   -5.978  13.961  1.00 39.75 ? 418 GLU A OE1 1 
ATOM   139  O OE2 . GLU A 1 16  ? 0.298   -4.376  14.164  1.00 35.39 ? 418 GLU A OE2 1 
ATOM   140  N N   . GLU A 1 17  ? 5.197   -4.770  11.027  1.00 32.24 ? 419 GLU A N   1 
ATOM   141  C CA  . GLU A 1 17  ? 6.368   -4.015  11.475  1.00 30.02 ? 419 GLU A CA  1 
ATOM   142  C C   . GLU A 1 17  ? 7.055   -3.317  10.310  1.00 29.73 ? 419 GLU A C   1 
ATOM   143  O O   . GLU A 1 17  ? 7.568   -2.198  10.472  1.00 28.29 ? 419 GLU A O   1 
ATOM   144  C CB  . GLU A 1 17  ? 7.353   -4.933  12.205  1.00 26.93 ? 419 GLU A CB  1 
ATOM   145  C CG  . GLU A 1 17  ? 6.790   -5.479  13.511  1.00 36.16 ? 419 GLU A CG  1 
ATOM   146  C CD  . GLU A 1 17  ? 7.842   -6.059  14.445  1.00 42.54 ? 419 GLU A CD  1 
ATOM   147  O OE1 . GLU A 1 17  ? 9.026   -6.154  14.045  1.00 47.26 ? 419 GLU A OE1 1 
ATOM   148  O OE2 . GLU A 1 17  ? 7.475   -6.424  15.585  1.00 40.84 ? 419 GLU A OE2 1 
ATOM   149  N N   . PHE A 1 18  ? 7.068   -3.952  9.134   1.00 29.10 ? 420 PHE A N   1 
ATOM   150  C CA  . PHE A 1 18  ? 7.552   -3.273  7.934   1.00 30.34 ? 420 PHE A CA  1 
ATOM   151  C C   . PHE A 1 18  ? 6.815   -1.959  7.720   1.00 31.95 ? 420 PHE A C   1 
ATOM   152  O O   . PHE A 1 18  ? 7.440   -0.903  7.553   1.00 31.17 ? 420 PHE A O   1 
ATOM   153  C CB  . PHE A 1 18  ? 7.405   -4.161  6.701   1.00 28.43 ? 420 PHE A CB  1 
ATOM   154  C CG  . PHE A 1 18  ? 7.997   -3.551  5.450   1.00 32.77 ? 420 PHE A CG  1 
ATOM   155  C CD1 . PHE A 1 18  ? 9.320   -3.142  5.427   1.00 31.11 ? 420 PHE A CD1 1 
ATOM   156  C CD2 . PHE A 1 18  ? 7.231   -3.392  4.306   1.00 28.95 ? 420 PHE A CD2 1 
ATOM   157  C CE1 . PHE A 1 18  ? 9.883   -2.584  4.280   1.00 32.02 ? 420 PHE A CE1 1 
ATOM   158  C CE2 . PHE A 1 18  ? 7.771   -2.837  3.150   1.00 31.64 ? 420 PHE A CE2 1 
ATOM   159  C CZ  . PHE A 1 18  ? 9.107   -2.433  3.132   1.00 35.91 ? 420 PHE A CZ  1 
ATOM   160  N N   . VAL A 1 19  ? 5.480   -1.997  7.755   1.00 27.03 ? 421 VAL A N   1 
ATOM   161  C CA  . VAL A 1 19  ? 4.714   -0.776  7.520   1.00 31.36 ? 421 VAL A CA  1 
ATOM   162  C C   . VAL A 1 19  ? 4.892   0.200   8.680   1.00 32.02 ? 421 VAL A C   1 
ATOM   163  O O   . VAL A 1 19  ? 5.201   1.376   8.472   1.00 29.66 ? 421 VAL A O   1 
ATOM   164  C CB  . VAL A 1 19  ? 3.232   -1.104  7.272   1.00 27.13 ? 421 VAL A CB  1 
ATOM   165  C CG1 . VAL A 1 19  ? 2.375   0.155   7.353   1.00 22.38 ? 421 VAL A CG1 1 
ATOM   166  C CG2 . VAL A 1 19  ? 3.064   -1.756  5.908   1.00 28.45 ? 421 VAL A CG2 1 
ATOM   167  N N   . LEU A 1 20  ? 4.746   -0.282  9.917   1.00 28.85 ? 422 LEU A N   1 
ATOM   168  C CA  . LEU A 1 20  ? 4.661   0.624   11.063  1.00 31.45 ? 422 LEU A CA  1 
ATOM   169  C C   . LEU A 1 20  ? 6.011   1.247   11.422  1.00 30.35 ? 422 LEU A C   1 
ATOM   170  O O   . LEU A 1 20  ? 6.072   2.413   11.836  1.00 32.42 ? 422 LEU A O   1 
ATOM   171  C CB  . LEU A 1 20  ? 4.074   -0.117  12.258  1.00 30.32 ? 422 LEU A CB  1 
ATOM   172  C CG  . LEU A 1 20  ? 4.004   0.691   13.551  1.00 34.82 ? 422 LEU A CG  1 
ATOM   173  C CD1 . LEU A 1 20  ? 3.113   1.925   13.391  1.00 32.45 ? 422 LEU A CD1 1 
ATOM   174  C CD2 . LEU A 1 20  ? 3.529   -0.190  14.709  1.00 34.44 ? 422 LEU A CD2 1 
ATOM   175  N N   . LEU A 1 21  ? 7.107   0.511   11.276  1.00 27.49 ? 423 LEU A N   1 
ATOM   176  C CA  . LEU A 1 21  ? 8.408   1.063   11.643  1.00 33.27 ? 423 LEU A CA  1 
ATOM   177  C C   . LEU A 1 21  ? 9.147   1.645   10.438  1.00 36.81 ? 423 LEU A C   1 
ATOM   178  O O   . LEU A 1 21  ? 9.468   2.840   10.426  1.00 38.21 ? 423 LEU A O   1 
ATOM   179  C CB  . LEU A 1 21  ? 9.239   -0.009  12.356  1.00 28.16 ? 423 LEU A CB  1 
ATOM   180  C CG  . LEU A 1 21  ? 8.429   -0.574  13.537  1.00 33.71 ? 423 LEU A CG  1 
ATOM   181  C CD1 . LEU A 1 21  ? 9.187   -1.642  14.317  1.00 32.57 ? 423 LEU A CD1 1 
ATOM   182  C CD2 . LEU A 1 21  ? 7.954   0.548   14.459  1.00 30.39 ? 423 LEU A CD2 1 
ATOM   183  N N   . THR A 1 22  ? 9.365   0.838   9.396   1.00 32.90 ? 424 THR A N   1 
ATOM   184  C CA  . THR A 1 22  ? 10.218  1.234   8.279   1.00 32.18 ? 424 THR A CA  1 
ATOM   185  C C   . THR A 1 22  ? 9.509   2.175   7.303   1.00 34.17 ? 424 THR A C   1 
ATOM   186  O O   . THR A 1 22  ? 10.014  3.266   7.010   1.00 30.27 ? 424 THR A O   1 
ATOM   187  C CB  . THR A 1 22  ? 10.712  -0.016  7.551   1.00 35.09 ? 424 THR A CB  1 
ATOM   188  O OG1 . THR A 1 22  ? 11.497  -0.799  8.455   1.00 37.63 ? 424 THR A OG1 1 
ATOM   189  C CG2 . THR A 1 22  ? 11.558  0.365   6.339   1.00 32.55 ? 424 THR A CG2 1 
ATOM   190  N N   . LEU A 1 23  ? 8.347   1.765   6.780   1.00 29.88 ? 425 LEU A N   1 
ATOM   191  C CA  . LEU A 1 23  ? 7.636   2.563   5.780   1.00 34.90 ? 425 LEU A CA  1 
ATOM   192  C C   . LEU A 1 23  ? 7.128   3.881   6.355   1.00 31.81 ? 425 LEU A C   1 
ATOM   193  O O   . LEU A 1 23  ? 7.412   4.960   5.818   1.00 28.16 ? 425 LEU A O   1 
ATOM   194  C CB  . LEU A 1 23  ? 6.478   1.748   5.198   1.00 29.36 ? 425 LEU A CB  1 
ATOM   195  C CG  . LEU A 1 23  ? 6.692   1.305   3.765   1.00 35.55 ? 425 LEU A CG  1 
ATOM   196  C CD1 . LEU A 1 23  ? 7.762   0.239   3.763   1.00 41.24 ? 425 LEU A CD1 1 
ATOM   197  C CD2 . LEU A 1 23  ? 5.373   0.775   3.163   1.00 27.29 ? 425 LEU A CD2 1 
ATOM   198  N N   . ARG A 1 24  ? 6.352   3.810   7.437   1.00 29.92 ? 426 ARG A N   1 
ATOM   199  C CA  . ARG A 1 24  ? 5.748   5.013   8.008   1.00 30.09 ? 426 ARG A CA  1 
ATOM   200  C C   . ARG A 1 24  ? 6.803   6.058   8.354   1.00 31.95 ? 426 ARG A C   1 
ATOM   201  O O   . ARG A 1 24  ? 6.664   7.236   7.998   1.00 27.76 ? 426 ARG A O   1 
ATOM   202  C CB  . ARG A 1 24  ? 4.935   4.642   9.245   1.00 29.98 ? 426 ARG A CB  1 
ATOM   203  C CG  . ARG A 1 24  ? 4.218   5.797   9.894   1.00 29.88 ? 426 ARG A CG  1 
ATOM   204  C CD  . ARG A 1 24  ? 4.037   5.500   11.369  1.00 31.12 ? 426 ARG A CD  1 
ATOM   205  N NE  . ARG A 1 24  ? 5.318   5.118   11.959  1.00 30.44 ? 426 ARG A NE  1 
ATOM   206  C CZ  . ARG A 1 24  ? 6.193   5.987   12.457  1.00 33.83 ? 426 ARG A CZ  1 
ATOM   207  N NH1 . ARG A 1 24  ? 5.919   7.290   12.444  1.00 36.12 ? 426 ARG A NH1 1 
ATOM   208  N NH2 . ARG A 1 24  ? 7.339   5.555   12.974  1.00 29.37 ? 426 ARG A NH2 1 
ATOM   209  N N   . GLY A 1 25  ? 7.874   5.642   9.037   1.00 30.97 ? 427 GLY A N   1 
ATOM   210  C CA  . GLY A 1 25  ? 8.885   6.604   9.453   1.00 32.41 ? 427 GLY A CA  1 
ATOM   211  C C   . GLY A 1 25  ? 9.422   7.416   8.294   1.00 31.85 ? 427 GLY A C   1 
ATOM   212  O O   . GLY A 1 25  ? 9.509   8.646   8.360   1.00 32.18 ? 427 GLY A O   1 
ATOM   213  N N   . VAL A 1 26  ? 9.762   6.745   7.196   1.00 30.64 ? 428 VAL A N   1 
ATOM   214  C CA  . VAL A 1 26  ? 10.287  7.456   6.041   1.00 31.09 ? 428 VAL A CA  1 
ATOM   215  C C   . VAL A 1 26  ? 9.184   8.265   5.364   1.00 32.25 ? 428 VAL A C   1 
ATOM   216  O O   . VAL A 1 26  ? 9.346   9.467   5.106   1.00 31.63 ? 428 VAL A O   1 
ATOM   217  C CB  . VAL A 1 26  ? 10.955  6.470   5.068   1.00 34.25 ? 428 VAL A CB  1 
ATOM   218  C CG1 . VAL A 1 26  ? 11.259  7.169   3.748   1.00 29.76 ? 428 VAL A CG1 1 
ATOM   219  C CG2 . VAL A 1 26  ? 12.225  5.911   5.698   1.00 34.72 ? 428 VAL A CG2 1 
ATOM   220  N N   . LEU A 1 27  ? 8.038   7.623   5.093   1.00 24.87 ? 429 LEU A N   1 
ATOM   221  C CA  . LEU A 1 27  ? 6.956   8.298   4.378   1.00 27.83 ? 429 LEU A CA  1 
ATOM   222  C C   . LEU A 1 27  ? 6.466   9.523   5.141   1.00 29.14 ? 429 LEU A C   1 
ATOM   223  O O   . LEU A 1 27  ? 6.212   10.574  4.541   1.00 28.80 ? 429 LEU A O   1 
ATOM   224  C CB  . LEU A 1 27  ? 5.799   7.325   4.120   1.00 27.38 ? 429 LEU A CB  1 
ATOM   225  C CG  . LEU A 1 27  ? 6.084   6.166   3.157   1.00 26.77 ? 429 LEU A CG  1 
ATOM   226  C CD1 . LEU A 1 27  ? 4.889   5.185   3.019   1.00 29.59 ? 429 LEU A CD1 1 
ATOM   227  C CD2 . LEU A 1 27  ? 6.468   6.713   1.792   1.00 28.53 ? 429 LEU A CD2 1 
ATOM   228  N N   . GLU A 1 28  ? 6.364   9.420   6.466   1.00 26.32 ? 430 GLU A N   1 
ATOM   229  C CA  . GLU A 1 28  ? 5.820   10.520  7.261   1.00 30.28 ? 430 GLU A CA  1 
ATOM   230  C C   . GLU A 1 28  ? 6.855   11.602  7.528   1.00 33.03 ? 430 GLU A C   1 
ATOM   231  O O   . GLU A 1 28  ? 6.565   12.795  7.376   1.00 28.22 ? 430 GLU A O   1 
ATOM   232  C CB  . GLU A 1 28  ? 5.268   9.999   8.594   1.00 30.59 ? 430 GLU A CB  1 
ATOM   233  C CG  . GLU A 1 28  ? 3.854   9.428   8.478   1.00 28.30 ? 430 GLU A CG  1 
ATOM   234  C CD  . GLU A 1 28  ? 3.254   9.002   9.808   1.00 33.36 ? 430 GLU A CD  1 
ATOM   235  O OE1 . GLU A 1 28  ? 3.980   9.004   10.832  1.00 33.26 ? 430 GLU A OE1 1 
ATOM   236  O OE2 . GLU A 1 28  ? 2.045   8.660   9.816   1.00 31.89 ? 430 GLU A OE2 1 
ATOM   237  N N   . ASN A 1 29  ? 8.063   11.205  7.907   1.00 29.57 ? 431 ASN A N   1 
ATOM   238  C CA  . ASN A 1 29  ? 9.023   12.142  8.464   1.00 33.78 ? 431 ASN A CA  1 
ATOM   239  C C   . ASN A 1 29  ? 10.054  12.637  7.461   1.00 33.22 ? 431 ASN A C   1 
ATOM   240  O O   . ASN A 1 29  ? 10.468  13.797  7.556   1.00 34.90 ? 431 ASN A O   1 
ATOM   241  C CB  . ASN A 1 29  ? 9.716   11.507  9.678   1.00 33.25 ? 431 ASN A CB  1 
ATOM   242  C CG  . ASN A 1 29  ? 8.730   11.183  10.797  1.00 36.74 ? 431 ASN A CG  1 
ATOM   243  O OD1 . ASN A 1 29  ? 7.734   11.893  10.979  1.00 38.64 ? 431 ASN A OD1 1 
ATOM   244  N ND2 . ASN A 1 29  ? 9.000   10.120  11.549  1.00 37.20 ? 431 ASN A ND2 1 
ATOM   245  N N   . GLU A 1 30  ? 10.458  11.814  6.489   1.00 33.62 ? 432 GLU A N   1 
ATOM   246  C CA  . GLU A 1 30  ? 11.387  12.258  5.453   1.00 31.26 ? 432 GLU A CA  1 
ATOM   247  C C   . GLU A 1 30  ? 10.692  12.792  4.207   1.00 31.76 ? 432 GLU A C   1 
ATOM   248  O O   . GLU A 1 30  ? 11.281  13.610  3.491   1.00 32.47 ? 432 GLU A O   1 
ATOM   249  C CB  . GLU A 1 30  ? 12.334  11.117  5.063   1.00 33.11 ? 432 GLU A CB  1 
ATOM   250  C CG  . GLU A 1 30  ? 13.141  10.581  6.248   1.00 37.80 ? 432 GLU A CG  1 
ATOM   251  C CD  . GLU A 1 30  ? 14.223  9.603   5.830   1.00 42.18 ? 432 GLU A CD  1 
ATOM   252  O OE1 . GLU A 1 30  ? 14.609  9.613   4.645   1.00 43.96 ? 432 GLU A OE1 1 
ATOM   253  O OE2 . GLU A 1 30  ? 14.673  8.804   6.681   1.00 45.34 ? 432 GLU A OE2 1 
ATOM   254  N N   . PHE A 1 31  ? 9.456   12.362  3.933   1.00 27.47 ? 433 PHE A N   1 
ATOM   255  C CA  . PHE A 1 31  ? 8.714   12.863  2.790   1.00 26.58 ? 433 PHE A CA  1 
ATOM   256  C C   . PHE A 1 31  ? 7.607   13.843  3.156   1.00 30.37 ? 433 PHE A C   1 
ATOM   257  O O   . PHE A 1 31  ? 7.225   14.661  2.309   1.00 31.16 ? 433 PHE A O   1 
ATOM   258  C CB  . PHE A 1 31  ? 8.093   11.706  1.997   1.00 30.15 ? 433 PHE A CB  1 
ATOM   259  C CG  . PHE A 1 31  ? 9.089   10.736  1.423   1.00 28.61 ? 433 PHE A CG  1 
ATOM   260  C CD1 . PHE A 1 31  ? 10.433  11.068  1.302   1.00 33.14 ? 433 PHE A CD1 1 
ATOM   261  C CD2 . PHE A 1 31  ? 8.670   9.489   0.992   1.00 30.20 ? 433 PHE A CD2 1 
ATOM   262  C CE1 . PHE A 1 31  ? 11.346  10.163  0.779   1.00 32.56 ? 433 PHE A CE1 1 
ATOM   263  C CE2 . PHE A 1 31  ? 9.573   8.578   0.459   1.00 33.45 ? 433 PHE A CE2 1 
ATOM   264  C CZ  . PHE A 1 31  ? 10.918  8.916   0.356   1.00 34.22 ? 433 PHE A CZ  1 
ATOM   265  N N   . GLY A 1 32  ? 7.090   13.786  4.383   1.00 29.97 ? 434 GLY A N   1 
ATOM   266  C CA  . GLY A 1 32  ? 6.054   14.693  4.839   1.00 25.98 ? 434 GLY A CA  1 
ATOM   267  C C   . GLY A 1 32  ? 4.635   14.229  4.599   1.00 29.35 ? 434 GLY A C   1 
ATOM   268  O O   . GLY A 1 32  ? 3.708   15.038  4.726   1.00 35.00 ? 434 GLY A O   1 
ATOM   269  N N   . TYR A 1 33  ? 4.434   12.958  4.271   1.00 25.98 ? 435 TYR A N   1 
ATOM   270  C CA  . TYR A 1 33  ? 3.139   12.470  3.812   1.00 28.75 ? 435 TYR A CA  1 
ATOM   271  C C   . TYR A 1 33  ? 2.209   12.131  4.974   1.00 27.40 ? 435 TYR A C   1 
ATOM   272  O O   . TYR A 1 33  ? 2.640   11.680  6.040   1.00 26.84 ? 435 TYR A O   1 
ATOM   273  C CB  . TYR A 1 33  ? 3.327   11.225  2.945   1.00 30.74 ? 435 TYR A CB  1 
ATOM   274  C CG  . TYR A 1 33  ? 3.930   11.493  1.582   1.00 31.16 ? 435 TYR A CG  1 
ATOM   275  C CD1 . TYR A 1 33  ? 3.449   12.518  0.777   1.00 33.39 ? 435 TYR A CD1 1 
ATOM   276  C CD2 . TYR A 1 33  ? 4.968   10.707  1.096   1.00 31.01 ? 435 TYR A CD2 1 
ATOM   277  C CE1 . TYR A 1 33  ? 3.981   12.754  -0.479  1.00 33.76 ? 435 TYR A CE1 1 
ATOM   278  C CE2 . TYR A 1 33  ? 5.511   10.935  -0.158  1.00 30.68 ? 435 TYR A CE2 1 
ATOM   279  C CZ  . TYR A 1 33  ? 5.013   11.963  -0.941  1.00 34.51 ? 435 TYR A CZ  1 
ATOM   280  O OH  . TYR A 1 33  ? 5.546   12.199  -2.196  1.00 27.49 ? 435 TYR A OH  1 
ATOM   281  N N   . LYS A 1 34  ? 0.919   12.322  4.743   1.00 30.79 ? 436 LYS A N   1 
ATOM   282  C CA  . LYS A 1 34  ? -0.120  11.918  5.682   1.00 29.51 ? 436 LYS A CA  1 
ATOM   283  C C   . LYS A 1 34  ? -0.688  10.579  5.232   1.00 35.36 ? 436 LYS A C   1 
ATOM   284  O O   . LYS A 1 34  ? -1.180  10.467  4.107   1.00 32.03 ? 436 LYS A O   1 
ATOM   285  C CB  . LYS A 1 34  ? -1.231  12.958  5.744   1.00 28.98 ? 436 LYS A CB  1 
ATOM   286  C CG  . LYS A 1 34  ? -2.274  12.653  6.769   1.00 34.36 ? 436 LYS A CG  1 
ATOM   287  C CD  . LYS A 1 34  ? -3.288  13.752  6.829   1.00 30.37 ? 436 LYS A CD  1 
ATOM   288  C CE  . LYS A 1 34  ? -4.420  13.348  7.745   1.00 37.34 ? 436 LYS A CE  1 
ATOM   289  N NZ  . LYS A 1 34  ? -5.694  13.783  7.141   1.00 46.89 ? 436 LYS A NZ  1 
ATOM   290  N N   . LEU A 1 35  ? -0.638  9.581   6.114   1.00 31.17 ? 437 LEU A N   1 
ATOM   291  C CA  . LEU A 1 35  ? -1.020  8.212   5.800   1.00 30.20 ? 437 LEU A CA  1 
ATOM   292  C C   . LEU A 1 35  ? -2.339  7.824   6.456   1.00 32.68 ? 437 LEU A C   1 
ATOM   293  O O   . LEU A 1 35  ? -2.695  8.313   7.538   1.00 29.71 ? 437 LEU A O   1 
ATOM   294  C CB  . LEU A 1 35  ? 0.042   7.210   6.267   1.00 25.85 ? 437 LEU A CB  1 
ATOM   295  C CG  . LEU A 1 35  ? 1.528   7.503   6.084   1.00 30.47 ? 437 LEU A CG  1 
ATOM   296  C CD1 . LEU A 1 35  ? 2.317   6.399   6.767   1.00 29.83 ? 437 LEU A CD1 1 
ATOM   297  C CD2 . LEU A 1 35  ? 1.899   7.588   4.609   1.00 33.47 ? 437 LEU A CD2 1 
ATOM   298  N N   . CYS A 1 36  ? -3.045  6.906   5.799   1.00 28.20 ? 438 CYS A N   1 
ATOM   299  C CA  . CYS A 1 36  ? -4.143  6.164   6.399   1.00 27.89 ? 438 CYS A CA  1 
ATOM   300  C C   . CYS A 1 36  ? -3.688  4.721   6.548   1.00 25.58 ? 438 CYS A C   1 
ATOM   301  O O   . CYS A 1 36  ? -3.301  4.080   5.565   1.00 27.58 ? 438 CYS A O   1 
ATOM   302  C CB  . CYS A 1 36  ? -5.418  6.233   5.553   1.00 28.56 ? 438 CYS A CB  1 
ATOM   303  S SG  . CYS A 1 36  ? -6.787  5.208   6.238   1.00 31.03 ? 438 CYS A SG  1 
ATOM   304  N N   . ILE A 1 37  ? -3.702  4.228   7.775   1.00 25.24 ? 439 ILE A N   1 
ATOM   305  C CA  . ILE A 1 37  ? -3.379  2.837   8.070   1.00 26.67 ? 439 ILE A CA  1 
ATOM   306  C C   . ILE A 1 37  ? -4.564  2.277   8.829   1.00 23.97 ? 439 ILE A C   1 
ATOM   307  O O   . ILE A 1 37  ? -4.868  2.745   9.931   1.00 23.60 ? 439 ILE A O   1 
ATOM   308  C CB  . ILE A 1 37  ? -2.091  2.704   8.897   1.00 22.73 ? 439 ILE A CB  1 
ATOM   309  C CG1 . ILE A 1 37  ? -0.879  3.189   8.093   1.00 26.52 ? 439 ILE A CG1 1 
ATOM   310  C CG2 . ILE A 1 37  ? -1.927  1.277   9.383   1.00 21.42 ? 439 ILE A CG2 1 
ATOM   311  C CD1 . ILE A 1 37  ? 0.382   3.355   8.947   1.00 21.67 ? 439 ILE A CD1 1 
ATOM   312  N N   . PHE A 1 38  ? -5.223  1.269   8.258   1.00 24.44 ? 440 PHE A N   1 
ATOM   313  C CA  . PHE A 1 38  ? -6.561  0.941   8.740   1.00 25.36 ? 440 PHE A CA  1 
ATOM   314  C C   . PHE A 1 38  ? -6.569  0.623   10.231  1.00 24.14 ? 440 PHE A C   1 
ATOM   315  O O   . PHE A 1 38  ? -7.413  1.134   10.972  1.00 27.95 ? 440 PHE A O   1 
ATOM   316  C CB  . PHE A 1 38  ? -7.159  -0.212  7.945   1.00 24.76 ? 440 PHE A CB  1 
ATOM   317  C CG  . PHE A 1 38  ? -8.617  -0.436  8.243   1.00 23.73 ? 440 PHE A CG  1 
ATOM   318  C CD1 . PHE A 1 38  ? -9.585  0.349   7.635   1.00 22.46 ? 440 PHE A CD1 1 
ATOM   319  C CD2 . PHE A 1 38  ? -9.019  -1.405  9.163   1.00 24.74 ? 440 PHE A CD2 1 
ATOM   320  C CE1 . PHE A 1 38  ? -10.953 0.150   7.907   1.00 23.32 ? 440 PHE A CE1 1 
ATOM   321  C CE2 . PHE A 1 38  ? -10.377 -1.599  9.456   1.00 24.28 ? 440 PHE A CE2 1 
ATOM   322  C CZ  . PHE A 1 38  ? -11.341 -0.819  8.827   1.00 23.63 ? 440 PHE A CZ  1 
ATOM   323  N N   . ASP A 1 39  ? -5.628  -0.203  10.702  1.00 26.74 ? 441 ASP A N   1 
ATOM   324  C CA  . ASP A 1 39  ? -5.653  -0.571  12.118  1.00 26.87 ? 441 ASP A CA  1 
ATOM   325  C C   . ASP A 1 39  ? -5.312  0.605   13.016  1.00 26.40 ? 441 ASP A C   1 
ATOM   326  O O   . ASP A 1 39  ? -5.647  0.584   14.214  1.00 24.02 ? 441 ASP A O   1 
ATOM   327  C CB  . ASP A 1 39  ? -4.717  -1.747  12.389  1.00 25.91 ? 441 ASP A CB  1 
ATOM   328  C CG  . ASP A 1 39  ? -5.309  -3.074  11.905  1.00 28.80 ? 441 ASP A CG  1 
ATOM   329  O OD1 . ASP A 1 39  ? -6.539  -3.115  11.706  1.00 24.31 ? 441 ASP A OD1 1 
ATOM   330  O OD2 . ASP A 1 39  ? -4.564  -4.064  11.711  1.00 27.16 ? 441 ASP A OD2 1 
ATOM   331  N N   . ARG A 1 40  ? -4.706  1.647   12.457  1.00 22.62 ? 442 ARG A N   1 
ATOM   332  C CA  . ARG A 1 40  ? -4.412  2.832   13.244  1.00 27.27 ? 442 ARG A CA  1 
ATOM   333  C C   . ARG A 1 40  ? -5.558  3.833   13.232  1.00 29.17 ? 442 ARG A C   1 
ATOM   334  O O   . ARG A 1 40  ? -5.880  4.414   14.276  1.00 22.33 ? 442 ARG A O   1 
ATOM   335  C CB  . ARG A 1 40  ? -3.133  3.501   12.737  1.00 24.36 ? 442 ARG A CB  1 
ATOM   336  C CG  . ARG A 1 40  ? -2.637  4.620   13.648  1.00 20.49 ? 442 ARG A CG  1 
ATOM   337  C CD  . ARG A 1 40  ? -1.505  5.380   12.968  1.00 25.47 ? 442 ARG A CD  1 
ATOM   338  N NE  . ARG A 1 40  ? -1.937  6.009   11.720  1.00 23.56 ? 442 ARG A NE  1 
ATOM   339  C CZ  . ARG A 1 40  ? -1.160  6.794   10.975  1.00 28.83 ? 442 ARG A CZ  1 
ATOM   340  N NH1 . ARG A 1 40  ? 0.096   7.039   11.342  1.00 25.63 ? 442 ARG A NH1 1 
ATOM   341  N NH2 . ARG A 1 40  ? -1.636  7.338   9.864   1.00 29.42 ? 442 ARG A NH2 1 
ATOM   342  N N   . ASP A 1 41  ? -6.212  4.011   12.080  1.00 28.00 ? 443 ASP A N   1 
ATOM   343  C CA  . ASP A 1 41  ? -7.072  5.166   11.859  1.00 30.44 ? 443 ASP A CA  1 
ATOM   344  C C   . ASP A 1 41  ? -8.557  4.830   11.781  1.00 31.01 ? 443 ASP A C   1 
ATOM   345  O O   . ASP A 1 41  ? -9.372  5.753   11.717  1.00 31.37 ? 443 ASP A O   1 
ATOM   346  C CB  . ASP A 1 41  ? -6.634  5.890   10.573  1.00 27.91 ? 443 ASP A CB  1 
ATOM   347  C CG  . ASP A 1 41  ? -5.134  6.224   10.572  1.00 30.90 ? 443 ASP A CG  1 
ATOM   348  O OD1 . ASP A 1 41  ? -4.643  6.798   11.565  1.00 30.07 ? 443 ASP A OD1 1 
ATOM   349  O OD2 . ASP A 1 41  ? -4.432  5.903   9.593   1.00 30.90 ? 443 ASP A OD2 1 
ATOM   350  N N   . SER A 1 42  ? -8.930  3.550   11.799  1.00 28.85 ? 444 SER A N   1 
ATOM   351  C CA  . SER A 1 42  ? -10.316 3.123   11.669  1.00 27.69 ? 444 SER A CA  1 
ATOM   352  C C   . SER A 1 42  ? -11.067 3.182   13.003  1.00 31.86 ? 444 SER A C   1 
ATOM   353  O O   . SER A 1 42  ? -10.486 3.279   14.090  1.00 30.57 ? 444 SER A O   1 
ATOM   354  C CB  . SER A 1 42  ? -10.380 1.696   11.136  1.00 30.89 ? 444 SER A CB  1 
ATOM   355  O OG  . SER A 1 42  ? -10.052 0.773   12.179  1.00 25.32 ? 444 SER A OG  1 
ATOM   356  N N   . LEU A 1 43  ? -12.392 3.071   12.904  1.00 34.65 ? 445 LEU A N   1 
ATOM   357  C CA  . LEU A 1 43  ? -13.348 2.983   13.995  1.00 31.63 ? 445 LEU A CA  1 
ATOM   358  C C   . LEU A 1 43  ? -13.842 1.548   14.124  1.00 34.47 ? 445 LEU A C   1 
ATOM   359  O O   . LEU A 1 43  ? -14.056 0.884   13.105  1.00 32.40 ? 445 LEU A O   1 
ATOM   360  C CB  . LEU A 1 43  ? -14.545 3.911   13.747  1.00 37.93 ? 445 LEU A CB  1 
ATOM   361  C CG  . LEU A 1 43  ? -14.472 5.420   14.019  1.00 41.58 ? 445 LEU A CG  1 
ATOM   362  C CD1 . LEU A 1 43  ? -13.185 6.033   13.507  1.00 41.01 ? 445 LEU A CD1 1 
ATOM   363  C CD2 . LEU A 1 43  ? -15.665 6.108   13.360  1.00 41.86 ? 445 LEU A CD2 1 
ATOM   364  N N   . PRO A 1 44  ? -14.050 1.044   15.338  1.00 35.26 ? 446 PRO A N   1 
ATOM   365  C CA  . PRO A 1 44  ? -14.480 -0.348  15.490  1.00 33.28 ? 446 PRO A CA  1 
ATOM   366  C C   . PRO A 1 44  ? -15.919 -0.518  15.024  1.00 36.82 ? 446 PRO A C   1 
ATOM   367  O O   . PRO A 1 44  ? -16.714 0.422   15.017  1.00 33.96 ? 446 PRO A O   1 
ATOM   368  C CB  . PRO A 1 44  ? -14.349 -0.597  16.995  1.00 39.97 ? 446 PRO A CB  1 
ATOM   369  C CG  . PRO A 1 44  ? -14.619 0.758   17.599  1.00 39.22 ? 446 PRO A CG  1 
ATOM   370  C CD  . PRO A 1 44  ? -14.085 1.777   16.616  1.00 35.97 ? 446 PRO A CD  1 
ATOM   371  N N   . GLY A 1 45  ? -16.247 -1.745  14.619  1.00 41.45 ? 447 GLY A N   1 
ATOM   372  C CA  . GLY A 1 45  ? -17.613 -1.976  14.153  1.00 39.15 ? 447 GLY A CA  1 
ATOM   373  C C   . GLY A 1 45  ? -17.920 -1.234  12.853  1.00 39.90 ? 447 GLY A C   1 
ATOM   374  O O   . GLY A 1 45  ? -17.033 -0.801  12.114  1.00 43.62 ? 447 GLY A O   1 
ATOM   375  N N   . GLY A 1 46  ? -19.212 -1.078  12.581  1.00 45.06 ? 448 GLY A N   1 
ATOM   376  C CA  . GLY A 1 46  ? -19.622 -0.566  11.286  1.00 43.69 ? 448 GLY A CA  1 
ATOM   377  C C   . GLY A 1 46  ? -19.324 -1.572  10.192  1.00 40.97 ? 448 GLY A C   1 
ATOM   378  O O   . GLY A 1 46  ? -18.789 -2.647  10.473  1.00 38.51 ? 448 GLY A O   1 
ATOM   379  N N   . ASN A 1 47  ? -19.659 -1.262  8.946   1.00 36.52 ? 449 ASN A N   1 
ATOM   380  C CA  . ASN A 1 47  ? -19.405 -2.213  7.874   1.00 33.65 ? 449 ASN A CA  1 
ATOM   381  C C   . ASN A 1 47  ? -17.957 -2.098  7.414   1.00 29.45 ? 449 ASN A C   1 
ATOM   382  O O   . ASN A 1 47  ? -17.531 -1.037  6.940   1.00 34.48 ? 449 ASN A O   1 
ATOM   383  C CB  . ASN A 1 47  ? -20.363 -1.990  6.708   1.00 38.86 ? 449 ASN A CB  1 
ATOM   384  C CG  . ASN A 1 47  ? -20.115 -2.964  5.580   1.00 37.52 ? 449 ASN A CG  1 
ATOM   385  O OD1 . ASN A 1 47  ? -19.377 -2.660  4.644   1.00 33.87 ? 449 ASN A OD1 1 
ATOM   386  N ND2 . ASN A 1 47  ? -20.695 -4.165  5.683   1.00 35.13 ? 449 ASN A ND2 1 
ATOM   387  N N   . THR A 1 48  ? -17.203 -3.193  7.537   1.00 31.70 ? 450 THR A N   1 
ATOM   388  C CA  . THR A 1 48  ? -15.784 -3.150  7.185   1.00 30.80 ? 450 THR A CA  1 
ATOM   389  C C   . THR A 1 48  ? -15.568 -2.727  5.732   1.00 29.75 ? 450 THR A C   1 
ATOM   390  O O   . THR A 1 48  ? -14.695 -1.905  5.446   1.00 29.39 ? 450 THR A O   1 
ATOM   391  C CB  . THR A 1 48  ? -15.131 -4.510  7.444   1.00 32.53 ? 450 THR A CB  1 
ATOM   392  O OG1 . THR A 1 48  ? -15.312 -4.876  8.819   1.00 27.99 ? 450 THR A OG1 1 
ATOM   393  C CG2 . THR A 1 48  ? -13.638 -4.438  7.156   1.00 27.52 ? 450 THR A CG2 1 
ATOM   394  N N   . VAL A 1 49  ? -16.353 -3.277  4.798   1.00 30.51 ? 451 VAL A N   1 
ATOM   395  C CA  . VAL A 1 49  ? -16.174 -2.919  3.393   1.00 30.45 ? 451 VAL A CA  1 
ATOM   396  C C   . VAL A 1 49  ? -16.349 -1.417  3.204   1.00 27.54 ? 451 VAL A C   1 
ATOM   397  O O   . VAL A 1 49  ? -15.603 -0.773  2.458   1.00 30.04 ? 451 VAL A O   1 
ATOM   398  C CB  . VAL A 1 49  ? -17.156 -3.701  2.499   1.00 30.11 ? 451 VAL A CB  1 
ATOM   399  C CG1 . VAL A 1 49  ? -17.202 -3.077  1.111   1.00 24.97 ? 451 VAL A CG1 1 
ATOM   400  C CG2 . VAL A 1 49  ? -16.784 -5.178  2.421   1.00 33.09 ? 451 VAL A CG2 1 
ATOM   401  N N   . GLU A 1 50  ? -17.342 -0.839  3.872   1.00 28.11 ? 452 GLU A N   1 
ATOM   402  C CA  . GLU A 1 50  ? -17.597 0.587   3.722   1.00 33.36 ? 452 GLU A CA  1 
ATOM   403  C C   . GLU A 1 50  ? -16.454 1.421   4.287   1.00 30.60 ? 452 GLU A C   1 
ATOM   404  O O   . GLU A 1 50  ? -16.066 2.433   3.696   1.00 31.93 ? 452 GLU A O   1 
ATOM   405  C CB  . GLU A 1 50  ? -18.918 0.940   4.403   1.00 35.55 ? 452 GLU A CB  1 
ATOM   406  C CG  . GLU A 1 50  ? -19.222 2.415   4.438   1.00 37.80 ? 452 GLU A CG  1 
ATOM   407  C CD  . GLU A 1 50  ? -20.526 2.701   5.147   1.00 48.37 ? 452 GLU A CD  1 
ATOM   408  O OE1 . GLU A 1 50  ? -21.103 1.760   5.740   1.00 51.88 ? 452 GLU A OE1 1 
ATOM   409  O OE2 . GLU A 1 50  ? -20.978 3.864   5.107   1.00 55.33 ? 452 GLU A OE2 1 
ATOM   410  N N   . ALA A 1 51  ? -15.892 1.010   5.422   1.00 31.66 ? 453 ALA A N   1 
ATOM   411  C CA  . ALA A 1 51  ? -14.816 1.796   6.029   1.00 31.68 ? 453 ALA A CA  1 
ATOM   412  C C   . ALA A 1 51  ? -13.556 1.780   5.164   1.00 27.88 ? 453 ALA A C   1 
ATOM   413  O O   . ALA A 1 51  ? -12.921 2.822   4.965   1.00 29.40 ? 453 ALA A O   1 
ATOM   414  C CB  . ALA A 1 51  ? -14.520 1.269   7.433   1.00 32.43 ? 453 ALA A CB  1 
ATOM   415  N N   . VAL A 1 52  ? -13.198 0.615   4.610   1.00 23.41 ? 454 VAL A N   1 
ATOM   416  C CA  . VAL A 1 52  ? -11.998 0.545   3.773   1.00 27.50 ? 454 VAL A CA  1 
ATOM   417  C C   . VAL A 1 52  ? -12.195 1.326   2.480   1.00 30.17 ? 454 VAL A C   1 
ATOM   418  O O   . VAL A 1 52  ? -11.294 2.046   2.031   1.00 30.00 ? 454 VAL A O   1 
ATOM   419  C CB  . VAL A 1 52  ? -11.626 -0.921  3.487   1.00 27.74 ? 454 VAL A CB  1 
ATOM   420  C CG1 . VAL A 1 52  ? -10.461 -1.000  2.508   1.00 25.39 ? 454 VAL A CG1 1 
ATOM   421  C CG2 . VAL A 1 52  ? -11.285 -1.633  4.783   1.00 27.11 ? 454 VAL A CG2 1 
ATOM   422  N N   . PHE A 1 53  ? -13.364 1.175   1.850   1.00 27.73 ? 455 PHE A N   1 
ATOM   423  C CA  . PHE A 1 53  ? -13.639 1.863   0.589   1.00 29.14 ? 455 PHE A CA  1 
ATOM   424  C C   . PHE A 1 53  ? -13.551 3.369   0.774   1.00 27.60 ? 455 PHE A C   1 
ATOM   425  O O   . PHE A 1 53  ? -12.872 4.069   0.013   1.00 32.02 ? 455 PHE A O   1 
ATOM   426  C CB  . PHE A 1 53  ? -15.027 1.445   0.093   1.00 30.17 ? 455 PHE A CB  1 
ATOM   427  C CG  . PHE A 1 53  ? -15.417 2.024   -1.245  1.00 34.86 ? 455 PHE A CG  1 
ATOM   428  C CD1 . PHE A 1 53  ? -14.730 1.673   -2.401  1.00 31.80 ? 455 PHE A CD1 1 
ATOM   429  C CD2 . PHE A 1 53  ? -16.499 2.899   -1.346  1.00 34.03 ? 455 PHE A CD2 1 
ATOM   430  C CE1 . PHE A 1 53  ? -15.104 2.198   -3.638  1.00 38.73 ? 455 PHE A CE1 1 
ATOM   431  C CE2 . PHE A 1 53  ? -16.879 3.431   -2.576  1.00 35.72 ? 455 PHE A CE2 1 
ATOM   432  C CZ  . PHE A 1 53  ? -16.184 3.075   -3.727  1.00 38.08 ? 455 PHE A CZ  1 
ATOM   433  N N   . ASP A 1 54  ? -14.203 3.876   1.816   1.00 29.88 ? 456 ASP A N   1 
ATOM   434  C CA  . ASP A 1 54  ? -14.173 5.297   2.134   1.00 28.97 ? 456 ASP A CA  1 
ATOM   435  C C   . ASP A 1 54  ? -12.739 5.795   2.296   1.00 31.29 ? 456 ASP A C   1 
ATOM   436  O O   . ASP A 1 54  ? -12.344 6.793   1.682   1.00 34.07 ? 456 ASP A O   1 
ATOM   437  C CB  . ASP A 1 54  ? -15.005 5.529   3.403   1.00 37.27 ? 456 ASP A CB  1 
ATOM   438  C CG  . ASP A 1 54  ? -14.853 6.926   3.978   1.00 38.82 ? 456 ASP A CG  1 
ATOM   439  O OD1 . ASP A 1 54  ? -15.364 7.887   3.359   1.00 41.01 ? 456 ASP A OD1 1 
ATOM   440  O OD2 . ASP A 1 54  ? -14.244 7.056   5.068   1.00 40.20 ? 456 ASP A OD2 1 
ATOM   441  N N   . PHE A 1 55  ? -11.935 5.086   3.102   1.00 32.97 ? 457 PHE A N   1 
ATOM   442  C CA  . PHE A 1 55  ? -10.542 5.484   3.315   1.00 32.20 ? 457 PHE A CA  1 
ATOM   443  C C   . PHE A 1 55  ? -9.761  5.505   2.001   1.00 31.30 ? 457 PHE A C   1 
ATOM   444  O O   . PHE A 1 55  ? -9.003  6.444   1.734   1.00 30.86 ? 457 PHE A O   1 
ATOM   445  C CB  . PHE A 1 55  ? -9.860  4.534   4.310   1.00 29.79 ? 457 PHE A CB  1 
ATOM   446  C CG  . PHE A 1 55  ? -10.151 4.834   5.762   1.00 27.46 ? 457 PHE A CG  1 
ATOM   447  C CD1 . PHE A 1 55  ? -10.118 6.137   6.248   1.00 28.39 ? 457 PHE A CD1 1 
ATOM   448  C CD2 . PHE A 1 55  ? -10.453 3.795   6.639   1.00 28.77 ? 457 PHE A CD2 1 
ATOM   449  C CE1 . PHE A 1 55  ? -10.378 6.407   7.589   1.00 33.02 ? 457 PHE A CE1 1 
ATOM   450  C CE2 . PHE A 1 55  ? -10.714 4.043   7.985   1.00 34.34 ? 457 PHE A CE2 1 
ATOM   451  C CZ  . PHE A 1 55  ? -10.672 5.367   8.465   1.00 30.22 ? 457 PHE A CZ  1 
ATOM   452  N N   . ILE A 1 56  ? -9.908  4.463   1.178   1.00 29.22 ? 458 ILE A N   1 
ATOM   453  C CA  . ILE A 1 56  ? -9.191  4.441   -0.101  1.00 32.14 ? 458 ILE A CA  1 
ATOM   454  C C   . ILE A 1 56  ? -9.631  5.604   -0.978  1.00 31.45 ? 458 ILE A C   1 
ATOM   455  O O   . ILE A 1 56  ? -8.800  6.284   -1.596  1.00 34.17 ? 458 ILE A O   1 
ATOM   456  C CB  . ILE A 1 56  ? -9.384  3.089   -0.812  1.00 29.41 ? 458 ILE A CB  1 
ATOM   457  C CG1 . ILE A 1 56  ? -8.756  1.966   0.015   1.00 29.20 ? 458 ILE A CG1 1 
ATOM   458  C CG2 . ILE A 1 56  ? -8.775  3.126   -2.215  1.00 27.63 ? 458 ILE A CG2 1 
ATOM   459  C CD1 . ILE A 1 56  ? -8.918  0.611   -0.589  1.00 26.47 ? 458 ILE A CD1 1 
ATOM   460  N N   . GLN A 1 57  ? -10.939 5.876   -1.029  1.00 28.57 ? 459 GLN A N   1 
ATOM   461  C CA  . GLN A 1 57  ? -11.423 6.975   -1.861  1.00 31.26 ? 459 GLN A CA  1 
ATOM   462  C C   . GLN A 1 57  ? -10.886 8.319   -1.401  1.00 31.19 ? 459 GLN A C   1 
ATOM   463  O O   . GLN A 1 57  ? -10.808 9.250   -2.207  1.00 31.42 ? 459 GLN A O   1 
ATOM   464  C CB  . GLN A 1 57  ? -12.951 7.023   -1.864  1.00 32.84 ? 459 GLN A CB  1 
ATOM   465  C CG  . GLN A 1 57  ? -13.591 6.131   -2.907  1.00 35.61 ? 459 GLN A CG  1 
ATOM   466  C CD  . GLN A 1 57  ? -15.086 6.349   -3.024  1.00 39.47 ? 459 GLN A CD  1 
ATOM   467  O OE1 . GLN A 1 57  ? -15.786 6.477   -2.022  1.00 42.03 ? 459 GLN A OE1 1 
ATOM   468  N NE2 . GLN A 1 57  ? -15.584 6.388   -4.252  1.00 42.94 ? 459 GLN A NE2 1 
ATOM   469  N N   . ARG A 1 58  ? -10.524 8.441   -0.128  1.00 33.24 ? 460 ARG A N   1 
ATOM   470  C CA  . ARG A 1 58  ? -10.030 9.690   0.430   1.00 33.95 ? 460 ARG A CA  1 
ATOM   471  C C   . ARG A 1 58  ? -8.512  9.801   0.367   1.00 36.89 ? 460 ARG A C   1 
ATOM   472  O O   . ARG A 1 58  ? -7.946  10.687  1.016   1.00 36.22 ? 460 ARG A O   1 
ATOM   473  C CB  . ARG A 1 58  ? -10.489 9.836   1.883   1.00 37.69 ? 460 ARG A CB  1 
ATOM   474  C CG  . ARG A 1 58  ? -11.975 10.073  2.082   1.00 36.10 ? 460 ARG A CG  1 
ATOM   475  C CD  . ARG A 1 58  ? -12.445 9.504   3.426   1.00 42.12 ? 460 ARG A CD  1 
ATOM   476  N NE  . ARG A 1 58  ? -12.047 10.324  4.576   1.00 44.93 ? 460 ARG A NE  1 
ATOM   477  C CZ  . ARG A 1 58  ? -12.186 9.952   5.850   1.00 51.10 ? 460 ARG A CZ  1 
ATOM   478  N NH1 . ARG A 1 58  ? -12.704 8.765   6.147   1.00 49.05 ? 460 ARG A NH1 1 
ATOM   479  N NH2 . ARG A 1 58  ? -11.805 10.761  6.834   1.00 53.03 ? 460 ARG A NH2 1 
ATOM   480  N N   . SER A 1 59  ? -7.840  8.936   -0.394  1.00 34.42 ? 461 SER A N   1 
ATOM   481  C CA  . SER A 1 59  ? -6.385  8.924   -0.433  1.00 33.57 ? 461 SER A CA  1 
ATOM   482  C C   . SER A 1 59  ? -5.872  9.170   -1.842  1.00 34.07 ? 461 SER A C   1 
ATOM   483  O O   . SER A 1 59  ? -6.382  8.600   -2.812  1.00 35.86 ? 461 SER A O   1 
ATOM   484  C CB  . SER A 1 59  ? -5.823  7.599   0.096   1.00 32.51 ? 461 SER A CB  1 
ATOM   485  O OG  . SER A 1 59  ? -6.556  7.147   1.217   1.00 30.53 ? 461 SER A OG  1 
ATOM   486  N N   . ARG A 1 60  ? -4.828  10.004  -1.933  1.00 29.81 ? 462 ARG A N   1 
ATOM   487  C CA  . ARG A 1 60  ? -4.224  10.344  -3.217  1.00 35.34 ? 462 ARG A CA  1 
ATOM   488  C C   . ARG A 1 60  ? -3.541  9.140   -3.864  1.00 32.71 ? 462 ARG A C   1 
ATOM   489  O O   . ARG A 1 60  ? -3.452  9.064   -5.094  1.00 29.67 ? 462 ARG A O   1 
ATOM   490  C CB  . ARG A 1 60  ? -3.209  11.478  -3.030  1.00 30.22 ? 462 ARG A CB  1 
ATOM   491  C CG  . ARG A 1 60  ? -3.805  12.833  -2.655  1.00 31.35 ? 462 ARG A CG  1 
ATOM   492  C CD  . ARG A 1 60  ? -2.719  13.894  -2.425  1.00 40.98 ? 462 ARG A CD  1 
ATOM   493  N NE  . ARG A 1 60  ? -3.233  15.267  -2.494  1.00 58.16 ? 462 ARG A NE  1 
ATOM   494  C CZ  . ARG A 1 60  ? -3.802  15.925  -1.480  1.00 55.49 ? 462 ARG A CZ  1 
ATOM   495  N NH1 . ARG A 1 60  ? -3.957  15.340  -0.294  1.00 47.09 ? 462 ARG A NH1 1 
ATOM   496  N NH2 . ARG A 1 60  ? -4.225  17.175  -1.653  1.00 57.39 ? 462 ARG A NH2 1 
ATOM   497  N N   . ARG A 1 61  ? -3.022  8.224   -3.053  1.00 27.60 ? 463 ARG A N   1 
ATOM   498  C CA  . ARG A 1 61  ? -2.302  7.051   -3.526  1.00 27.30 ? 463 ARG A CA  1 
ATOM   499  C C   . ARG A 1 61  ? -2.710  5.879   -2.653  1.00 28.18 ? 463 ARG A C   1 
ATOM   500  O O   . ARG A 1 61  ? -3.240  6.059   -1.553  1.00 26.79 ? 463 ARG A O   1 
ATOM   501  C CB  . ARG A 1 61  ? -0.773  7.225   -3.454  1.00 28.45 ? 463 ARG A CB  1 
ATOM   502  C CG  . ARG A 1 61  ? -0.187  8.365   -4.274  1.00 24.07 ? 463 ARG A CG  1 
ATOM   503  C CD  . ARG A 1 61  ? -0.054  7.961   -5.753  1.00 31.36 ? 463 ARG A CD  1 
ATOM   504  N NE  . ARG A 1 61  ? 0.758   8.907   -6.520  1.00 32.36 ? 463 ARG A NE  1 
ATOM   505  C CZ  . ARG A 1 61  ? 0.313   10.074  -6.983  1.00 36.42 ? 463 ARG A CZ  1 
ATOM   506  N NH1 . ARG A 1 61  ? -0.944  10.447  -6.754  1.00 26.44 ? 463 ARG A NH1 1 
ATOM   507  N NH2 . ARG A 1 61  ? 1.131   10.874  -7.671  1.00 33.30 ? 463 ARG A NH2 1 
ATOM   508  N N   . MET A 1 62  ? -2.455  4.667   -3.148  1.00 24.73 ? 464 MET A N   1 
ATOM   509  C CA  . MET A 1 62  ? -2.572  3.471   -2.326  1.00 26.09 ? 464 MET A CA  1 
ATOM   510  C C   . MET A 1 62  ? -1.361  2.584   -2.558  1.00 25.14 ? 464 MET A C   1 
ATOM   511  O O   . MET A 1 62  ? -1.052  2.233   -3.704  1.00 27.84 ? 464 MET A O   1 
ATOM   512  C CB  . MET A 1 62  ? -3.860  2.687   -2.617  1.00 29.46 ? 464 MET A CB  1 
ATOM   513  C CG  . MET A 1 62  ? -3.904  1.319   -1.953  1.00 26.23 ? 464 MET A CG  1 
ATOM   514  S SD  . MET A 1 62  ? -5.472  0.482   -2.266  1.00 32.09 ? 464 MET A SD  1 
ATOM   515  C CE  . MET A 1 62  ? -5.483  -0.730  -0.957  1.00 25.20 ? 464 MET A CE  1 
ATOM   516  N N   . ILE A 1 63  ? -0.687  2.214   -1.476  1.00 23.49 ? 465 ILE A N   1 
ATOM   517  C CA  . ILE A 1 63  ? 0.426   1.279   -1.558  1.00 25.07 ? 465 ILE A CA  1 
ATOM   518  C C   . ILE A 1 63  ? -0.099  -0.124  -1.278  1.00 24.68 ? 465 ILE A C   1 
ATOM   519  O O   . ILE A 1 63  ? -0.723  -0.372  -0.236  1.00 28.48 ? 465 ILE A O   1 
ATOM   520  C CB  . ILE A 1 63  ? 1.552   1.664   -0.578  1.00 25.41 ? 465 ILE A CB  1 
ATOM   521  C CG1 . ILE A 1 63  ? 2.362   2.860   -1.110  1.00 21.65 ? 465 ILE A CG1 1 
ATOM   522  C CG2 . ILE A 1 63  ? 2.456   0.478   -0.338  1.00 21.21 ? 465 ILE A CG2 1 
ATOM   523  C CD1 . ILE A 1 63  ? 3.337   3.419   -0.105  1.00 23.28 ? 465 ILE A CD1 1 
ATOM   524  N N   . VAL A 1 64  ? 0.152   -1.039  -2.214  1.00 21.66 ? 466 VAL A N   1 
ATOM   525  C CA  . VAL A 1 64  ? -0.034  -2.470  -2.012  1.00 24.32 ? 466 VAL A CA  1 
ATOM   526  C C   . VAL A 1 64  ? 1.323   -3.042  -1.630  1.00 28.60 ? 466 VAL A C   1 
ATOM   527  O O   . VAL A 1 64  ? 2.256   -3.051  -2.440  1.00 23.95 ? 466 VAL A O   1 
ATOM   528  C CB  . VAL A 1 64  ? -0.585  -3.156  -3.270  1.00 27.59 ? 466 VAL A CB  1 
ATOM   529  C CG1 . VAL A 1 64  ? -0.529  -4.672  -3.112  1.00 26.47 ? 466 VAL A CG1 1 
ATOM   530  C CG2 . VAL A 1 64  ? -2.007  -2.679  -3.561  1.00 24.51 ? 466 VAL A CG2 1 
ATOM   531  N N   . VAL A 1 65  ? 1.448   -3.520  -0.388  1.00 28.69 ? 467 VAL A N   1 
ATOM   532  C CA  . VAL A 1 65  ? 2.682   -4.159  0.072   1.00 28.33 ? 467 VAL A CA  1 
ATOM   533  C C   . VAL A 1 65  ? 2.539   -5.649  -0.248  1.00 27.91 ? 467 VAL A C   1 
ATOM   534  O O   . VAL A 1 65  ? 1.972   -6.425  0.522   1.00 25.33 ? 467 VAL A O   1 
ATOM   535  C CB  . VAL A 1 65  ? 2.950   -3.900  1.553   1.00 31.44 ? 467 VAL A CB  1 
ATOM   536  C CG1 . VAL A 1 65  ? 4.239   -4.597  1.973   1.00 33.56 ? 467 VAL A CG1 1 
ATOM   537  C CG2 . VAL A 1 65  ? 3.059   -2.379  1.824   1.00 27.85 ? 467 VAL A CG2 1 
ATOM   538  N N   . LEU A 1 66  ? 3.076   -6.048  -1.400  1.00 30.84 ? 468 LEU A N   1 
ATOM   539  C CA  . LEU A 1 66  ? 2.812   -7.378  -1.946  1.00 30.06 ? 468 LEU A CA  1 
ATOM   540  C C   . LEU A 1 66  ? 3.700   -8.432  -1.295  1.00 29.35 ? 468 LEU A C   1 
ATOM   541  O O   . LEU A 1 66  ? 4.927   -8.292  -1.271  1.00 31.99 ? 468 LEU A O   1 
ATOM   542  C CB  . LEU A 1 66  ? 3.035   -7.382  -3.463  1.00 28.37 ? 468 LEU A CB  1 
ATOM   543  C CG  . LEU A 1 66  ? 2.606   -8.665  -4.192  1.00 29.68 ? 468 LEU A CG  1 
ATOM   544  C CD1 . LEU A 1 66  ? 1.106   -8.917  -4.010  1.00 29.48 ? 468 LEU A CD1 1 
ATOM   545  C CD2 . LEU A 1 66  ? 2.960   -8.619  -5.666  1.00 32.78 ? 468 LEU A CD2 1 
ATOM   546  N N   . SER A 1 67  ? 3.084   -9.507  -0.814  1.00 34.74 ? 469 SER A N   1 
ATOM   547  C CA  . SER A 1 67  ? 3.811   -10.661 -0.292  1.00 33.22 ? 469 SER A CA  1 
ATOM   548  C C   . SER A 1 67  ? 2.901   -11.882 -0.381  1.00 34.68 ? 469 SER A C   1 
ATOM   549  O O   . SER A 1 67  ? 1.686   -11.738 -0.516  1.00 36.06 ? 469 SER A O   1 
ATOM   550  C CB  . SER A 1 67  ? 4.238   -10.428 1.160   1.00 33.14 ? 469 SER A CB  1 
ATOM   551  O OG  . SER A 1 67  ? 3.119   -10.614 1.996   1.00 31.12 ? 469 SER A OG  1 
ATOM   552  N N   . PRO A 1 68  ? 3.467   -13.098 -0.282  1.00 39.31 ? 470 PRO A N   1 
ATOM   553  C CA  . PRO A 1 68  ? 2.614   -14.306 -0.223  1.00 41.24 ? 470 PRO A CA  1 
ATOM   554  C C   . PRO A 1 68  ? 1.423   -14.195 0.715   1.00 36.70 ? 470 PRO A C   1 
ATOM   555  O O   . PRO A 1 68  ? 0.320   -14.614 0.342   1.00 33.62 ? 470 PRO A O   1 
ATOM   556  C CB  . PRO A 1 68  ? 3.593   -15.388 0.251   1.00 44.56 ? 470 PRO A CB  1 
ATOM   557  C CG  . PRO A 1 68  ? 4.917   -14.939 -0.274  1.00 46.17 ? 470 PRO A CG  1 
ATOM   558  C CD  . PRO A 1 68  ? 4.904   -13.437 -0.274  1.00 38.96 ? 470 PRO A CD  1 
ATOM   559  N N   . ASP A 1 69  ? 1.603   -13.631 1.916   1.00 37.06 ? 471 ASP A N   1 
ATOM   560  C CA  . ASP A 1 69  ? 0.484   -13.546 2.856   1.00 35.52 ? 471 ASP A CA  1 
ATOM   561  C C   . ASP A 1 69  ? -0.560  -12.534 2.421   1.00 32.78 ? 471 ASP A C   1 
ATOM   562  O O   . ASP A 1 69  ? -1.742  -12.693 2.747   1.00 32.15 ? 471 ASP A O   1 
ATOM   563  C CB  . ASP A 1 69  ? 0.968   -13.167 4.248   1.00 35.71 ? 471 ASP A CB  1 
ATOM   564  C CG  . ASP A 1 69  ? 1.800   -14.224 4.859   1.00 44.38 ? 471 ASP A CG  1 
ATOM   565  O OD1 . ASP A 1 69  ? 3.016   -14.238 4.566   1.00 48.75 ? 471 ASP A OD1 1 
ATOM   566  O OD2 . ASP A 1 69  ? 1.236   -15.047 5.607   1.00 39.21 ? 471 ASP A OD2 1 
ATOM   567  N N   . TYR A 1 70  ? -0.138  -11.460 1.758   1.00 32.42 ? 472 TYR A N   1 
ATOM   568  C CA  . TYR A 1 70  ? -1.086  -10.444 1.318   1.00 30.06 ? 472 TYR A CA  1 
ATOM   569  C C   . TYR A 1 70  ? -2.206  -11.061 0.488   1.00 34.46 ? 472 TYR A C   1 
ATOM   570  O O   . TYR A 1 70  ? -3.378  -10.692 0.641   1.00 28.80 ? 472 TYR A O   1 
ATOM   571  C CB  . TYR A 1 70  ? -0.347  -9.372  0.517   1.00 30.07 ? 472 TYR A CB  1 
ATOM   572  C CG  . TYR A 1 70  ? -1.202  -8.203  0.080   1.00 28.97 ? 472 TYR A CG  1 
ATOM   573  C CD1 . TYR A 1 70  ? -1.916  -8.243  -1.115  1.00 27.41 ? 472 TYR A CD1 1 
ATOM   574  C CD2 . TYR A 1 70  ? -1.281  -7.054  0.853   1.00 29.39 ? 472 TYR A CD2 1 
ATOM   575  C CE1 . TYR A 1 70  ? -2.696  -7.173  -1.514  1.00 28.69 ? 472 TYR A CE1 1 
ATOM   576  C CE2 . TYR A 1 70  ? -2.054  -5.976  0.458   1.00 31.29 ? 472 TYR A CE2 1 
ATOM   577  C CZ  . TYR A 1 70  ? -2.757  -6.043  -0.723  1.00 27.43 ? 472 TYR A CZ  1 
ATOM   578  O OH  . TYR A 1 70  ? -3.524  -4.972  -1.104  1.00 29.58 ? 472 TYR A OH  1 
ATOM   579  N N   . VAL A 1 71  ? -1.866  -12.034 -0.372  1.00 33.78 ? 473 VAL A N   1 
ATOM   580  C CA  . VAL A 1 71  ? -2.795  -12.510 -1.390  1.00 33.54 ? 473 VAL A CA  1 
ATOM   581  C C   . VAL A 1 71  ? -3.648  -13.678 -0.918  1.00 36.67 ? 473 VAL A C   1 
ATOM   582  O O   . VAL A 1 71  ? -4.435  -14.205 -1.717  1.00 37.53 ? 473 VAL A O   1 
ATOM   583  C CB  . VAL A 1 71  ? -2.065  -12.923 -2.688  1.00 32.91 ? 473 VAL A CB  1 
ATOM   584  C CG1 . VAL A 1 71  ? -1.350  -11.746 -3.291  1.00 31.27 ? 473 VAL A CG1 1 
ATOM   585  C CG2 . VAL A 1 71  ? -1.098  -14.072 -2.433  1.00 36.26 ? 473 VAL A CG2 1 
ATOM   586  N N   . THR A 1 72  ? -3.534  -14.094 0.346   1.00 34.93 ? 474 THR A N   1 
ATOM   587  C CA  . THR A 1 72  ? -4.327  -15.223 0.808   1.00 35.55 ? 474 THR A CA  1 
ATOM   588  C C   . THR A 1 72  ? -5.810  -14.900 0.686   1.00 38.31 ? 474 THR A C   1 
ATOM   589  O O   . THR A 1 72  ? -6.251  -13.798 1.026   1.00 34.33 ? 474 THR A O   1 
ATOM   590  C CB  . THR A 1 72  ? -3.969  -15.589 2.252   1.00 39.69 ? 474 THR A CB  1 
ATOM   591  O OG1 . THR A 1 72  ? -4.513  -14.620 3.158   1.00 38.69 ? 474 THR A OG1 1 
ATOM   592  C CG2 . THR A 1 72  ? -2.461  -15.658 2.421   1.00 37.26 ? 474 THR A CG2 1 
ATOM   593  N N   . GLU A 1 73  ? -6.565  -15.852 0.146   1.00 37.96 ? 475 GLU A N   1 
ATOM   594  C CA  . GLU A 1 73  ? -7.999  -15.682 -0.036  1.00 41.96 ? 475 GLU A CA  1 
ATOM   595  C C   . GLU A 1 73  ? -8.690  -15.510 1.313   1.00 37.38 ? 475 GLU A C   1 
ATOM   596  O O   . GLU A 1 73  ? -8.320  -16.150 2.303   1.00 34.22 ? 475 GLU A O   1 
ATOM   597  C CB  . GLU A 1 73  ? -8.569  -16.889 -0.793  1.00 42.25 ? 475 GLU A CB  1 
ATOM   598  C CG  . GLU A 1 73  ? -10.075 -17.046 -0.726  1.00 48.26 ? 475 GLU A CG  1 
ATOM   599  C CD  . GLU A 1 73  ? -10.510 -18.508 -0.770  1.00 59.33 ? 475 GLU A CD  1 
ATOM   600  O OE1 . GLU A 1 73  ? -10.106 -19.218 -1.722  1.00 58.46 ? 475 GLU A OE1 1 
ATOM   601  O OE2 . GLU A 1 73  ? -11.248 -18.948 0.148   1.00 57.63 ? 475 GLU A OE2 1 
ATOM   602  N N   . LYS A 1 74  ? -9.693  -14.626 1.340   1.00 32.27 ? 476 LYS A N   1 
ATOM   603  C CA  . LYS A 1 74  ? -10.500 -14.207 2.494   1.00 31.39 ? 476 LYS A CA  1 
ATOM   604  C C   . LYS A 1 74  ? -9.752  -13.232 3.398   1.00 34.83 ? 476 LYS A C   1 
ATOM   605  O O   . LYS A 1 74  ? -10.295 -12.848 4.446   1.00 36.26 ? 476 LYS A O   1 
ATOM   606  C CB  . LYS A 1 74  ? -10.994 -15.382 3.362   1.00 38.26 ? 476 LYS A CB  1 
ATOM   607  C CG  . LYS A 1 74  ? -11.766 -16.477 2.612   1.00 38.14 ? 476 LYS A CG  1 
ATOM   608  C CD  . LYS A 1 74  ? -12.389 -17.467 3.601   1.00 41.32 ? 476 LYS A CD  1 
ATOM   609  C CE  . LYS A 1 74  ? -13.058 -18.639 2.899   1.00 46.31 ? 476 LYS A CE  1 
ATOM   610  N NZ  . LYS A 1 74  ? -14.031 -19.348 3.801   1.00 46.89 ? 476 LYS A NZ  1 
ATOM   611  N N   . SER A 1 75  ? -8.525  -12.841 3.062   1.00 31.27 ? 477 SER A N   1 
ATOM   612  C CA  . SER A 1 75  ? -7.802  -11.883 3.883   1.00 32.74 ? 477 SER A CA  1 
ATOM   613  C C   . SER A 1 75  ? -8.370  -10.483 3.701   1.00 29.17 ? 477 SER A C   1 
ATOM   614  O O   . SER A 1 75  ? -8.948  -10.148 2.662   1.00 29.33 ? 477 SER A O   1 
ATOM   615  C CB  . SER A 1 75  ? -6.324  -11.879 3.519   1.00 30.78 ? 477 SER A CB  1 
ATOM   616  O OG  . SER A 1 75  ? -6.166  -11.387 2.210   1.00 28.99 ? 477 SER A OG  1 
ATOM   617  N N   . ILE A 1 76  ? -8.212  -9.659  4.738   1.00 28.25 ? 478 ILE A N   1 
ATOM   618  C CA  . ILE A 1 76  ? -8.555  -8.250  4.592   1.00 28.49 ? 478 ILE A CA  1 
ATOM   619  C C   . ILE A 1 76  ? -7.555  -7.544  3.679   1.00 24.83 ? 478 ILE A C   1 
ATOM   620  O O   . ILE A 1 76  ? -7.883  -6.513  3.081   1.00 23.56 ? 478 ILE A O   1 
ATOM   621  C CB  . ILE A 1 76  ? -8.652  -7.568  5.973   1.00 27.68 ? 478 ILE A CB  1 
ATOM   622  C CG1 . ILE A 1 76  ? -9.297  -6.183  5.847   1.00 27.47 ? 478 ILE A CG1 1 
ATOM   623  C CG2 . ILE A 1 76  ? -7.273  -7.478  6.636   1.00 28.45 ? 478 ILE A CG2 1 
ATOM   624  C CD1 . ILE A 1 76  ? -9.768  -5.581  7.166   1.00 27.98 ? 478 ILE A CD1 1 
ATOM   625  N N   . SER A 1 77  ? -6.347  -8.088  3.525   1.00 28.80 ? 479 SER A N   1 
ATOM   626  C CA  . SER A 1 77  ? -5.421  -7.507  2.555   1.00 27.37 ? 479 SER A CA  1 
ATOM   627  C C   . SER A 1 77  ? -5.986  -7.613  1.143   1.00 28.81 ? 479 SER A C   1 
ATOM   628  O O   . SER A 1 77  ? -5.946  -6.643  0.383   1.00 25.58 ? 479 SER A O   1 
ATOM   629  C CB  . SER A 1 77  ? -4.060  -8.191  2.646   1.00 24.89 ? 479 SER A CB  1 
ATOM   630  O OG  . SER A 1 77  ? -4.213  -9.580  2.854   1.00 25.64 ? 479 SER A OG  1 
ATOM   631  N N   . MET A 1 78  ? -6.528  -8.784  0.779   1.00 28.62 ? 480 MET A N   1 
ATOM   632  C CA  . MET A 1 78  ? -7.185  -8.924  -0.521  1.00 29.07 ? 480 MET A CA  1 
ATOM   633  C C   . MET A 1 78  ? -8.429  -8.052  -0.620  1.00 28.45 ? 480 MET A C   1 
ATOM   634  O O   . MET A 1 78  ? -8.730  -7.532  -1.699  1.00 27.93 ? 480 MET A O   1 
ATOM   635  C CB  . MET A 1 78  ? -7.564  -10.389 -0.788  1.00 27.58 ? 480 MET A CB  1 
ATOM   636  C CG  . MET A 1 78  ? -6.450  -11.204 -1.430  1.00 31.85 ? 480 MET A CG  1 
ATOM   637  S SD  . MET A 1 78  ? -5.628  -10.367 -2.810  1.00 35.48 ? 480 MET A SD  1 
ATOM   638  C CE  . MET A 1 78  ? -6.934  -10.301 -4.025  1.00 30.28 ? 480 MET A CE  1 
ATOM   639  N N   . LEU A 1 79  ? -9.176  -7.884  0.475   1.00 27.21 ? 481 LEU A N   1 
ATOM   640  C CA  . LEU A 1 79  ? -10.297 -6.950  0.438   1.00 26.12 ? 481 LEU A CA  1 
ATOM   641  C C   . LEU A 1 79  ? -9.823  -5.548  0.063   1.00 26.19 ? 481 LEU A C   1 
ATOM   642  O O   . LEU A 1 79  ? -10.414 -4.894  -0.808  1.00 25.30 ? 481 LEU A O   1 
ATOM   643  C CB  . LEU A 1 79  ? -11.026 -6.930  1.777   1.00 25.86 ? 481 LEU A CB  1 
ATOM   644  C CG  . LEU A 1 79  ? -12.049 -5.790  1.845   1.00 30.12 ? 481 LEU A CG  1 
ATOM   645  C CD1 . LEU A 1 79  ? -13.088 -5.923  0.735   1.00 31.07 ? 481 LEU A CD1 1 
ATOM   646  C CD2 . LEU A 1 79  ? -12.727 -5.738  3.212   1.00 28.31 ? 481 LEU A CD2 1 
ATOM   647  N N   . GLU A 1 80  ? -8.748  -5.075  0.711   1.00 22.75 ? 482 GLU A N   1 
ATOM   648  C CA  . GLU A 1 80  ? -8.162  -3.778  0.369   1.00 25.82 ? 482 GLU A CA  1 
ATOM   649  C C   . GLU A 1 80  ? -7.721  -3.751  -1.088  1.00 27.33 ? 482 GLU A C   1 
ATOM   650  O O   . GLU A 1 80  ? -8.038  -2.809  -1.824  1.00 26.37 ? 482 GLU A O   1 
ATOM   651  C CB  . GLU A 1 80  ? -6.978  -3.450  1.297   1.00 27.52 ? 482 GLU A CB  1 
ATOM   652  C CG  . GLU A 1 80  ? -7.381  -3.178  2.765   1.00 22.35 ? 482 GLU A CG  1 
ATOM   653  C CD  . GLU A 1 80  ? -6.186  -3.026  3.734   1.00 30.75 ? 482 GLU A CD  1 
ATOM   654  O OE1 . GLU A 1 80  ? -5.104  -3.642  3.533   1.00 24.20 ? 482 GLU A OE1 1 
ATOM   655  O OE2 . GLU A 1 80  ? -6.350  -2.269  4.714   1.00 25.19 ? 482 GLU A OE2 1 
ATOM   656  N N   . PHE A 1 81  ? -7.005  -4.793  -1.523  1.00 26.25 ? 483 PHE A N   1 
ATOM   657  C CA  . PHE A 1 81  ? -6.584  -4.890  -2.916  1.00 31.20 ? 483 PHE A CA  1 
ATOM   658  C C   . PHE A 1 81  ? -7.771  -4.733  -3.864  1.00 27.83 ? 483 PHE A C   1 
ATOM   659  O O   . PHE A 1 81  ? -7.778  -3.857  -4.737  1.00 26.59 ? 483 PHE A O   1 
ATOM   660  C CB  . PHE A 1 81  ? -5.882  -6.227  -3.170  1.00 29.65 ? 483 PHE A CB  1 
ATOM   661  C CG  . PHE A 1 81  ? -5.336  -6.352  -4.567  1.00 27.96 ? 483 PHE A CG  1 
ATOM   662  C CD1 . PHE A 1 81  ? -4.104  -5.809  -4.888  1.00 27.27 ? 483 PHE A CD1 1 
ATOM   663  C CD2 . PHE A 1 81  ? -6.064  -6.980  -5.557  1.00 27.80 ? 483 PHE A CD2 1 
ATOM   664  C CE1 . PHE A 1 81  ? -3.606  -5.903  -6.178  1.00 26.20 ? 483 PHE A CE1 1 
ATOM   665  C CE2 . PHE A 1 81  ? -5.571  -7.079  -6.853  1.00 30.33 ? 483 PHE A CE2 1 
ATOM   666  C CZ  . PHE A 1 81  ? -4.344  -6.542  -7.160  1.00 33.26 ? 483 PHE A CZ  1 
ATOM   667  N N   . LYS A 1 82  ? -8.790  -5.580  -3.690  1.00 24.39 ? 484 LYS A N   1 
ATOM   668  C CA  . LYS A 1 82  ? -9.933  -5.581  -4.596  1.00 26.95 ? 484 LYS A CA  1 
ATOM   669  C C   . LYS A 1 82  ? -10.664 -4.238  -4.582  1.00 27.46 ? 484 LYS A C   1 
ATOM   670  O O   . LYS A 1 82  ? -11.137 -3.762  -5.628  1.00 24.26 ? 484 LYS A O   1 
ATOM   671  C CB  . LYS A 1 82  ? -10.884 -6.726  -4.218  1.00 25.25 ? 484 LYS A CB  1 
ATOM   672  C CG  . LYS A 1 82  ? -10.529 -8.085  -4.836  1.00 25.06 ? 484 LYS A CG  1 
ATOM   673  C CD  . LYS A 1 82  ? -11.081 -9.278  -4.011  1.00 40.05 ? 484 LYS A CD  1 
ATOM   674  C CE  . LYS A 1 82  ? -10.594 -10.626 -4.584  1.00 40.35 ? 484 LYS A CE  1 
ATOM   675  N NZ  . LYS A 1 82  ? -10.798 -11.769 -3.665  1.00 46.24 ? 484 LYS A NZ  1 
ATOM   676  N N   . LEU A 1 83  ? -10.784 -3.617  -3.404  1.00 26.53 ? 485 LEU A N   1 
ATOM   677  C CA  . LEU A 1 83  ? -11.367 -2.280  -3.350  1.00 26.13 ? 485 LEU A CA  1 
ATOM   678  C C   . LEU A 1 83  ? -10.442 -1.249  -3.985  1.00 26.37 ? 485 LEU A C   1 
ATOM   679  O O   . LEU A 1 83  ? -10.919 -0.254  -4.550  1.00 26.18 ? 485 LEU A O   1 
ATOM   680  C CB  . LEU A 1 83  ? -11.688 -1.885  -1.910  1.00 24.04 ? 485 LEU A CB  1 
ATOM   681  C CG  . LEU A 1 83  ? -12.878 -2.603  -1.271  1.00 30.78 ? 485 LEU A CG  1 
ATOM   682  C CD1 . LEU A 1 83  ? -13.018 -2.191  0.188   1.00 22.92 ? 485 LEU A CD1 1 
ATOM   683  C CD2 . LEU A 1 83  ? -14.147 -2.299  -2.044  1.00 29.56 ? 485 LEU A CD2 1 
ATOM   684  N N   . GLY A 1 84  ? -9.126  -1.458  -3.898  1.00 22.09 ? 486 GLY A N   1 
ATOM   685  C CA  . GLY A 1 84  ? -8.206  -0.576  -4.602  1.00 25.52 ? 486 GLY A CA  1 
ATOM   686  C C   . GLY A 1 84  ? -8.330  -0.688  -6.115  1.00 26.57 ? 486 GLY A C   1 
ATOM   687  O O   . GLY A 1 84  ? -8.332  0.326   -6.825  1.00 23.52 ? 486 GLY A O   1 
ATOM   688  N N   . VAL A 1 85  ? -8.417  -1.923  -6.631  1.00 24.78 ? 487 VAL A N   1 
ATOM   689  C CA  . VAL A 1 85  ? -8.665  -2.129  -8.057  1.00 26.84 ? 487 VAL A CA  1 
ATOM   690  C C   . VAL A 1 85  ? -9.964  -1.456  -8.462  1.00 26.36 ? 487 VAL A C   1 
ATOM   691  O O   . VAL A 1 85  ? -10.057 -0.812  -9.512  1.00 25.27 ? 487 VAL A O   1 
ATOM   692  C CB  . VAL A 1 85  ? -8.696  -3.632  -8.394  1.00 30.42 ? 487 VAL A CB  1 
ATOM   693  C CG1 . VAL A 1 85  ? -9.387  -3.862  -9.782  1.00 27.39 ? 487 VAL A CG1 1 
ATOM   694  C CG2 . VAL A 1 85  ? -7.296  -4.214  -8.352  1.00 26.21 ? 487 VAL A CG2 1 
ATOM   695  N N   . MET A 1 86  ? -10.983 -1.573  -7.616  1.00 27.17 ? 488 MET A N   1 
ATOM   696  C CA  . MET A 1 86  ? -12.244 -0.913  -7.884  1.00 26.10 ? 488 MET A CA  1 
ATOM   697  C C   . MET A 1 86  ? -12.054 0.593   -8.018  1.00 31.52 ? 488 MET A C   1 
ATOM   698  O O   . MET A 1 86  ? -12.514 1.208   -8.996  1.00 25.79 ? 488 MET A O   1 
ATOM   699  C CB  . MET A 1 86  ? -13.233 -1.247  -6.778  1.00 25.46 ? 488 MET A CB  1 
ATOM   700  C CG  . MET A 1 86  ? -14.550 -0.602  -7.018  1.00 34.32 ? 488 MET A CG  1 
ATOM   701  S SD  . MET A 1 86  ? -15.690 -1.816  -7.635  1.00 50.48 ? 488 MET A SD  1 
ATOM   702  C CE  . MET A 1 86  ? -17.161 -0.815  -7.796  1.00 32.59 ? 488 MET A CE  1 
ATOM   703  N N   . CYS A 1 87  ? -11.360 1.208   -7.048  1.00 25.81 ? 489 CYS A N   1 
ATOM   704  C CA  . CYS A 1 87  ? -11.153 2.654   -7.081  1.00 25.05 ? 489 CYS A CA  1 
ATOM   705  C C   . CYS A 1 87  ? -10.252 3.071   -8.230  1.00 29.07 ? 489 CYS A C   1 
ATOM   706  O O   . CYS A 1 87  ? -10.412 4.166   -8.785  1.00 26.48 ? 489 CYS A O   1 
ATOM   707  C CB  . CYS A 1 87  ? -10.558 3.144   -5.767  1.00 24.21 ? 489 CYS A CB  1 
ATOM   708  S SG  . CYS A 1 87  ? -11.710 3.066   -4.401  1.00 32.74 ? 489 CYS A SG  1 
ATOM   709  N N   . GLN A 1 88  ? -9.260  2.245   -8.569  1.00 26.25 ? 490 GLN A N   1 
ATOM   710  C CA  . GLN A 1 88  ? -8.515  2.510   -9.794  1.00 23.23 ? 490 GLN A CA  1 
ATOM   711  C C   . GLN A 1 88  ? -9.465  2.653   -10.979 1.00 25.58 ? 490 GLN A C   1 
ATOM   712  O O   . GLN A 1 88  ? -9.399  3.624   -11.741 1.00 26.47 ? 490 GLN A O   1 
ATOM   713  C CB  . GLN A 1 88  ? -7.521  1.385   -10.059 1.00 24.20 ? 490 GLN A CB  1 
ATOM   714  C CG  . GLN A 1 88  ? -7.163  1.276   -11.536 1.00 31.17 ? 490 GLN A CG  1 
ATOM   715  C CD  . GLN A 1 88  ? -6.248  0.112   -11.835 1.00 33.59 ? 490 GLN A CD  1 
ATOM   716  O OE1 . GLN A 1 88  ? -5.030  0.198   -11.628 1.00 27.70 ? 490 GLN A OE1 1 
ATOM   717  N NE2 . GLN A 1 88  ? -6.828  -0.984  -12.336 1.00 29.73 ? 490 GLN A NE2 1 
ATOM   718  N N   . ASN A 1 89  ? -10.382 1.705   -11.131 1.00 22.74 ? 491 ASN A N   1 
ATOM   719  C CA  . ASN A 1 89  ? -11.196 1.651   -12.339 1.00 27.07 ? 491 ASN A CA  1 
ATOM   720  C C   . ASN A 1 89  ? -12.316 2.687   -12.334 1.00 27.77 ? 491 ASN A C   1 
ATOM   721  O O   . ASN A 1 89  ? -12.686 3.191   -13.399 1.00 28.99 ? 491 ASN A O   1 
ATOM   722  C CB  . ASN A 1 89  ? -11.751 0.239   -12.512 1.00 27.83 ? 491 ASN A CB  1 
ATOM   723  C CG  . ASN A 1 89  ? -10.663 -0.758  -12.848 1.00 28.34 ? 491 ASN A CG  1 
ATOM   724  O OD1 . ASN A 1 89  ? -9.590  -0.380  -13.324 1.00 26.08 ? 491 ASN A OD1 1 
ATOM   725  N ND2 . ASN A 1 89  ? -10.929 -2.034  -12.607 1.00 28.17 ? 491 ASN A ND2 1 
ATOM   726  N N   . SER A 1 90  ? -12.819 3.069   -11.161 1.00 28.05 ? 492 SER A N   1 
ATOM   727  C CA  . SER A 1 90  ? -13.956 3.980   -11.087 1.00 29.15 ? 492 SER A CA  1 
ATOM   728  C C   . SER A 1 90  ? -13.550 5.446   -10.952 1.00 28.51 ? 492 SER A C   1 
ATOM   729  O O   . SER A 1 90  ? -14.222 6.314   -11.511 1.00 30.49 ? 492 SER A O   1 
ATOM   730  C CB  . SER A 1 90  ? -14.878 3.578   -9.924  1.00 29.08 ? 492 SER A CB  1 
ATOM   731  O OG  . SER A 1 90  ? -14.233 3.755   -8.677  1.00 35.39 ? 492 SER A OG  1 
ATOM   732  N N   . ILE A 1 91  ? -12.475 5.758   -10.218 1.00 29.14 ? 493 ILE A N   1 
ATOM   733  C CA  . ILE A 1 91  ? -12.082 7.152   -10.015 1.00 27.32 ? 493 ILE A CA  1 
ATOM   734  C C   . ILE A 1 91  ? -10.599 7.384   -10.277 1.00 29.52 ? 493 ILE A C   1 
ATOM   735  O O   . ILE A 1 91  ? -10.061 8.434   -9.913  1.00 31.38 ? 493 ILE A O   1 
ATOM   736  C CB  . ILE A 1 91  ? -12.438 7.626   -8.598  1.00 32.72 ? 493 ILE A CB  1 
ATOM   737  C CG1 . ILE A 1 91  ? -11.678 6.786   -7.559  1.00 28.83 ? 493 ILE A CG1 1 
ATOM   738  C CG2 . ILE A 1 91  ? -13.945 7.582   -8.392  1.00 28.27 ? 493 ILE A CG2 1 
ATOM   739  C CD1 . ILE A 1 91  ? -12.095 7.030   -6.138  1.00 31.19 ? 493 ILE A CD1 1 
ATOM   740  N N   . ALA A 1 92  ? -9.930  6.417   -10.911 1.00 31.69 ? 494 ALA A N   1 
ATOM   741  C CA  . ALA A 1 92  ? -8.541  6.548   -11.356 1.00 28.02 ? 494 ALA A CA  1 
ATOM   742  C C   . ALA A 1 92  ? -7.553  6.642   -10.188 1.00 32.97 ? 494 ALA A C   1 
ATOM   743  O O   . ALA A 1 92  ? -6.492  7.265   -10.316 1.00 29.03 ? 494 ALA A O   1 
ATOM   744  C CB  . ALA A 1 92  ? -8.366  7.743   -12.301 1.00 32.26 ? 494 ALA A CB  1 
ATOM   745  N N   . THR A 1 93  ? -7.883  6.029   -9.048  1.00 27.37 ? 495 THR A N   1 
ATOM   746  C CA  . THR A 1 93  ? -6.945  5.963   -7.928  1.00 27.07 ? 495 THR A CA  1 
ATOM   747  C C   . THR A 1 93  ? -5.650  5.303   -8.383  1.00 25.45 ? 495 THR A C   1 
ATOM   748  O O   . THR A 1 93  ? -5.660  4.247   -9.026  1.00 29.03 ? 495 THR A O   1 
ATOM   749  C CB  . THR A 1 93  ? -7.561  5.190   -6.753  1.00 26.27 ? 495 THR A CB  1 
ATOM   750  O OG1 . THR A 1 93  ? -8.773  5.830   -6.358  1.00 30.34 ? 495 THR A OG1 1 
ATOM   751  C CG2 . THR A 1 93  ? -6.648  5.190   -5.543  1.00 22.55 ? 495 THR A CG2 1 
ATOM   752  N N   . LYS A 1 94  ? -4.538  5.958   -8.098  1.00 27.33 ? 496 LYS A N   1 
ATOM   753  C CA  . LYS A 1 94  ? -3.234  5.446   -8.485  1.00 28.35 ? 496 LYS A CA  1 
ATOM   754  C C   . LYS A 1 94  ? -2.744  4.468   -7.422  1.00 29.25 ? 496 LYS A C   1 
ATOM   755  O O   . LYS A 1 94  ? -2.615  4.836   -6.249  1.00 29.97 ? 496 LYS A O   1 
ATOM   756  C CB  . LYS A 1 94  ? -2.254  6.602   -8.655  1.00 31.72 ? 496 LYS A CB  1 
ATOM   757  C CG  . LYS A 1 94  ? -2.689  7.627   -9.691  1.00 34.75 ? 496 LYS A CG  1 
ATOM   758  C CD  . LYS A 1 94  ? -1.620  8.691   -9.876  1.00 34.76 ? 496 LYS A CD  1 
ATOM   759  C CE  . LYS A 1 94  ? -2.033  9.722   -10.930 1.00 36.79 ? 496 LYS A CE  1 
ATOM   760  N NZ  . LYS A 1 94  ? -1.078  10.856  -10.978 1.00 42.07 ? 496 LYS A NZ  1 
ATOM   761  N N   . LEU A 1 95  ? -2.495  3.228   -7.828  1.00 25.59 ? 497 LEU A N   1 
ATOM   762  C CA  . LEU A 1 95  ? -1.946  2.207   -6.952  1.00 28.72 ? 497 LEU A CA  1 
ATOM   763  C C   . LEU A 1 95  ? -0.441  2.098   -7.160  1.00 31.00 ? 497 LEU A C   1 
ATOM   764  O O   . LEU A 1 95  ? 0.094   2.445   -8.218  1.00 26.90 ? 497 LEU A O   1 
ATOM   765  C CB  . LEU A 1 95  ? -2.606  0.846   -7.198  1.00 29.08 ? 497 LEU A CB  1 
ATOM   766  C CG  . LEU A 1 95  ? -4.133  0.712   -7.089  1.00 32.43 ? 497 LEU A CG  1 
ATOM   767  C CD1 . LEU A 1 95  ? -4.534  -0.752  -6.915  1.00 29.43 ? 497 LEU A CD1 1 
ATOM   768  C CD2 . LEU A 1 95  ? -4.717  1.542   -5.960  1.00 27.91 ? 497 LEU A CD2 1 
ATOM   769  N N   . ILE A 1 96  ? 0.239   1.640   -6.113  1.00 26.05 ? 498 ILE A N   1 
ATOM   770  C CA  . ILE A 1 96  ? 1.680   1.420   -6.123  1.00 28.29 ? 498 ILE A CA  1 
ATOM   771  C C   . ILE A 1 96  ? 1.912   0.080   -5.458  1.00 29.05 ? 498 ILE A C   1 
ATOM   772  O O   . ILE A 1 96  ? 1.313   -0.216  -4.419  1.00 26.99 ? 498 ILE A O   1 
ATOM   773  C CB  . ILE A 1 96  ? 2.460   2.528   -5.384  1.00 29.77 ? 498 ILE A CB  1 
ATOM   774  C CG1 . ILE A 1 96  ? 2.161   3.902   -5.991  1.00 26.22 ? 498 ILE A CG1 1 
ATOM   775  C CG2 . ILE A 1 96  ? 3.976   2.243   -5.404  1.00 29.16 ? 498 ILE A CG2 1 
ATOM   776  C CD1 . ILE A 1 96  ? 2.617   5.040   -5.116  1.00 32.27 ? 498 ILE A CD1 1 
ATOM   777  N N   . VAL A 1 97  ? 2.750   -0.743  -6.069  1.00 27.62 ? 499 VAL A N   1 
ATOM   778  C CA  . VAL A 1 97  ? 3.046   -2.063  -5.538  1.00 30.12 ? 499 VAL A CA  1 
ATOM   779  C C   . VAL A 1 97  ? 4.442   -2.010  -4.940  1.00 30.07 ? 499 VAL A C   1 
ATOM   780  O O   . VAL A 1 97  ? 5.428   -1.790  -5.654  1.00 30.84 ? 499 VAL A O   1 
ATOM   781  C CB  . VAL A 1 97  ? 2.938   -3.155  -6.611  1.00 30.56 ? 499 VAL A CB  1 
ATOM   782  C CG1 . VAL A 1 97  ? 3.334   -4.497  -6.010  1.00 33.16 ? 499 VAL A CG1 1 
ATOM   783  C CG2 . VAL A 1 97  ? 1.524   -3.206  -7.169  1.00 30.72 ? 499 VAL A CG2 1 
ATOM   784  N N   . VAL A 1 98  ? 4.528   -2.178  -3.634  1.00 29.63 ? 500 VAL A N   1 
ATOM   785  C CA  . VAL A 1 98  ? 5.816   -2.383  -2.982  1.00 30.91 ? 500 VAL A CA  1 
ATOM   786  C C   . VAL A 1 98  ? 6.019   -3.887  -2.905  1.00 33.51 ? 500 VAL A C   1 
ATOM   787  O O   . VAL A 1 98  ? 5.215   -4.597  -2.293  1.00 32.80 ? 500 VAL A O   1 
ATOM   788  C CB  . VAL A 1 98  ? 5.860   -1.710  -1.601  1.00 28.59 ? 500 VAL A CB  1 
ATOM   789  C CG1 . VAL A 1 98  ? 6.953   -2.310  -0.695  1.00 27.73 ? 500 VAL A CG1 1 
ATOM   790  C CG2 . VAL A 1 98  ? 6.117   -0.218  -1.786  1.00 25.12 ? 500 VAL A CG2 1 
ATOM   791  N N   . GLU A 1 99  ? 7.031   -4.391  -3.608  1.00 33.80 ? 501 GLU A N   1 
ATOM   792  C CA  . GLU A 1 99  ? 7.258   -5.834  -3.657  1.00 38.54 ? 501 GLU A CA  1 
ATOM   793  C C   . GLU A 1 99  ? 8.134   -6.208  -2.470  1.00 40.84 ? 501 GLU A C   1 
ATOM   794  O O   . GLU A 1 99  ? 9.365   -6.200  -2.545  1.00 39.06 ? 501 GLU A O   1 
ATOM   795  C CB  . GLU A 1 99  ? 7.881   -6.258  -4.979  1.00 42.41 ? 501 GLU A CB  1 
ATOM   796  C CG  . GLU A 1 99  ? 7.746   -7.756  -5.226  1.00 48.38 ? 501 GLU A CG  1 
ATOM   797  C CD  . GLU A 1 99  ? 8.981   -8.367  -5.861  1.00 55.54 ? 501 GLU A CD  1 
ATOM   798  O OE1 . GLU A 1 99  ? 8.959   -8.608  -7.093  1.00 64.12 ? 501 GLU A OE1 1 
ATOM   799  O OE2 . GLU A 1 99  ? 9.971   -8.601  -5.131  1.00 54.40 ? 501 GLU A OE2 1 
ATOM   800  N N   . TYR A 1 100 ? 7.477   -6.537  -1.357  1.00 38.34 ? 502 TYR A N   1 
ATOM   801  C CA  . TYR A 1 100 ? 8.185   -6.843  -0.122  1.00 35.18 ? 502 TYR A CA  1 
ATOM   802  C C   . TYR A 1 100 ? 8.810   -8.232  -0.176  1.00 35.67 ? 502 TYR A C   1 
ATOM   803  O O   . TYR A 1 100 ? 10.011  -8.397  0.067   1.00 37.90 ? 502 TYR A O   1 
ATOM   804  C CB  . TYR A 1 100 ? 7.228   -6.720  1.065   1.00 32.45 ? 502 TYR A CB  1 
ATOM   805  C CG  . TYR A 1 100 ? 7.900   -7.038  2.366   1.00 35.68 ? 502 TYR A CG  1 
ATOM   806  C CD1 . TYR A 1 100 ? 8.805   -6.151  2.925   1.00 35.82 ? 502 TYR A CD1 1 
ATOM   807  C CD2 . TYR A 1 100 ? 7.664   -8.243  3.019   1.00 34.51 ? 502 TYR A CD2 1 
ATOM   808  C CE1 . TYR A 1 100 ? 9.448   -6.439  4.104   1.00 36.36 ? 502 TYR A CE1 1 
ATOM   809  C CE2 . TYR A 1 100 ? 8.297   -8.538  4.203   1.00 37.67 ? 502 TYR A CE2 1 
ATOM   810  C CZ  . TYR A 1 100 ? 9.194   -7.631  4.738   1.00 35.47 ? 502 TYR A CZ  1 
ATOM   811  O OH  . TYR A 1 100 ? 9.837   -7.908  5.917   1.00 39.48 ? 502 TYR A OH  1 
ATOM   812  N N   . ARG A 1 101 ? 8.003   -9.246  -0.462  1.00 36.16 ? 503 ARG A N   1 
ATOM   813  C CA  . ARG A 1 101 ? 8.461   -10.594 -0.734  1.00 39.36 ? 503 ARG A CA  1 
ATOM   814  C C   . ARG A 1 101 ? 7.815   -11.050 -2.027  1.00 42.09 ? 503 ARG A C   1 
ATOM   815  O O   . ARG A 1 101 ? 6.629   -10.783 -2.255  1.00 43.38 ? 503 ARG A O   1 
ATOM   816  C CB  . ARG A 1 101 ? 8.102   -11.540 0.422   1.00 42.77 ? 503 ARG A CB  1 
ATOM   817  C CG  . ARG A 1 101 ? 8.430   -12.998 0.192   1.00 44.85 ? 503 ARG A CG  1 
ATOM   818  C CD  . ARG A 1 101 ? 8.429   -13.753 1.503   1.00 48.24 ? 503 ARG A CD  1 
ATOM   819  N NE  . ARG A 1 101 ? 9.425   -13.204 2.419   1.00 52.94 ? 503 ARG A NE  1 
ATOM   820  C CZ  . ARG A 1 101 ? 9.151   -12.738 3.635   1.00 51.93 ? 503 ARG A CZ  1 
ATOM   821  N NH1 . ARG A 1 101 ? 7.898   -12.761 4.089   1.00 51.31 ? 503 ARG A NH1 1 
ATOM   822  N NH2 . ARG A 1 101 ? 10.127  -12.253 4.396   1.00 48.04 ? 503 ARG A NH2 1 
ATOM   823  N N   . PRO A 1 102 ? 8.562   -11.678 -2.932  1.00 48.76 ? 504 PRO A N   1 
ATOM   824  C CA  . PRO A 1 102 ? 7.973   -12.111 -4.199  1.00 46.43 ? 504 PRO A CA  1 
ATOM   825  C C   . PRO A 1 102 ? 6.940   -13.203 -3.980  1.00 48.16 ? 504 PRO A C   1 
ATOM   826  O O   . PRO A 1 102 ? 7.031   -14.000 -3.043  1.00 52.21 ? 504 PRO A O   1 
ATOM   827  C CB  . PRO A 1 102 ? 9.173   -12.628 -4.998  1.00 49.10 ? 504 PRO A CB  1 
ATOM   828  C CG  . PRO A 1 102 ? 10.199  -12.969 -3.954  1.00 54.23 ? 504 PRO A CG  1 
ATOM   829  C CD  . PRO A 1 102 ? 10.012  -11.943 -2.878  1.00 49.51 ? 504 PRO A CD  1 
ATOM   830  N N   . LEU A 1 103 ? 5.934   -13.220 -4.846  1.00 52.03 ? 505 LEU A N   1 
ATOM   831  C CA  . LEU A 1 103 ? 4.867   -14.198 -4.712  1.00 51.19 ? 505 LEU A CA  1 
ATOM   832  C C   . LEU A 1 103 ? 5.363   -15.568 -5.147  1.00 56.98 ? 505 LEU A C   1 
ATOM   833  O O   . LEU A 1 103 ? 6.143   -15.694 -6.095  1.00 59.79 ? 505 LEU A O   1 
ATOM   834  C CB  . LEU A 1 103 ? 3.655   -13.773 -5.536  1.00 52.42 ? 505 LEU A CB  1 
ATOM   835  C CG  . LEU A 1 103 ? 2.954   -12.554 -4.926  1.00 50.83 ? 505 LEU A CG  1 
ATOM   836  C CD1 . LEU A 1 103 ? 1.785   -12.100 -5.786  1.00 48.69 ? 505 LEU A CD1 1 
ATOM   837  C CD2 . LEU A 1 103 ? 2.497   -12.869 -3.505  1.00 39.75 ? 505 LEU A CD2 1 
ATOM   838  N N   . GLU A 1 104 ? 4.938   -16.596 -4.420  1.00 59.90 ? 506 GLU A N   1 
ATOM   839  C CA  . GLU A 1 104 ? 5.294   -17.973 -4.750  1.00 64.31 ? 506 GLU A CA  1 
ATOM   840  C C   . GLU A 1 104 ? 4.137   -18.607 -5.516  1.00 68.57 ? 506 GLU A C   1 
ATOM   841  O O   . GLU A 1 104 ? 3.356   -19.387 -4.975  1.00 72.41 ? 506 GLU A O   1 
ATOM   842  C CB  . GLU A 1 104 ? 5.632   -18.758 -3.484  1.00 66.79 ? 506 GLU A CB  1 
ATOM   843  C CG  . GLU A 1 104 ? 6.782   -18.171 -2.666  1.00 72.46 ? 506 GLU A CG  1 
ATOM   844  C CD  . GLU A 1 104 ? 6.500   -18.180 -1.172  1.00 80.60 ? 506 GLU A CD  1 
ATOM   845  O OE1 . GLU A 1 104 ? 5.407   -18.649 -0.777  1.00 84.48 ? 506 GLU A OE1 1 
ATOM   846  O OE2 . GLU A 1 104 ? 7.372   -17.719 -0.397  1.00 73.64 ? 506 GLU A OE2 1 
ATOM   847  N N   . HIS A 1 105 ? 4.052   -18.210 -6.802  1.00 67.24 ? 507 HIS A N   1 
ATOM   848  C CA  . HIS A 1 105 ? 3.120   -18.552 -7.878  1.00 65.69 ? 507 HIS A CA  1 
ATOM   849  C C   . HIS A 1 105 ? 2.400   -17.289 -8.338  1.00 65.42 ? 507 HIS A C   1 
ATOM   850  O O   . HIS A 1 105 ? 2.048   -16.428 -7.520  1.00 62.23 ? 507 HIS A O   1 
ATOM   851  C CB  . HIS A 1 105 ? 2.097   -19.622 -7.485  1.00 69.10 ? 507 HIS A CB  1 
ATOM   852  C CG  . HIS A 1 105 ? 2.701   -20.974 -7.237  1.00 77.57 ? 507 HIS A CG  1 
ATOM   853  N ND1 . HIS A 1 105 ? 3.722   -21.485 -8.009  1.00 75.97 ? 507 HIS A ND1 1 
ATOM   854  C CD2 . HIS A 1 105 ? 2.425   -21.918 -6.306  1.00 76.12 ? 507 HIS A CD2 1 
ATOM   855  C CE1 . HIS A 1 105 ? 4.053   -22.684 -7.562  1.00 77.40 ? 507 HIS A CE1 1 
ATOM   856  N NE2 . HIS A 1 105 ? 3.279   -22.972 -6.531  1.00 80.82 ? 507 HIS A NE2 1 
ATOM   857  N N   . PRO A 1 106 ? 2.178   -17.141 -9.641  1.00 66.31 ? 508 PRO A N   1 
ATOM   858  C CA  . PRO A 1 106 ? 1.550   -15.914 -10.150 1.00 64.84 ? 508 PRO A CA  1 
ATOM   859  C C   . PRO A 1 106 ? 0.132   -15.737 -9.621  1.00 56.18 ? 508 PRO A C   1 
ATOM   860  O O   . PRO A 1 106 ? -0.613  -16.702 -9.442  1.00 52.81 ? 508 PRO A O   1 
ATOM   861  C CB  . PRO A 1 106 ? 1.566   -16.116 -11.669 1.00 61.83 ? 508 PRO A CB  1 
ATOM   862  C CG  . PRO A 1 106 ? 2.654   -17.118 -11.912 1.00 61.06 ? 508 PRO A CG  1 
ATOM   863  C CD  . PRO A 1 106 ? 2.654   -18.022 -10.722 1.00 64.23 ? 508 PRO A CD  1 
ATOM   864  N N   . HIS A 1 107 ? -0.236  -14.478 -9.366  1.00 54.69 ? 509 HIS A N   1 
ATOM   865  C CA  . HIS A 1 107 ? -1.564  -14.198 -8.854  1.00 48.90 ? 509 HIS A CA  1 
ATOM   866  C C   . HIS A 1 107 ? -2.388  -13.437 -9.884  1.00 45.41 ? 509 HIS A C   1 
ATOM   867  O O   . HIS A 1 107 ? -1.878  -12.513 -10.531 1.00 47.76 ? 509 HIS A O   1 
ATOM   868  C CB  . HIS A 1 107 ? -1.508  -13.387 -7.551  1.00 46.74 ? 509 HIS A CB  1 
ATOM   869  C CG  . HIS A 1 107 ? -2.804  -13.366 -6.801  1.00 41.17 ? 509 HIS A CG  1 
ATOM   870  N ND1 . HIS A 1 107 ? -3.819  -12.480 -7.096  1.00 45.82 ? 509 HIS A ND1 1 
ATOM   871  C CD2 . HIS A 1 107 ? -3.259  -14.131 -5.782  1.00 44.12 ? 509 HIS A CD2 1 
ATOM   872  C CE1 . HIS A 1 107 ? -4.845  -12.703 -6.294  1.00 43.48 ? 509 HIS A CE1 1 
ATOM   873  N NE2 . HIS A 1 107 ? -4.529  -13.698 -5.484  1.00 46.69 ? 509 HIS A NE2 1 
ATOM   874  N N   . PRO A 1 108 ? -3.663  -13.796 -10.047 1.00 43.75 ? 510 PRO A N   1 
ATOM   875  C CA  . PRO A 1 108 ? -4.474  -13.151 -11.093 1.00 44.56 ? 510 PRO A CA  1 
ATOM   876  C C   . PRO A 1 108 ? -4.743  -11.684 -10.829 1.00 40.65 ? 510 PRO A C   1 
ATOM   877  O O   . PRO A 1 108 ? -5.018  -10.940 -11.775 1.00 42.12 ? 510 PRO A O   1 
ATOM   878  C CB  . PRO A 1 108 ? -5.779  -13.964 -11.087 1.00 43.98 ? 510 PRO A CB  1 
ATOM   879  C CG  . PRO A 1 108 ? -5.482  -15.212 -10.298 1.00 44.69 ? 510 PRO A CG  1 
ATOM   880  C CD  . PRO A 1 108 ? -4.400  -14.850 -9.332  1.00 45.67 ? 510 PRO A CD  1 
ATOM   881  N N   . GLY A 1 109 ? -4.673  -11.243 -9.574  1.00 45.19 ? 511 GLY A N   1 
ATOM   882  C CA  . GLY A 1 109 ? -4.973  -9.853  -9.270  1.00 35.54 ? 511 GLY A CA  1 
ATOM   883  C C   . GLY A 1 109 ? -4.009  -8.880  -9.918  1.00 38.37 ? 511 GLY A C   1 
ATOM   884  O O   . GLY A 1 109 ? -4.410  -7.792  -10.341 1.00 42.41 ? 511 GLY A O   1 
ATOM   885  N N   . ILE A 1 110 ? -2.729  -9.262  -10.018 1.00 41.51 ? 512 ILE A N   1 
ATOM   886  C CA  . ILE A 1 110 ? -1.697  -8.365  -10.540 1.00 37.69 ? 512 ILE A CA  1 
ATOM   887  C C   . ILE A 1 110 ? -2.062  -7.838  -11.917 1.00 41.26 ? 512 ILE A C   1 
ATOM   888  O O   . ILE A 1 110 ? -1.758  -6.683  -12.252 1.00 36.16 ? 512 ILE A O   1 
ATOM   889  C CB  . ILE A 1 110 ? -0.322  -9.075  -10.563 1.00 44.02 ? 512 ILE A CB  1 
ATOM   890  C CG1 . ILE A 1 110 ? 0.220   -9.239  -9.145  1.00 41.68 ? 512 ILE A CG1 1 
ATOM   891  C CG2 . ILE A 1 110 ? 0.703   -8.306  -11.437 1.00 42.11 ? 512 ILE A CG2 1 
ATOM   892  C CD1 . ILE A 1 110 ? 0.408   -10.676 -8.766  1.00 47.10 ? 512 ILE A CD1 1 
ATOM   893  N N   . LEU A 1 111 ? -2.722  -8.661  -12.735 1.00 39.55 ? 513 LEU A N   1 
ATOM   894  C CA  . LEU A 1 111 ? -3.079  -8.238  -14.085 1.00 36.29 ? 513 LEU A CA  1 
ATOM   895  C C   . LEU A 1 111 ? -4.261  -7.280  -14.120 1.00 36.72 ? 513 LEU A C   1 
ATOM   896  O O   . LEU A 1 111 ? -4.536  -6.717  -15.182 1.00 35.34 ? 513 LEU A O   1 
ATOM   897  C CB  . LEU A 1 111 ? -3.390  -9.454  -14.958 1.00 41.02 ? 513 LEU A CB  1 
ATOM   898  C CG  . LEU A 1 111 ? -2.557  -10.707 -14.697 1.00 42.49 ? 513 LEU A CG  1 
ATOM   899  C CD1 . LEU A 1 111 ? -3.089  -11.856 -15.529 1.00 46.82 ? 513 LEU A CD1 1 
ATOM   900  C CD2 . LEU A 1 111 ? -1.082  -10.445 -14.988 1.00 40.44 ? 513 LEU A CD2 1 
ATOM   901  N N   . GLN A 1 112 ? -4.977  -7.092  -13.000 1.00 36.56 ? 514 GLN A N   1 
ATOM   902  C CA  . GLN A 1 112 ? -5.989  -6.044  -12.927 1.00 32.06 ? 514 GLN A CA  1 
ATOM   903  C C   . GLN A 1 112 ? -5.374  -4.662  -12.736 1.00 32.44 ? 514 GLN A C   1 
ATOM   904  O O   . GLN A 1 112 ? -6.093  -3.654  -12.817 1.00 32.39 ? 514 GLN A O   1 
ATOM   905  C CB  . GLN A 1 112 ? -6.979  -6.332  -11.796 1.00 30.05 ? 514 GLN A CB  1 
ATOM   906  C CG  . GLN A 1 112 ? -7.877  -7.549  -12.047 1.00 33.32 ? 514 GLN A CG  1 
ATOM   907  C CD  . GLN A 1 112 ? -8.814  -7.816  -10.894 1.00 30.39 ? 514 GLN A CD  1 
ATOM   908  O OE1 . GLN A 1 112 ? -8.425  -8.399  -9.877  1.00 31.58 ? 514 GLN A OE1 1 
ATOM   909  N NE2 . GLN A 1 112 ? -10.051 -7.375  -11.033 1.00 25.68 ? 514 GLN A NE2 1 
ATOM   910  N N   . LEU A 1 113 ? -4.067  -4.590  -12.508 1.00 36.32 ? 515 LEU A N   1 
ATOM   911  C CA  . LEU A 1 113 ? -3.402  -3.316  -12.275 1.00 34.24 ? 515 LEU A CA  1 
ATOM   912  C C   . LEU A 1 113 ? -3.182  -2.607  -13.600 1.00 33.76 ? 515 LEU A C   1 
ATOM   913  O O   . LEU A 1 113 ? -2.675  -3.205  -14.555 1.00 36.53 ? 515 LEU A O   1 
ATOM   914  C CB  . LEU A 1 113 ? -2.069  -3.527  -11.561 1.00 32.94 ? 515 LEU A CB  1 
ATOM   915  C CG  . LEU A 1 113 ? -2.097  -3.598  -10.024 1.00 38.19 ? 515 LEU A CG  1 
ATOM   916  C CD1 . LEU A 1 113 ? -2.683  -2.340  -9.444  1.00 37.74 ? 515 LEU A CD1 1 
ATOM   917  C CD2 . LEU A 1 113 ? -2.887  -4.765  -9.566  1.00 40.76 ? 515 LEU A CD2 1 
ATOM   918  N N   . LYS A 1 114 ? -3.564  -1.333  -13.659 1.00 32.76 ? 516 LYS A N   1 
ATOM   919  C CA  . LYS A 1 114 ? -3.413  -0.584  -14.897 1.00 36.67 ? 516 LYS A CA  1 
ATOM   920  C C   . LYS A 1 114 ? -1.936  -0.454  -15.258 1.00 39.37 ? 516 LYS A C   1 
ATOM   921  O O   . LYS A 1 114 ? -1.045  -0.653  -14.425 1.00 38.05 ? 516 LYS A O   1 
ATOM   922  C CB  . LYS A 1 114 ? -4.050  0.805   -14.779 1.00 35.18 ? 516 LYS A CB  1 
ATOM   923  C CG  . LYS A 1 114 ? -5.513  0.877   -15.202 1.00 38.50 ? 516 LYS A CG  1 
ATOM   924  C CD  . LYS A 1 114 ? -6.002  2.321   -15.312 1.00 38.69 ? 516 LYS A CD  1 
ATOM   925  C CE  . LYS A 1 114 ? -6.419  2.688   -16.745 1.00 47.86 ? 516 LYS A CE  1 
ATOM   926  N NZ  . LYS A 1 114 ? -5.293  2.926   -17.737 1.00 42.50 ? 516 LYS A NZ  1 
ATOM   927  N N   . GLU A 1 115 ? -1.699  -0.101  -16.525 1.00 45.63 ? 517 GLU A N   1 
ATOM   928  C CA  . GLU A 1 115 ? -0.351  0.015   -17.084 1.00 45.22 ? 517 GLU A CA  1 
ATOM   929  C C   . GLU A 1 115 ? 0.559   0.876   -16.220 1.00 42.63 ? 517 GLU A C   1 
ATOM   930  O O   . GLU A 1 115 ? 1.712   0.519   -15.958 1.00 43.17 ? 517 GLU A O   1 
ATOM   931  C CB  . GLU A 1 115 ? -0.430  0.629   -18.487 1.00 52.68 ? 517 GLU A CB  1 
ATOM   932  C CG  . GLU A 1 115 ? -0.618  -0.341  -19.625 1.00 66.33 ? 517 GLU A CG  1 
ATOM   933  C CD  . GLU A 1 115 ? 0.536   -0.321  -20.622 1.00 73.54 ? 517 GLU A CD  1 
ATOM   934  O OE1 . GLU A 1 115 ? 0.290   -0.620  -21.815 1.00 69.40 ? 517 GLU A OE1 1 
ATOM   935  O OE2 . GLU A 1 115 ? 1.684   -0.031  -20.213 1.00 73.80 ? 517 GLU A OE2 1 
ATOM   936  N N   . SER A 1 116 ? 0.059   2.032   -15.801 1.00 37.90 ? 518 SER A N   1 
ATOM   937  C CA  . SER A 1 116 ? 0.864   3.072   -15.178 1.00 40.54 ? 518 SER A CA  1 
ATOM   938  C C   . SER A 1 116 ? 1.264   2.756   -13.740 1.00 37.27 ? 518 SER A C   1 
ATOM   939  O O   . SER A 1 116 ? 1.955   3.569   -13.113 1.00 36.59 ? 518 SER A O   1 
ATOM   940  C CB  . SER A 1 116 ? 0.079   4.382   -15.219 1.00 37.49 ? 518 SER A CB  1 
ATOM   941  O OG  . SER A 1 116 ? -1.301  4.101   -14.997 1.00 40.26 ? 518 SER A OG  1 
ATOM   942  N N   . VAL A 1 117 ? 0.843   1.620   -13.191 1.00 36.23 ? 519 VAL A N   1 
ATOM   943  C CA  . VAL A 1 117 ? 1.087   1.360   -11.782 1.00 31.35 ? 519 VAL A CA  1 
ATOM   944  C C   . VAL A 1 117 ? 2.557   1.015   -11.577 1.00 34.95 ? 519 VAL A C   1 
ATOM   945  O O   . VAL A 1 117 ? 3.109   0.135   -12.250 1.00 36.45 ? 519 VAL A O   1 
ATOM   946  C CB  . VAL A 1 117 ? 0.171   0.243   -11.268 1.00 31.81 ? 519 VAL A CB  1 
ATOM   947  C CG1 . VAL A 1 117 ? 0.591   -0.158  -9.869  1.00 31.22 ? 519 VAL A CG1 1 
ATOM   948  C CG2 . VAL A 1 117 ? -1.285  0.695   -11.286 1.00 25.82 ? 519 VAL A CG2 1 
ATOM   949  N N   . SER A 1 118 ? 3.191   1.716   -10.642 1.00 33.91 ? 520 SER A N   1 
ATOM   950  C CA  . SER A 1 118 ? 4.595   1.495   -10.332 1.00 37.48 ? 520 SER A CA  1 
ATOM   951  C C   . SER A 1 118 ? 4.785   0.241   -9.484  1.00 33.16 ? 520 SER A C   1 
ATOM   952  O O   . SER A 1 118 ? 4.052   0.006   -8.520  1.00 30.39 ? 520 SER A O   1 
ATOM   953  C CB  . SER A 1 118 ? 5.162   2.707   -9.593  1.00 33.04 ? 520 SER A CB  1 
ATOM   954  O OG  . SER A 1 118 ? 4.853   3.911   -10.278 1.00 41.97 ? 520 SER A OG  1 
ATOM   955  N N   . PHE A 1 119 ? 5.784   -0.559  -9.857  1.00 31.20 ? 521 PHE A N   1 
ATOM   956  C CA  . PHE A 1 119 ? 6.264   -1.701  -9.085  1.00 35.16 ? 521 PHE A CA  1 
ATOM   957  C C   . PHE A 1 119 ? 7.623   -1.343  -8.498  1.00 38.56 ? 521 PHE A C   1 
ATOM   958  O O   . PHE A 1 119 ? 8.569   -1.087  -9.247  1.00 38.63 ? 521 PHE A O   1 
ATOM   959  C CB  . PHE A 1 119 ? 6.399   -2.939  -9.966  1.00 38.05 ? 521 PHE A CB  1 
ATOM   960  C CG  . PHE A 1 119 ? 5.196   -3.805  -9.977  1.00 36.13 ? 521 PHE A CG  1 
ATOM   961  C CD1 . PHE A 1 119 ? 4.072   -3.440  -10.710 1.00 42.90 ? 521 PHE A CD1 1 
ATOM   962  C CD2 . PHE A 1 119 ? 5.186   -4.993  -9.274  1.00 40.86 ? 521 PHE A CD2 1 
ATOM   963  C CE1 . PHE A 1 119 ? 2.947   -4.243  -10.735 1.00 41.07 ? 521 PHE A CE1 1 
ATOM   964  C CE2 . PHE A 1 119 ? 4.074   -5.807  -9.291  1.00 46.64 ? 521 PHE A CE2 1 
ATOM   965  C CZ  . PHE A 1 119 ? 2.945   -5.432  -10.023 1.00 42.60 ? 521 PHE A CZ  1 
ATOM   966  N N   . VAL A 1 120 ? 7.722   -1.330  -7.170  1.00 35.47 ? 522 VAL A N   1 
ATOM   967  C CA  . VAL A 1 120 ? 8.964   -1.018  -6.473  1.00 36.83 ? 522 VAL A CA  1 
ATOM   968  C C   . VAL A 1 120 ? 9.384   -2.241  -5.667  1.00 38.69 ? 522 VAL A C   1 
ATOM   969  O O   . VAL A 1 120 ? 8.592   -2.777  -4.885  1.00 42.10 ? 522 VAL A O   1 
ATOM   970  C CB  . VAL A 1 120 ? 8.813   0.213   -5.563  1.00 33.57 ? 522 VAL A CB  1 
ATOM   971  C CG1 . VAL A 1 120 ? 10.171  0.663   -5.091  1.00 32.67 ? 522 VAL A CG1 1 
ATOM   972  C CG2 . VAL A 1 120 ? 8.100   1.337   -6.309  1.00 35.72 ? 522 VAL A CG2 1 
ATOM   973  N N   . SER A 1 121 ? 10.626  -2.672  -5.856  1.00 35.99 ? 523 SER A N   1 
ATOM   974  C CA  . SER A 1 121 ? 11.115  -3.939  -5.333  1.00 37.23 ? 523 SER A CA  1 
ATOM   975  C C   . SER A 1 121 ? 11.926  -3.715  -4.058  1.00 37.75 ? 523 SER A C   1 
ATOM   976  O O   . SER A 1 121 ? 12.993  -3.086  -4.095  1.00 36.89 ? 523 SER A O   1 
ATOM   977  C CB  . SER A 1 121 ? 11.962  -4.649  -6.389  1.00 41.22 ? 523 SER A CB  1 
ATOM   978  O OG  . SER A 1 121 ? 12.630  -5.773  -5.846  1.00 49.80 ? 523 SER A OG  1 
ATOM   979  N N   . TRP A 1 122 ? 11.416  -4.227  -2.937  1.00 38.54 ? 524 TRP A N   1 
ATOM   980  C CA  . TRP A 1 122 ? 12.153  -4.247  -1.676  1.00 39.18 ? 524 TRP A CA  1 
ATOM   981  C C   . TRP A 1 122 ? 13.180  -5.377  -1.712  1.00 36.12 ? 524 TRP A C   1 
ATOM   982  O O   . TRP A 1 122 ? 12.837  -6.525  -2.012  1.00 30.02 ? 524 TRP A O   1 
ATOM   983  C CB  . TRP A 1 122 ? 11.179  -4.433  -0.505  1.00 33.30 ? 524 TRP A CB  1 
ATOM   984  C CG  . TRP A 1 122 ? 11.816  -4.475  0.847   1.00 34.38 ? 524 TRP A CG  1 
ATOM   985  C CD1 . TRP A 1 122 ? 12.074  -5.582  1.600   1.00 36.38 ? 524 TRP A CD1 1 
ATOM   986  C CD2 . TRP A 1 122 ? 12.272  -3.355  1.614   1.00 33.00 ? 524 TRP A CD2 1 
ATOM   987  N NE1 . TRP A 1 122 ? 12.664  -5.221  2.795   1.00 35.11 ? 524 TRP A NE1 1 
ATOM   988  C CE2 . TRP A 1 122 ? 12.801  -3.859  2.822   1.00 34.77 ? 524 TRP A CE2 1 
ATOM   989  C CE3 . TRP A 1 122 ? 12.288  -1.976  1.396   1.00 32.79 ? 524 TRP A CE3 1 
ATOM   990  C CZ2 . TRP A 1 122 ? 13.336  -3.028  3.810   1.00 35.28 ? 524 TRP A CZ2 1 
ATOM   991  C CZ3 . TRP A 1 122 ? 12.821  -1.150  2.385   1.00 34.14 ? 524 TRP A CZ3 1 
ATOM   992  C CH2 . TRP A 1 122 ? 13.339  -1.679  3.564   1.00 33.34 ? 524 TRP A CH2 1 
ATOM   993  N N   . LYS A 1 123 ? 14.439  -5.051  -1.417  1.00 36.61 ? 525 LYS A N   1 
ATOM   994  C CA  . LYS A 1 123 ? 15.541  -6.006  -1.495  1.00 35.90 ? 525 LYS A CA  1 
ATOM   995  C C   . LYS A 1 123 ? 16.115  -6.348  -0.121  1.00 39.15 ? 525 LYS A C   1 
ATOM   996  O O   . LYS A 1 123 ? 17.292  -6.690  0.000   1.00 40.89 ? 525 LYS A O   1 
ATOM   997  C CB  . LYS A 1 123 ? 16.651  -5.473  -2.400  1.00 36.97 ? 525 LYS A CB  1 
ATOM   998  C CG  . LYS A 1 123 ? 16.155  -4.719  -3.601  1.00 40.99 ? 525 LYS A CG  1 
ATOM   999  C CD  . LYS A 1 123 ? 17.034  -4.981  -4.810  1.00 42.80 ? 525 LYS A CD  1 
ATOM   1000 C CE  . LYS A 1 123 ? 16.254  -4.760  -6.094  1.00 44.81 ? 525 LYS A CE  1 
ATOM   1001 N NZ  . LYS A 1 123 ? 15.065  -5.684  -6.162  1.00 42.16 ? 525 LYS A NZ  1 
ATOM   1002 N N   . GLY A 1 124 ? 15.306  -6.265  0.920   1.00 41.82 ? 526 GLY A N   1 
ATOM   1003 C CA  . GLY A 1 124 ? 15.797  -6.625  2.231   1.00 35.80 ? 526 GLY A CA  1 
ATOM   1004 C C   . GLY A 1 124 ? 16.488  -5.456  2.907   1.00 40.71 ? 526 GLY A C   1 
ATOM   1005 O O   . GLY A 1 124 ? 16.290  -4.283  2.559   1.00 39.95 ? 526 GLY A O   1 
ATOM   1006 N N   . GLU A 1 125 ? 17.330  -5.798  3.888   1.00 42.47 ? 527 GLU A N   1 
ATOM   1007 C CA  . GLU A 1 125 ? 17.955  -4.797  4.747   1.00 44.21 ? 527 GLU A CA  1 
ATOM   1008 C C   . GLU A 1 125 ? 18.700  -3.732  3.951   1.00 42.85 ? 527 GLU A C   1 
ATOM   1009 O O   . GLU A 1 125 ? 18.774  -2.573  4.382   1.00 37.61 ? 527 GLU A O   1 
ATOM   1010 C CB  . GLU A 1 125 ? 18.911  -5.481  5.734   1.00 43.10 ? 527 GLU A CB  1 
ATOM   1011 C CG  . GLU A 1 125 ? 18.377  -5.551  7.143   1.00 50.51 ? 527 GLU A CG  1 
ATOM   1012 C CD  . GLU A 1 125 ? 17.576  -4.310  7.508   1.00 57.56 ? 527 GLU A CD  1 
ATOM   1013 O OE1 . GLU A 1 125 ? 18.198  -3.278  7.857   1.00 59.18 ? 527 GLU A OE1 1 
ATOM   1014 O OE2 . GLU A 1 125 ? 16.326  -4.367  7.441   1.00 57.38 ? 527 GLU A OE2 1 
ATOM   1015 N N   . LYS A 1 126 ? 19.239  -4.099  2.786   1.00 36.64 ? 528 LYS A N   1 
ATOM   1016 C CA  . LYS A 1 126 ? 20.047  -3.168  2.018   1.00 39.53 ? 528 LYS A CA  1 
ATOM   1017 C C   . LYS A 1 126 ? 19.215  -2.056  1.387   1.00 42.58 ? 528 LYS A C   1 
ATOM   1018 O O   . LYS A 1 126 ? 19.774  -1.022  1.012   1.00 39.95 ? 528 LYS A O   1 
ATOM   1019 C CB  . LYS A 1 126 ? 20.833  -3.934  0.956   1.00 39.17 ? 528 LYS A CB  1 
ATOM   1020 C CG  . LYS A 1 126 ? 20.042  -4.337  -0.267  1.00 36.56 ? 528 LYS A CG  1 
ATOM   1021 C CD  . LYS A 1 126 ? 20.982  -4.645  -1.403  1.00 38.09 ? 528 LYS A CD  1 
ATOM   1022 C CE  . LYS A 1 126 ? 20.558  -5.887  -2.145  1.00 40.69 ? 528 LYS A CE  1 
ATOM   1023 N NZ  . LYS A 1 126 ? 20.761  -7.086  -1.300  1.00 51.26 ? 528 LYS A NZ  1 
ATOM   1024 N N   . SER A 1 127 ? 17.897  -2.231  1.276   1.00 40.26 ? 529 SER A N   1 
ATOM   1025 C CA  . SER A 1 127 ? 17.055  -1.174  0.733   1.00 37.32 ? 529 SER A CA  1 
ATOM   1026 C C   . SER A 1 127 ? 16.654  -0.149  1.787   1.00 39.27 ? 529 SER A C   1 
ATOM   1027 O O   . SER A 1 127 ? 16.194  0.945   1.434   1.00 36.77 ? 529 SER A O   1 
ATOM   1028 C CB  . SER A 1 127 ? 15.812  -1.789  0.083   1.00 33.89 ? 529 SER A CB  1 
ATOM   1029 O OG  . SER A 1 127 ? 16.174  -2.486  -1.100  1.00 38.61 ? 529 SER A OG  1 
ATOM   1030 N N   . LYS A 1 128 ? 16.869  -0.458  3.064   1.00 39.06 ? 530 LYS A N   1 
ATOM   1031 C CA  . LYS A 1 128 ? 16.291  0.339   4.141   1.00 41.62 ? 530 LYS A CA  1 
ATOM   1032 C C   . LYS A 1 128 ? 16.912  1.734   4.221   1.00 45.02 ? 530 LYS A C   1 
ATOM   1033 O O   . LYS A 1 128 ? 16.206  2.716   4.481   1.00 41.34 ? 530 LYS A O   1 
ATOM   1034 C CB  . LYS A 1 128 ? 16.461  -0.408  5.466   1.00 48.13 ? 530 LYS A CB  1 
ATOM   1035 C CG  . LYS A 1 128 ? 15.887  0.304   6.681   1.00 50.49 ? 530 LYS A CG  1 
ATOM   1036 C CD  . LYS A 1 128 ? 15.568  -0.685  7.785   1.00 47.63 ? 530 LYS A CD  1 
ATOM   1037 C CE  . LYS A 1 128 ? 15.482  0.016   9.134   1.00 53.86 ? 530 LYS A CE  1 
ATOM   1038 N NZ  . LYS A 1 128 ? 14.092  0.037   9.679   1.00 54.01 ? 530 LYS A NZ  1 
ATOM   1039 N N   . HIS A 1 129 ? 18.223  1.843   3.999   1.00 43.45 ? 531 HIS A N   1 
ATOM   1040 C CA  . HIS A 1 129 ? 18.925  3.102   4.228   1.00 45.98 ? 531 HIS A CA  1 
ATOM   1041 C C   . HIS A 1 129 ? 18.402  4.196   3.306   1.00 47.70 ? 531 HIS A C   1 
ATOM   1042 O O   . HIS A 1 129 ? 18.001  3.937   2.169   1.00 45.82 ? 531 HIS A O   1 
ATOM   1043 C CB  . HIS A 1 129 ? 20.433  2.917   4.029   1.00 45.25 ? 531 HIS A CB  1 
ATOM   1044 C CG  . HIS A 1 129 ? 20.860  2.826   2.594   1.00 44.36 ? 531 HIS A CG  1 
ATOM   1045 N ND1 . HIS A 1 129 ? 21.205  3.933   1.846   1.00 46.65 ? 531 HIS A ND1 1 
ATOM   1046 C CD2 . HIS A 1 129 ? 21.019  1.756   1.776   1.00 44.55 ? 531 HIS A CD2 1 
ATOM   1047 C CE1 . HIS A 1 129 ? 21.547  3.551   0.627   1.00 45.31 ? 531 HIS A CE1 1 
ATOM   1048 N NE2 . HIS A 1 129 ? 21.442  2.235   0.557   1.00 42.38 ? 531 HIS A NE2 1 
ATOM   1049 N N   . SER A 1 130 ? 18.400  5.424   3.815   1.00 47.77 ? 532 SER A N   1 
ATOM   1050 C CA  . SER A 1 130 ? 17.908  6.567   3.059   1.00 50.05 ? 532 SER A CA  1 
ATOM   1051 C C   . SER A 1 130 ? 18.673  6.717   1.744   1.00 48.84 ? 532 SER A C   1 
ATOM   1052 O O   . SER A 1 130 ? 19.866  6.413   1.651   1.00 51.47 ? 532 SER A O   1 
ATOM   1053 C CB  . SER A 1 130 ? 18.039  7.844   3.898   1.00 54.16 ? 532 SER A CB  1 
ATOM   1054 O OG  . SER A 1 130 ? 17.687  7.613   5.262   1.00 51.03 ? 532 SER A OG  1 
ATOM   1055 N N   . GLY A 1 131 ? 17.968  7.182   0.713   1.00 49.44 ? 533 GLY A N   1 
ATOM   1056 C CA  . GLY A 1 131 ? 18.568  7.333   -0.599  1.00 44.19 ? 533 GLY A CA  1 
ATOM   1057 C C   . GLY A 1 131 ? 18.817  6.041   -1.349  1.00 43.25 ? 533 GLY A C   1 
ATOM   1058 O O   . GLY A 1 131 ? 19.404  6.080   -2.438  1.00 44.38 ? 533 GLY A O   1 
ATOM   1059 N N   . SER A 1 132 ? 18.397  4.897   -0.810  1.00 40.75 ? 534 SER A N   1 
ATOM   1060 C CA  . SER A 1 132 ? 18.481  3.649   -1.552  1.00 40.13 ? 534 SER A CA  1 
ATOM   1061 C C   . SER A 1 132 ? 17.679  3.741   -2.850  1.00 35.09 ? 534 SER A C   1 
ATOM   1062 O O   . SER A 1 132 ? 16.847  4.634   -3.043  1.00 32.32 ? 534 SER A O   1 
ATOM   1063 C CB  . SER A 1 132 ? 17.957  2.487   -0.707  1.00 41.07 ? 534 SER A CB  1 
ATOM   1064 O OG  . SER A 1 132 ? 16.540  2.523   -0.650  1.00 37.49 ? 534 SER A OG  1 
ATOM   1065 N N   . LYS A 1 133 ? 17.943  2.793   -3.750  1.00 35.67 ? 535 LYS A N   1 
ATOM   1066 C CA  . LYS A 1 133 ? 17.167  2.707   -4.985  1.00 36.56 ? 535 LYS A CA  1 
ATOM   1067 C C   . LYS A 1 133 ? 15.687  2.488   -4.689  1.00 33.58 ? 535 LYS A C   1 
ATOM   1068 O O   . LYS A 1 133 ? 14.821  3.092   -5.337  1.00 30.67 ? 535 LYS A O   1 
ATOM   1069 C CB  . LYS A 1 133 ? 17.724  1.590   -5.868  1.00 39.62 ? 535 LYS A CB  1 
ATOM   1070 C CG  . LYS A 1 133 ? 19.227  1.715   -6.113  1.00 43.22 ? 535 LYS A CG  1 
ATOM   1071 C CD  . LYS A 1 133 ? 19.830  0.387   -6.530  1.00 50.77 ? 535 LYS A CD  1 
ATOM   1072 C CE  . LYS A 1 133 ? 19.015  -0.234  -7.647  1.00 54.96 ? 535 LYS A CE  1 
ATOM   1073 N NZ  . LYS A 1 133 ? 18.980  0.645   -8.847  1.00 58.57 ? 535 LYS A NZ  1 
ATOM   1074 N N   . PHE A 1 134 ? 15.375  1.647   -3.694  1.00 30.49 ? 536 PHE A N   1 
ATOM   1075 C CA  . PHE A 1 134 ? 13.980  1.449   -3.317  1.00 34.08 ? 536 PHE A CA  1 
ATOM   1076 C C   . PHE A 1 134 ? 13.308  2.775   -2.989  1.00 32.48 ? 536 PHE A C   1 
ATOM   1077 O O   . PHE A 1 134 ? 12.250  3.100   -3.544  1.00 30.15 ? 536 PHE A O   1 
ATOM   1078 C CB  . PHE A 1 134 ? 13.854  0.499   -2.124  1.00 33.30 ? 536 PHE A CB  1 
ATOM   1079 C CG  . PHE A 1 134 ? 12.467  0.455   -1.559  1.00 30.88 ? 536 PHE A CG  1 
ATOM   1080 C CD1 . PHE A 1 134 ? 11.518  -0.398  -2.098  1.00 33.89 ? 536 PHE A CD1 1 
ATOM   1081 C CD2 . PHE A 1 134 ? 12.096  1.297   -0.525  1.00 31.75 ? 536 PHE A CD2 1 
ATOM   1082 C CE1 . PHE A 1 134 ? 10.242  -0.424  -1.601  1.00 32.95 ? 536 PHE A CE1 1 
ATOM   1083 C CE2 . PHE A 1 134 ? 10.826  1.286   -0.034  1.00 36.69 ? 536 PHE A CE2 1 
ATOM   1084 C CZ  . PHE A 1 134 ? 9.889   0.419   -0.569  1.00 31.37 ? 536 PHE A CZ  1 
ATOM   1085 N N   . TRP A 1 135 ? 13.905  3.548   -2.069  1.00 32.33 ? 537 TRP A N   1 
ATOM   1086 C CA  . TRP A 1 135 ? 13.280  4.785   -1.613  1.00 29.41 ? 537 TRP A CA  1 
ATOM   1087 C C   . TRP A 1 135 ? 13.182  5.816   -2.727  1.00 33.96 ? 537 TRP A C   1 
ATOM   1088 O O   . TRP A 1 135 ? 12.210  6.589   -2.772  1.00 28.79 ? 537 TRP A O   1 
ATOM   1089 C CB  . TRP A 1 135 ? 14.047  5.368   -0.429  1.00 28.49 ? 537 TRP A CB  1 
ATOM   1090 C CG  . TRP A 1 135 ? 13.825  4.603   0.846   1.00 36.61 ? 537 TRP A CG  1 
ATOM   1091 C CD1 . TRP A 1 135 ? 14.767  3.977   1.608   1.00 36.32 ? 537 TRP A CD1 1 
ATOM   1092 C CD2 . TRP A 1 135 ? 12.565  4.352   1.477   1.00 30.39 ? 537 TRP A CD2 1 
ATOM   1093 N NE1 . TRP A 1 135 ? 14.169  3.360   2.688   1.00 36.25 ? 537 TRP A NE1 1 
ATOM   1094 C CE2 . TRP A 1 135 ? 12.818  3.575   2.626   1.00 32.91 ? 537 TRP A CE2 1 
ATOM   1095 C CE3 . TRP A 1 135 ? 11.247  4.713   1.181   1.00 32.38 ? 537 TRP A CE3 1 
ATOM   1096 C CZ2 . TRP A 1 135 ? 11.801  3.157   3.485   1.00 35.21 ? 537 TRP A CZ2 1 
ATOM   1097 C CZ3 . TRP A 1 135 ? 10.234  4.294   2.034   1.00 36.97 ? 537 TRP A CZ3 1 
ATOM   1098 C CH2 . TRP A 1 135 ? 10.518  3.524   3.171   1.00 33.01 ? 537 TRP A CH2 1 
ATOM   1099 N N   . LYS A 1 136 ? 14.174  5.860   -3.617  1.00 29.60 ? 538 LYS A N   1 
ATOM   1100 C CA  . LYS A 1 136 ? 14.091  6.816   -4.715  1.00 32.57 ? 538 LYS A CA  1 
ATOM   1101 C C   . LYS A 1 136 ? 12.973  6.431   -5.662  1.00 26.80 ? 538 LYS A C   1 
ATOM   1102 O O   . LYS A 1 136 ? 12.203  7.291   -6.100  1.00 27.39 ? 538 LYS A O   1 
ATOM   1103 C CB  . LYS A 1 136 ? 15.433  6.930   -5.440  1.00 37.45 ? 538 LYS A CB  1 
ATOM   1104 C CG  . LYS A 1 136 ? 16.480  7.672   -4.626  1.00 41.02 ? 538 LYS A CG  1 
ATOM   1105 C CD  . LYS A 1 136 ? 17.904  7.205   -4.899  1.00 47.74 ? 538 LYS A CD  1 
ATOM   1106 C CE  . LYS A 1 136 ? 18.524  7.949   -6.062  1.00 50.48 ? 538 LYS A CE  1 
ATOM   1107 N NZ  . LYS A 1 136 ? 18.012  7.450   -7.360  1.00 55.13 ? 538 LYS A NZ  1 
ATOM   1108 N N   . ALA A 1 137 ? 12.837  5.138   -5.968  1.00 32.85 ? 539 ALA A N   1 
ATOM   1109 C CA  . ALA A 1 137 ? 11.796  4.682   -6.892  1.00 32.37 ? 539 ALA A CA  1 
ATOM   1110 C C   . ALA A 1 137 ? 10.411  4.919   -6.318  1.00 30.57 ? 539 ALA A C   1 
ATOM   1111 O O   . ALA A 1 137 ? 9.481   5.267   -7.048  1.00 30.48 ? 539 ALA A O   1 
ATOM   1112 C CB  . ALA A 1 137 ? 11.967  3.195   -7.234  1.00 27.66 ? 539 ALA A CB  1 
ATOM   1113 N N   . LEU A 1 138 ? 10.262  4.747   -5.004  1.00 29.24 ? 540 LEU A N   1 
ATOM   1114 C CA  . LEU A 1 138 ? 8.943   4.901   -4.406  1.00 30.82 ? 540 LEU A CA  1 
ATOM   1115 C C   . LEU A 1 138 ? 8.556   6.373   -4.333  1.00 28.36 ? 540 LEU A C   1 
ATOM   1116 O O   . LEU A 1 138 ? 7.397   6.734   -4.579  1.00 26.37 ? 540 LEU A O   1 
ATOM   1117 C CB  . LEU A 1 138 ? 8.925   4.238   -3.025  1.00 29.52 ? 540 LEU A CB  1 
ATOM   1118 C CG  . LEU A 1 138 ? 7.645   4.221   -2.185  1.00 27.92 ? 540 LEU A CG  1 
ATOM   1119 C CD1 . LEU A 1 138 ? 6.473   3.624   -2.953  1.00 28.71 ? 540 LEU A CD1 1 
ATOM   1120 C CD2 . LEU A 1 138 ? 7.894   3.446   -0.904  1.00 28.30 ? 540 LEU A CD2 1 
ATOM   1121 N N   . ARG A 1 139 ? 9.526   7.237   -4.039  1.00 27.65 ? 541 ARG A N   1 
ATOM   1122 C CA  . ARG A 1 139 ? 9.248   8.666   -3.933  1.00 32.36 ? 541 ARG A CA  1 
ATOM   1123 C C   . ARG A 1 139 ? 8.763   9.226   -5.265  1.00 28.33 ? 541 ARG A C   1 
ATOM   1124 O O   . ARG A 1 139 ? 7.856   10.068  -5.300  1.00 27.48 ? 541 ARG A O   1 
ATOM   1125 C CB  . ARG A 1 139 ? 10.501  9.405   -3.440  1.00 30.57 ? 541 ARG A CB  1 
ATOM   1126 C CG  . ARG A 1 139 ? 10.309  10.899  -3.195  1.00 28.40 ? 541 ARG A CG  1 
ATOM   1127 C CD  . ARG A 1 139 ? 9.221   11.208  -2.153  1.00 31.99 ? 541 ARG A CD  1 
ATOM   1128 N NE  . ARG A 1 139 ? 8.942   12.645  -2.071  1.00 33.69 ? 541 ARG A NE  1 
ATOM   1129 C CZ  . ARG A 1 139 ? 8.258   13.316  -2.996  1.00 33.10 ? 541 ARG A CZ  1 
ATOM   1130 N NH1 . ARG A 1 139 ? 7.796   12.675  -4.066  1.00 35.11 ? 541 ARG A NH1 1 
ATOM   1131 N NH2 . ARG A 1 139 ? 8.035   14.617  -2.865  1.00 26.93 ? 541 ARG A NH2 1 
ATOM   1132 N N   . LEU A 1 140 ? 9.327   8.736   -6.375  1.00 28.21 ? 542 LEU A N   1 
ATOM   1133 C CA  . LEU A 1 140 ? 8.853   9.137   -7.697  1.00 28.67 ? 542 LEU A CA  1 
ATOM   1134 C C   . LEU A 1 140 ? 7.410   8.695   -7.944  1.00 33.31 ? 542 LEU A C   1 
ATOM   1135 O O   . LEU A 1 140 ? 6.663   9.374   -8.661  1.00 27.79 ? 542 LEU A O   1 
ATOM   1136 C CB  . LEU A 1 140 ? 9.782   8.564   -8.764  1.00 29.63 ? 542 LEU A CB  1 
ATOM   1137 C CG  . LEU A 1 140 ? 11.127  9.274   -8.860  1.00 36.09 ? 542 LEU A CG  1 
ATOM   1138 C CD1 . LEU A 1 140 ? 12.282  8.308   -9.178  1.00 34.53 ? 542 LEU A CD1 1 
ATOM   1139 C CD2 . LEU A 1 140 ? 11.011  10.323  -9.930  1.00 36.91 ? 542 LEU A CD2 1 
ATOM   1140 N N   . ALA A 1 141 ? 6.990   7.576   -7.350  1.00 28.45 ? 543 ALA A N   1 
ATOM   1141 C CA  . ALA A 1 141 ? 5.641   7.068   -7.571  1.00 31.47 ? 543 ALA A CA  1 
ATOM   1142 C C   . ALA A 1 141 ? 4.588   7.775   -6.726  1.00 31.54 ? 543 ALA A C   1 
ATOM   1143 O O   . ALA A 1 141 ? 3.389   7.557   -6.951  1.00 32.02 ? 543 ALA A O   1 
ATOM   1144 C CB  . ALA A 1 141 ? 5.598   5.562   -7.291  1.00 25.58 ? 543 ALA A CB  1 
ATOM   1145 N N   . LEU A 1 142 ? 5.003   8.606   -5.784  1.00 27.48 ? 544 LEU A N   1 
ATOM   1146 C CA  . LEU A 1 142 ? 4.161   9.269   -4.800  1.00 27.55 ? 544 LEU A CA  1 
ATOM   1147 C C   . LEU A 1 142 ? 3.879   10.710  -5.239  1.00 29.47 ? 544 LEU A C   1 
ATOM   1148 O O   . LEU A 1 142 ? 4.455   11.193  -6.216  1.00 29.03 ? 544 LEU A O   1 
ATOM   1149 C CB  . LEU A 1 142 ? 4.855   9.212   -3.429  1.00 26.71 ? 544 LEU A CB  1 
ATOM   1150 C CG  . LEU A 1 142 ? 4.990   7.782   -2.883  1.00 26.88 ? 544 LEU A CG  1 
ATOM   1151 C CD1 . LEU A 1 142 ? 5.945   7.672   -1.649  1.00 27.75 ? 544 LEU A CD1 1 
ATOM   1152 C CD2 . LEU A 1 142 ? 3.629   7.259   -2.556  1.00 24.54 ? 544 LEU A CD2 1 
ATOM   1153 N N   . PRO A 1 143 ? 2.963   11.423  -4.561  1.00 30.04 ? 545 PRO A N   1 
ATOM   1154 C CA  . PRO A 1 143 ? 2.623   12.790  -5.000  1.00 28.99 ? 545 PRO A CA  1 
ATOM   1155 C C   . PRO A 1 143 ? 3.839   13.715  -5.037  1.00 31.49 ? 545 PRO A C   1 
ATOM   1156 O O   . PRO A 1 143 ? 4.784   13.571  -4.255  1.00 27.50 ? 545 PRO A O   1 
ATOM   1157 C CB  . PRO A 1 143 ? 1.606   13.262  -3.952  1.00 28.79 ? 545 PRO A CB  1 
ATOM   1158 C CG  . PRO A 1 143 ? 1.033   11.997  -3.350  1.00 29.92 ? 545 PRO A CG  1 
ATOM   1159 C CD  . PRO A 1 143 ? 2.130   10.976  -3.421  1.00 28.94 ? 545 PRO A CD  1 
ATOM   1160 N N   . LEU A 1 144 ? 3.793   14.688  -5.958  1.00 30.29 ? 546 LEU A N   1 
ATOM   1161 C CA  . LEU A 1 144 ? 4.939   15.570  -6.198  1.00 31.09 ? 546 LEU A CA  1 
ATOM   1162 C C   . LEU A 1 144 ? 5.370   16.301  -4.927  1.00 29.68 ? 546 LEU A C   1 
ATOM   1163 O O   . LEU A 1 144 ? 6.568   16.383  -4.623  1.00 32.14 ? 546 LEU A O   1 
ATOM   1164 C CB  . LEU A 1 144 ? 4.608   16.574  -7.315  1.00 31.32 ? 546 LEU A CB  1 
ATOM   1165 C CG  . LEU A 1 144 ? 4.651   16.045  -8.755  1.00 30.76 ? 546 LEU A CG  1 
ATOM   1166 C CD1 . LEU A 1 144 ? 4.073   17.059  -9.770  1.00 26.49 ? 546 LEU A CD1 1 
ATOM   1167 C CD2 . LEU A 1 144 ? 6.073   15.642  -9.137  1.00 32.02 ? 546 LEU A CD2 1 
ATOM   1168 N N   . ARG A 1 145 ? 4.413   16.844  -4.171  1.00 28.23 ? 547 ARG A N   1 
ATOM   1169 C CA  . ARG A 1 145 ? 4.699   17.488  -2.894  1.00 28.54 ? 547 ARG A CA  1 
ATOM   1170 C C   . ARG A 1 145 ? 3.727   17.024  -1.813  1.00 32.51 ? 547 ARG A C   1 
ATOM   1171 O O   . ARG A 1 145 ? 2.567   16.705  -2.090  1.00 24.59 ? 547 ARG A O   1 
ATOM   1172 C CB  . ARG A 1 145 ? 4.616   19.003  -2.999  1.00 27.06 ? 547 ARG A CB  1 
ATOM   1173 C CG  . ARG A 1 145 ? 5.651   19.608  -3.930  1.00 29.33 ? 547 ARG A CG  1 
ATOM   1174 C CD  . ARG A 1 145 ? 5.505   21.112  -3.980  1.00 28.55 ? 547 ARG A CD  1 
ATOM   1175 N NE  . ARG A 1 145 ? 4.209   21.489  -4.512  1.00 28.46 ? 547 ARG A NE  1 
ATOM   1176 C CZ  . ARG A 1 145 ? 3.615   22.655  -4.287  1.00 34.64 ? 547 ARG A CZ  1 
ATOM   1177 N NH1 . ARG A 1 145 ? 4.206   23.565  -3.518  1.00 30.55 ? 547 ARG A NH1 1 
ATOM   1178 N NH2 . ARG A 1 145 ? 2.430   22.908  -4.840  1.00 37.25 ? 547 ARG A NH2 1 
ATOM   1179 N N   . SER A 1 146 ? 4.212   17.048  -0.570  1.00 34.65 ? 548 SER A N   1 
ATOM   1180 C CA  . SER A 1 146 ? 3.440   16.676  0.618   1.00 36.41 ? 548 SER A CA  1 
ATOM   1181 C C   . SER A 1 146 ? 2.647   17.850  1.195   1.00 36.98 ? 548 SER A C   1 
ATOM   1182 O O   . SER A 1 146 ? 3.015   19.009  0.983   1.00 39.04 ? 548 SER A O   1 
ATOM   1183 C CB  . SER A 1 146 ? 4.381   16.113  1.687   1.00 32.35 ? 548 SER A CB  1 
ATOM   1184 O OG  . SER A 1 146 ? 5.518   16.941  1.861   1.00 37.48 ? 548 SER A OG  1 
HETATM 1185 O O   . HOH B 2 .   ? -8.500  12.052  -2.970  1.00 38.54 ? 601 HOH A O   1 
HETATM 1186 O O   . HOH B 2 .   ? -4.638  8.872   -7.095  1.00 36.45 ? 602 HOH A O   1 
HETATM 1187 O O   . HOH B 2 .   ? -3.640  9.888   9.048   1.00 33.40 ? 603 HOH A O   1 
HETATM 1188 O O   . HOH B 2 .   ? 8.935   4.597   -9.314  1.00 34.26 ? 604 HOH A O   1 
HETATM 1189 O O   . HOH B 2 .   ? -9.142  -1.226  -15.562 1.00 29.57 ? 605 HOH A O   1 
HETATM 1190 O O   . HOH B 2 .   ? 2.224   -6.918  3.197   1.00 31.36 ? 606 HOH A O   1 
HETATM 1191 O O   . HOH B 2 .   ? 4.617   -13.126 3.035   1.00 38.33 ? 607 HOH A O   1 
HETATM 1192 O O   . HOH B 2 .   ? 9.636   15.919  8.642   1.00 32.03 ? 608 HOH A O   1 
HETATM 1193 O O   . HOH B 2 .   ? -0.103  9.624   8.857   1.00 24.71 ? 609 HOH A O   1 
HETATM 1194 O O   . HOH B 2 .   ? 19.444  -6.570  2.133   1.00 42.51 ? 610 HOH A O   1 
HETATM 1195 O O   . HOH B 2 .   ? -8.977  -3.569  12.442  1.00 29.37 ? 611 HOH A O   1 
HETATM 1196 O O   . HOH B 2 .   ? 17.183  -0.867  -2.861  1.00 33.94 ? 612 HOH A O   1 
HETATM 1197 O O   . HOH B 2 .   ? -13.377 2.799   10.502  1.00 33.78 ? 613 HOH A O   1 
HETATM 1198 O O   . HOH B 2 .   ? -6.226  -14.503 -3.669  1.00 35.89 ? 614 HOH A O   1 
HETATM 1199 O O   . HOH B 2 .   ? -4.227  -0.811  6.071   1.00 22.41 ? 615 HOH A O   1 
HETATM 1200 O O   . HOH B 2 .   ? -10.746 -1.564  13.120  1.00 28.10 ? 616 HOH A O   1 
HETATM 1201 O O   . HOH B 2 .   ? 5.674   10.900  12.249  1.00 40.25 ? 617 HOH A O   1 
HETATM 1202 O O   . HOH B 2 .   ? -8.747  7.408   -4.270  1.00 35.40 ? 618 HOH A O   1 
HETATM 1203 O O   . HOH B 2 .   ? -4.038  -2.059  8.771   1.00 26.00 ? 619 HOH A O   1 
HETATM 1204 O O   . HOH B 2 .   ? 8.699   16.427  -6.186  1.00 29.05 ? 620 HOH A O   1 
HETATM 1205 O O   . HOH B 2 .   ? -9.572  8.369   12.049  1.00 36.76 ? 621 HOH A O   1 
HETATM 1206 O O   . HOH B 2 .   ? -12.120 2.351   -15.864 1.00 24.25 ? 622 HOH A O   1 
HETATM 1207 O O   . HOH B 2 .   ? -10.785 -11.069 0.956   1.00 36.17 ? 623 HOH A O   1 
HETATM 1208 O O   . HOH B 2 .   ? -13.908 5.124   6.890   1.00 29.87 ? 624 HOH A O   1 
HETATM 1209 O O   . HOH B 2 .   ? 2.117   6.774   -9.173  1.00 38.01 ? 625 HOH A O   1 
HETATM 1210 O O   . HOH B 2 .   ? -2.904  -13.728 5.180   1.00 40.63 ? 626 HOH A O   1 
HETATM 1211 O O   . HOH B 2 .   ? -10.345 1.493   16.169  1.00 34.12 ? 627 HOH A O   1 
HETATM 1212 O O   . HOH B 2 .   ? 10.901  14.163  -0.889  1.00 36.79 ? 628 HOH A O   1 
HETATM 1213 O O   . HOH B 2 .   ? -1.898  -4.738  11.506  1.00 27.52 ? 629 HOH A O   1 
HETATM 1214 O O   . HOH B 2 .   ? -10.307 -12.941 -0.756  1.00 34.55 ? 630 HOH A O   1 
HETATM 1215 O O   . HOH B 2 .   ? 1.899   4.214   -9.405  1.00 31.65 ? 631 HOH A O   1 
HETATM 1216 O O   . HOH B 2 .   ? -3.234  -7.079  -17.631 1.00 41.72 ? 632 HOH A O   1 
HETATM 1217 O O   . HOH B 2 .   ? 13.230  9.907   -6.196  1.00 36.89 ? 633 HOH A O   1 
HETATM 1218 O O   . HOH B 2 .   ? -5.869  -6.561  11.607  1.00 23.43 ? 634 HOH A O   1 
HETATM 1219 O O   . HOH B 2 .   ? -3.794  2.522   -10.263 1.00 23.33 ? 635 HOH A O   1 
HETATM 1220 O O   . HOH B 2 .   ? -3.469  -10.582 5.415   1.00 30.89 ? 636 HOH A O   1 
HETATM 1221 O O   . HOH B 2 .   ? -7.232  -5.441  10.156  1.00 27.29 ? 637 HOH A O   1 
HETATM 1222 O O   . HOH B 2 .   ? 8.938   15.100  0.029   1.00 38.10 ? 638 HOH A O   1 
HETATM 1223 O O   . HOH B 2 .   ? 15.193  -1.255  -4.658  1.00 39.25 ? 639 HOH A O   1 
HETATM 1224 O O   . HOH B 2 .   ? -16.797 5.274   -12.535 1.00 28.67 ? 640 HOH A O   1 
HETATM 1225 O O   . HOH B 2 .   ? 8.465   8.191   13.743  1.00 43.60 ? 641 HOH A O   1 
HETATM 1226 O O   . HOH B 2 .   ? 7.145   17.551  -0.703  1.00 35.05 ? 642 HOH A O   1 
HETATM 1227 O O   . HOH B 2 .   ? 3.846   10.238  -9.146  1.00 38.22 ? 643 HOH A O   1 
HETATM 1228 O O   . HOH B 2 .   ? 10.242  -2.207  -11.515 1.00 44.25 ? 644 HOH A O   1 
HETATM 1229 O O   . HOH B 2 .   ? -1.318  12.873  -8.692  1.00 46.02 ? 645 HOH A O   1 
HETATM 1230 O O   . HOH B 2 .   ? 13.334  -7.597  4.657   1.00 46.97 ? 646 HOH A O   1 
HETATM 1231 O O   . HOH B 2 .   ? 5.243   -12.643 10.915  1.00 30.35 ? 647 HOH A O   1 
HETATM 1232 O O   . HOH B 2 .   ? 1.113   14.998  -7.696  1.00 36.63 ? 648 HOH A O   1 
HETATM 1233 O O   . HOH B 2 .   ? -17.889 -6.767  7.788   1.00 40.60 ? 649 HOH A O   1 
HETATM 1234 O O   . HOH B 2 .   ? -11.475 6.252   -14.553 1.00 30.40 ? 650 HOH A O   1 
HETATM 1235 O O   . HOH B 2 .   ? -0.770  -13.974 11.504  1.00 40.86 ? 651 HOH A O   1 
HETATM 1236 O O   . HOH B 2 .   ? -1.483  -7.284  11.723  1.00 25.50 ? 652 HOH A O   1 
HETATM 1237 O O   . HOH B 2 .   ? 14.542  10.327  -4.233  1.00 39.76 ? 653 HOH A O   1 
HETATM 1238 O O   . HOH B 2 .   ? -14.258 5.756   9.440   1.00 41.13 ? 654 HOH A O   1 
# 
loop_
_pdbx_poly_seq_scheme.asym_id 
_pdbx_poly_seq_scheme.entity_id 
_pdbx_poly_seq_scheme.seq_id 
_pdbx_poly_seq_scheme.mon_id 
_pdbx_poly_seq_scheme.ndb_seq_num 
_pdbx_poly_seq_scheme.pdb_seq_num 
_pdbx_poly_seq_scheme.auth_seq_num 
_pdbx_poly_seq_scheme.pdb_mon_id 
_pdbx_poly_seq_scheme.auth_mon_id 
_pdbx_poly_seq_scheme.pdb_strand_id 
_pdbx_poly_seq_scheme.pdb_ins_code 
_pdbx_poly_seq_scheme.hetero 
A 1 1   LYS 1   403 403 LYS LYS A . n 
A 1 2   GLU 2   404 404 GLU GLU A . n 
A 1 3   TYR 3   405 405 TYR TYR A . n 
A 1 4   ASP 4   406 406 ASP ASP A . n 
A 1 5   ILE 5   407 407 ILE ILE A . n 
A 1 6   TYR 6   408 408 TYR TYR A . n 
A 1 7   VAL 7   409 409 VAL VAL A . n 
A 1 8   SER 8   410 410 SER SER A . n 
A 1 9   TYR 9   411 411 TYR TYR A . n 
A 1 10  ALA 10  412 412 ALA ALA A . n 
A 1 11  ARG 11  413 413 ARG ARG A . n 
A 1 12  ASN 12  414 414 ASN ASN A . n 
A 1 13  ALA 13  415 415 ALA ALA A . n 
A 1 14  GLU 14  416 416 GLU GLU A . n 
A 1 15  GLU 15  417 417 GLU GLU A . n 
A 1 16  GLU 16  418 418 GLU GLU A . n 
A 1 17  GLU 17  419 419 GLU GLU A . n 
A 1 18  PHE 18  420 420 PHE PHE A . n 
A 1 19  VAL 19  421 421 VAL VAL A . n 
A 1 20  LEU 20  422 422 LEU LEU A . n 
A 1 21  LEU 21  423 423 LEU LEU A . n 
A 1 22  THR 22  424 424 THR THR A . n 
A 1 23  LEU 23  425 425 LEU LEU A . n 
A 1 24  ARG 24  426 426 ARG ARG A . n 
A 1 25  GLY 25  427 427 GLY GLY A . n 
A 1 26  VAL 26  428 428 VAL VAL A . n 
A 1 27  LEU 27  429 429 LEU LEU A . n 
A 1 28  GLU 28  430 430 GLU GLU A . n 
A 1 29  ASN 29  431 431 ASN ASN A . n 
A 1 30  GLU 30  432 432 GLU GLU A . n 
A 1 31  PHE 31  433 433 PHE PHE A . n 
A 1 32  GLY 32  434 434 GLY GLY A . n 
A 1 33  TYR 33  435 435 TYR TYR A . n 
A 1 34  LYS 34  436 436 LYS LYS A . n 
A 1 35  LEU 35  437 437 LEU LEU A . n 
A 1 36  CYS 36  438 438 CYS CYS A . n 
A 1 37  ILE 37  439 439 ILE ILE A . n 
A 1 38  PHE 38  440 440 PHE PHE A . n 
A 1 39  ASP 39  441 441 ASP ASP A . n 
A 1 40  ARG 40  442 442 ARG ARG A . n 
A 1 41  ASP 41  443 443 ASP ASP A . n 
A 1 42  SER 42  444 444 SER SER A . n 
A 1 43  LEU 43  445 445 LEU LEU A . n 
A 1 44  PRO 44  446 446 PRO PRO A . n 
A 1 45  GLY 45  447 447 GLY GLY A . n 
A 1 46  GLY 46  448 448 GLY GLY A . n 
A 1 47  ASN 47  449 449 ASN ASN A . n 
A 1 48  THR 48  450 450 THR THR A . n 
A 1 49  VAL 49  451 451 VAL VAL A . n 
A 1 50  GLU 50  452 452 GLU GLU A . n 
A 1 51  ALA 51  453 453 ALA ALA A . n 
A 1 52  VAL 52  454 454 VAL VAL A . n 
A 1 53  PHE 53  455 455 PHE PHE A . n 
A 1 54  ASP 54  456 456 ASP ASP A . n 
A 1 55  PHE 55  457 457 PHE PHE A . n 
A 1 56  ILE 56  458 458 ILE ILE A . n 
A 1 57  GLN 57  459 459 GLN GLN A . n 
A 1 58  ARG 58  460 460 ARG ARG A . n 
A 1 59  SER 59  461 461 SER SER A . n 
A 1 60  ARG 60  462 462 ARG ARG A . n 
A 1 61  ARG 61  463 463 ARG ARG A . n 
A 1 62  MET 62  464 464 MET MET A . n 
A 1 63  ILE 63  465 465 ILE ILE A . n 
A 1 64  VAL 64  466 466 VAL VAL A . n 
A 1 65  VAL 65  467 467 VAL VAL A . n 
A 1 66  LEU 66  468 468 LEU LEU A . n 
A 1 67  SER 67  469 469 SER SER A . n 
A 1 68  PRO 68  470 470 PRO PRO A . n 
A 1 69  ASP 69  471 471 ASP ASP A . n 
A 1 70  TYR 70  472 472 TYR TYR A . n 
A 1 71  VAL 71  473 473 VAL VAL A . n 
A 1 72  THR 72  474 474 THR THR A . n 
A 1 73  GLU 73  475 475 GLU GLU A . n 
A 1 74  LYS 74  476 476 LYS LYS A . n 
A 1 75  SER 75  477 477 SER SER A . n 
A 1 76  ILE 76  478 478 ILE ILE A . n 
A 1 77  SER 77  479 479 SER SER A . n 
A 1 78  MET 78  480 480 MET MET A . n 
A 1 79  LEU 79  481 481 LEU LEU A . n 
A 1 80  GLU 80  482 482 GLU GLU A . n 
A 1 81  PHE 81  483 483 PHE PHE A . n 
A 1 82  LYS 82  484 484 LYS LYS A . n 
A 1 83  LEU 83  485 485 LEU LEU A . n 
A 1 84  GLY 84  486 486 GLY GLY A . n 
A 1 85  VAL 85  487 487 VAL VAL A . n 
A 1 86  MET 86  488 488 MET MET A . n 
A 1 87  CYS 87  489 489 CYS CYS A . n 
A 1 88  GLN 88  490 490 GLN GLN A . n 
A 1 89  ASN 89  491 491 ASN ASN A . n 
A 1 90  SER 90  492 492 SER SER A . n 
A 1 91  ILE 91  493 493 ILE ILE A . n 
A 1 92  ALA 92  494 494 ALA ALA A . n 
A 1 93  THR 93  495 495 THR THR A . n 
A 1 94  LYS 94  496 496 LYS LYS A . n 
A 1 95  LEU 95  497 497 LEU LEU A . n 
A 1 96  ILE 96  498 498 ILE ILE A . n 
A 1 97  VAL 97  499 499 VAL VAL A . n 
A 1 98  VAL 98  500 500 VAL VAL A . n 
A 1 99  GLU 99  501 501 GLU GLU A . n 
A 1 100 TYR 100 502 502 TYR TYR A . n 
A 1 101 ARG 101 503 503 ARG ARG A . n 
A 1 102 PRO 102 504 504 PRO PRO A . n 
A 1 103 LEU 103 505 505 LEU LEU A . n 
A 1 104 GLU 104 506 506 GLU GLU A . n 
A 1 105 HIS 105 507 507 HIS HIS A . n 
A 1 106 PRO 106 508 508 PRO PRO A . n 
A 1 107 HIS 107 509 509 HIS HIS A . n 
A 1 108 PRO 108 510 510 PRO PRO A . n 
A 1 109 GLY 109 511 511 GLY GLY A . n 
A 1 110 ILE 110 512 512 ILE ILE A . n 
A 1 111 LEU 111 513 513 LEU LEU A . n 
A 1 112 GLN 112 514 514 GLN GLN A . n 
A 1 113 LEU 113 515 515 LEU LEU A . n 
A 1 114 LYS 114 516 516 LYS LYS A . n 
A 1 115 GLU 115 517 517 GLU GLU A . n 
A 1 116 SER 116 518 518 SER SER A . n 
A 1 117 VAL 117 519 519 VAL VAL A . n 
A 1 118 SER 118 520 520 SER SER A . n 
A 1 119 PHE 119 521 521 PHE PHE A . n 
A 1 120 VAL 120 522 522 VAL VAL A . n 
A 1 121 SER 121 523 523 SER SER A . n 
A 1 122 TRP 122 524 524 TRP TRP A . n 
A 1 123 LYS 123 525 525 LYS LYS A . n 
A 1 124 GLY 124 526 526 GLY GLY A . n 
A 1 125 GLU 125 527 527 GLU GLU A . n 
A 1 126 LYS 126 528 528 LYS LYS A . n 
A 1 127 SER 127 529 529 SER SER A . n 
A 1 128 LYS 128 530 530 LYS LYS A . n 
A 1 129 HIS 129 531 531 HIS HIS A . n 
A 1 130 SER 130 532 532 SER SER A . n 
A 1 131 GLY 131 533 533 GLY GLY A . n 
A 1 132 SER 132 534 534 SER SER A . n 
A 1 133 LYS 133 535 535 LYS LYS A . n 
A 1 134 PHE 134 536 536 PHE PHE A . n 
A 1 135 TRP 135 537 537 TRP TRP A . n 
A 1 136 LYS 136 538 538 LYS LYS A . n 
A 1 137 ALA 137 539 539 ALA ALA A . n 
A 1 138 LEU 138 540 540 LEU LEU A . n 
A 1 139 ARG 139 541 541 ARG ARG A . n 
A 1 140 LEU 140 542 542 LEU LEU A . n 
A 1 141 ALA 141 543 543 ALA ALA A . n 
A 1 142 LEU 142 544 544 LEU LEU A . n 
A 1 143 PRO 143 545 545 PRO PRO A . n 
A 1 144 LEU 144 546 546 LEU LEU A . n 
A 1 145 ARG 145 547 547 ARG ARG A . n 
A 1 146 SER 146 548 548 SER SER A . n 
# 
loop_
_pdbx_nonpoly_scheme.asym_id 
_pdbx_nonpoly_scheme.entity_id 
_pdbx_nonpoly_scheme.mon_id 
_pdbx_nonpoly_scheme.ndb_seq_num 
_pdbx_nonpoly_scheme.pdb_seq_num 
_pdbx_nonpoly_scheme.auth_seq_num 
_pdbx_nonpoly_scheme.pdb_mon_id 
_pdbx_nonpoly_scheme.auth_mon_id 
_pdbx_nonpoly_scheme.pdb_strand_id 
_pdbx_nonpoly_scheme.pdb_ins_code 
B 2 HOH 1  601 44 HOH HOH A . 
B 2 HOH 2  602 41 HOH HOH A . 
B 2 HOH 3  603 31 HOH HOH A . 
B 2 HOH 4  604 21 HOH HOH A . 
B 2 HOH 5  605 26 HOH HOH A . 
B 2 HOH 6  606 5  HOH HOH A . 
B 2 HOH 7  607 25 HOH HOH A . 
B 2 HOH 8  608 7  HOH HOH A . 
B 2 HOH 9  609 2  HOH HOH A . 
B 2 HOH 10 610 33 HOH HOH A . 
B 2 HOH 11 611 20 HOH HOH A . 
B 2 HOH 12 612 4  HOH HOH A . 
B 2 HOH 13 613 30 HOH HOH A . 
B 2 HOH 14 614 46 HOH HOH A . 
B 2 HOH 15 615 3  HOH HOH A . 
B 2 HOH 16 616 19 HOH HOH A . 
B 2 HOH 17 617 42 HOH HOH A . 
B 2 HOH 18 618 18 HOH HOH A . 
B 2 HOH 19 619 12 HOH HOH A . 
B 2 HOH 20 620 48 HOH HOH A . 
B 2 HOH 21 621 34 HOH HOH A . 
B 2 HOH 22 622 10 HOH HOH A . 
B 2 HOH 23 623 47 HOH HOH A . 
B 2 HOH 24 624 13 HOH HOH A . 
B 2 HOH 25 625 40 HOH HOH A . 
B 2 HOH 26 626 29 HOH HOH A . 
B 2 HOH 27 627 24 HOH HOH A . 
B 2 HOH 28 628 14 HOH HOH A . 
B 2 HOH 29 629 9  HOH HOH A . 
B 2 HOH 30 630 23 HOH HOH A . 
B 2 HOH 31 631 17 HOH HOH A . 
B 2 HOH 32 632 39 HOH HOH A . 
B 2 HOH 33 633 27 HOH HOH A . 
B 2 HOH 34 634 1  HOH HOH A . 
B 2 HOH 35 635 8  HOH HOH A . 
B 2 HOH 36 636 35 HOH HOH A . 
B 2 HOH 37 637 11 HOH HOH A . 
B 2 HOH 38 638 43 HOH HOH A . 
B 2 HOH 39 639 36 HOH HOH A . 
B 2 HOH 40 640 16 HOH HOH A . 
B 2 HOH 41 641 52 HOH HOH A . 
B 2 HOH 42 642 50 HOH HOH A . 
B 2 HOH 43 643 45 HOH HOH A . 
B 2 HOH 44 644 22 HOH HOH A . 
B 2 HOH 45 645 37 HOH HOH A . 
B 2 HOH 46 646 53 HOH HOH A . 
B 2 HOH 47 647 28 HOH HOH A . 
B 2 HOH 48 648 32 HOH HOH A . 
B 2 HOH 49 649 54 HOH HOH A . 
B 2 HOH 50 650 6  HOH HOH A . 
B 2 HOH 51 651 38 HOH HOH A . 
B 2 HOH 52 652 15 HOH HOH A . 
B 2 HOH 53 653 49 HOH HOH A . 
B 2 HOH 54 654 51 HOH HOH A . 
# 
_pdbx_struct_assembly.id                   1 
_pdbx_struct_assembly.details              author_defined_assembly 
_pdbx_struct_assembly.method_details       ? 
_pdbx_struct_assembly.oligomeric_details   monomeric 
_pdbx_struct_assembly.oligomeric_count     1 
# 
_pdbx_struct_assembly_gen.assembly_id       1 
_pdbx_struct_assembly_gen.oper_expression   1 
_pdbx_struct_assembly_gen.asym_id_list      A,B 
# 
loop_
_pdbx_struct_assembly_prop.biol_id 
_pdbx_struct_assembly_prop.type 
_pdbx_struct_assembly_prop.value 
_pdbx_struct_assembly_prop.details 
1 'ABSA (A^2)' 0    ? 
1 MORE         0    ? 
1 'SSA (A^2)'  8070 ? 
# 
_pdbx_struct_oper_list.id                   1 
_pdbx_struct_oper_list.type                 'identity operation' 
_pdbx_struct_oper_list.name                 1_555 
_pdbx_struct_oper_list.symmetry_operation   x,y,z 
_pdbx_struct_oper_list.matrix[1][1]         1.0000000000 
_pdbx_struct_oper_list.matrix[1][2]         0.0000000000 
_pdbx_struct_oper_list.matrix[1][3]         0.0000000000 
_pdbx_struct_oper_list.vector[1]            0.0000000000 
_pdbx_struct_oper_list.matrix[2][1]         0.0000000000 
_pdbx_struct_oper_list.matrix[2][2]         1.0000000000 
_pdbx_struct_oper_list.matrix[2][3]         0.0000000000 
_pdbx_struct_oper_list.vector[2]            0.0000000000 
_pdbx_struct_oper_list.matrix[3][1]         0.0000000000 
_pdbx_struct_oper_list.matrix[3][2]         0.0000000000 
_pdbx_struct_oper_list.matrix[3][3]         1.0000000000 
_pdbx_struct_oper_list.vector[3]            0.0000000000 
# 
loop_
_pdbx_audit_revision_history.ordinal 
_pdbx_audit_revision_history.data_content_type 
_pdbx_audit_revision_history.major_revision 
_pdbx_audit_revision_history.minor_revision 
_pdbx_audit_revision_history.revision_date 
1 'Structure model' 1 0 2022-07-20 
2 'Structure model' 1 1 2022-08-10 
3 'Structure model' 1 2 2023-11-29 
# 
_pdbx_audit_revision_details.ordinal             1 
_pdbx_audit_revision_details.revision_ordinal    1 
_pdbx_audit_revision_details.data_content_type   'Structure model' 
_pdbx_audit_revision_details.provider            repository 
_pdbx_audit_revision_details.type                'Initial release' 
_pdbx_audit_revision_details.description         ? 
_pdbx_audit_revision_details.details             ? 
# 
loop_
_pdbx_audit_revision_group.ordinal 
_pdbx_audit_revision_group.revision_ordinal 
_pdbx_audit_revision_group.data_content_type 
_pdbx_audit_revision_group.group 
1 2 'Structure model' 'Database references'    
2 3 'Structure model' 'Data collection'        
3 3 'Structure model' 'Refinement description' 
# 
loop_
_pdbx_audit_revision_category.ordinal 
_pdbx_audit_revision_category.revision_ordinal 
_pdbx_audit_revision_category.data_content_type 
_pdbx_audit_revision_category.category 
1 2 'Structure model' citation                      
2 2 'Structure model' citation_author               
3 3 'Structure model' chem_comp_atom                
4 3 'Structure model' chem_comp_bond                
5 3 'Structure model' pdbx_initial_refinement_model 
# 
loop_
_pdbx_audit_revision_item.ordinal 
_pdbx_audit_revision_item.revision_ordinal 
_pdbx_audit_revision_item.data_content_type 
_pdbx_audit_revision_item.item 
1 2 'Structure model' '_citation.country'              
2 2 'Structure model' '_citation.journal_abbrev'       
3 2 'Structure model' '_citation.journal_id_CSD'       
4 2 'Structure model' '_citation.journal_id_ISSN'      
5 2 'Structure model' '_citation.journal_volume'       
6 2 'Structure model' '_citation.page_first'           
7 2 'Structure model' '_citation.pdbx_database_id_DOI' 
8 2 'Structure model' '_citation.title'                
9 2 'Structure model' '_citation.year'                 
# 
loop_
_software.citation_id 
_software.classification 
_software.compiler_name 
_software.compiler_version 
_software.contact_author 
_software.contact_author_email 
_software.date 
_software.description 
_software.dependencies 
_software.hardware 
_software.language 
_software.location 
_software.mods 
_software.name 
_software.os 
_software.os_version 
_software.type 
_software.version 
_software.pdbx_ordinal 
? refinement        ? ? ? ? ? ? ? ? ? ? ? PHENIX      ? ? ? 1.15_3459 1 
? 'data extraction' ? ? ? ? ? ? ? ? ? ? ? PDB_EXTRACT ? ? ? 3.27      2 
? 'data reduction'  ? ? ? ? ? ? ? ? ? ? ? HKL-2000    ? ? ? .         3 
? 'data scaling'    ? ? ? ? ? ? ? ? ? ? ? HKL-2000    ? ? ? .         4 
? phasing           ? ? ? ? ? ? ? ? ? ? ? PHASER      ? ? ? .         5 
# 
_pdbx_entry_details.compound_details         ? 
_pdbx_entry_details.entry_id                 7FCC 
_pdbx_entry_details.has_ligand_of_interest   ? 
_pdbx_entry_details.nonpolymer_details       ? 
_pdbx_entry_details.sequence_details         'THIS SEQUENCE CORRESPONDS TO THE ISOFORM 4 FOUND IN UNP Q9NPH3.' 
_pdbx_entry_details.source_details           ? 
# 
_pdbx_validate_symm_contact.id                1 
_pdbx_validate_symm_contact.PDB_model_num     1 
_pdbx_validate_symm_contact.auth_atom_id_1    O 
_pdbx_validate_symm_contact.auth_asym_id_1    A 
_pdbx_validate_symm_contact.auth_comp_id_1    HOH 
_pdbx_validate_symm_contact.auth_seq_id_1     638 
_pdbx_validate_symm_contact.PDB_ins_code_1    ? 
_pdbx_validate_symm_contact.label_alt_id_1    ? 
_pdbx_validate_symm_contact.site_symmetry_1   1_555 
_pdbx_validate_symm_contact.auth_atom_id_2    O 
_pdbx_validate_symm_contact.auth_asym_id_2    A 
_pdbx_validate_symm_contact.auth_comp_id_2    HOH 
_pdbx_validate_symm_contact.auth_seq_id_2     650 
_pdbx_validate_symm_contact.PDB_ins_code_2    ? 
_pdbx_validate_symm_contact.label_alt_id_2    ? 
_pdbx_validate_symm_contact.site_symmetry_2   3_545 
_pdbx_validate_symm_contact.dist              2.06 
# 
_pdbx_validate_torsion.id              1 
_pdbx_validate_torsion.PDB_model_num   1 
_pdbx_validate_torsion.auth_comp_id    HIS 
_pdbx_validate_torsion.auth_asym_id    A 
_pdbx_validate_torsion.auth_seq_id     507 
_pdbx_validate_torsion.PDB_ins_code    ? 
_pdbx_validate_torsion.label_alt_id    ? 
_pdbx_validate_torsion.phi             119.15 
_pdbx_validate_torsion.psi             140.75 
# 
loop_
_chem_comp_atom.comp_id 
_chem_comp_atom.atom_id 
_chem_comp_atom.type_symbol 
_chem_comp_atom.pdbx_aromatic_flag 
_chem_comp_atom.pdbx_stereo_config 
_chem_comp_atom.pdbx_ordinal 
ALA N    N N N 1   
ALA CA   C N S 2   
ALA C    C N N 3   
ALA O    O N N 4   
ALA CB   C N N 5   
ALA OXT  O N N 6   
ALA H    H N N 7   
ALA H2   H N N 8   
ALA HA   H N N 9   
ALA HB1  H N N 10  
ALA HB2  H N N 11  
ALA HB3  H N N 12  
ALA HXT  H N N 13  
ARG N    N N N 14  
ARG CA   C N S 15  
ARG C    C N N 16  
ARG O    O N N 17  
ARG CB   C N N 18  
ARG CG   C N N 19  
ARG CD   C N N 20  
ARG NE   N N N 21  
ARG CZ   C N N 22  
ARG NH1  N N N 23  
ARG NH2  N N N 24  
ARG OXT  O N N 25  
ARG H    H N N 26  
ARG H2   H N N 27  
ARG HA   H N N 28  
ARG HB2  H N N 29  
ARG HB3  H N N 30  
ARG HG2  H N N 31  
ARG HG3  H N N 32  
ARG HD2  H N N 33  
ARG HD3  H N N 34  
ARG HE   H N N 35  
ARG HH11 H N N 36  
ARG HH12 H N N 37  
ARG HH21 H N N 38  
ARG HH22 H N N 39  
ARG HXT  H N N 40  
ASN N    N N N 41  
ASN CA   C N S 42  
ASN C    C N N 43  
ASN O    O N N 44  
ASN CB   C N N 45  
ASN CG   C N N 46  
ASN OD1  O N N 47  
ASN ND2  N N N 48  
ASN OXT  O N N 49  
ASN H    H N N 50  
ASN H2   H N N 51  
ASN HA   H N N 52  
ASN HB2  H N N 53  
ASN HB3  H N N 54  
ASN HD21 H N N 55  
ASN HD22 H N N 56  
ASN HXT  H N N 57  
ASP N    N N N 58  
ASP CA   C N S 59  
ASP C    C N N 60  
ASP O    O N N 61  
ASP CB   C N N 62  
ASP CG   C N N 63  
ASP OD1  O N N 64  
ASP OD2  O N N 65  
ASP OXT  O N N 66  
ASP H    H N N 67  
ASP H2   H N N 68  
ASP HA   H N N 69  
ASP HB2  H N N 70  
ASP HB3  H N N 71  
ASP HD2  H N N 72  
ASP HXT  H N N 73  
CYS N    N N N 74  
CYS CA   C N R 75  
CYS C    C N N 76  
CYS O    O N N 77  
CYS CB   C N N 78  
CYS SG   S N N 79  
CYS OXT  O N N 80  
CYS H    H N N 81  
CYS H2   H N N 82  
CYS HA   H N N 83  
CYS HB2  H N N 84  
CYS HB3  H N N 85  
CYS HG   H N N 86  
CYS HXT  H N N 87  
GLN N    N N N 88  
GLN CA   C N S 89  
GLN C    C N N 90  
GLN O    O N N 91  
GLN CB   C N N 92  
GLN CG   C N N 93  
GLN CD   C N N 94  
GLN OE1  O N N 95  
GLN NE2  N N N 96  
GLN OXT  O N N 97  
GLN H    H N N 98  
GLN H2   H N N 99  
GLN HA   H N N 100 
GLN HB2  H N N 101 
GLN HB3  H N N 102 
GLN HG2  H N N 103 
GLN HG3  H N N 104 
GLN HE21 H N N 105 
GLN HE22 H N N 106 
GLN HXT  H N N 107 
GLU N    N N N 108 
GLU CA   C N S 109 
GLU C    C N N 110 
GLU O    O N N 111 
GLU CB   C N N 112 
GLU CG   C N N 113 
GLU CD   C N N 114 
GLU OE1  O N N 115 
GLU OE2  O N N 116 
GLU OXT  O N N 117 
GLU H    H N N 118 
GLU H2   H N N 119 
GLU HA   H N N 120 
GLU HB2  H N N 121 
GLU HB3  H N N 122 
GLU HG2  H N N 123 
GLU HG3  H N N 124 
GLU HE2  H N N 125 
GLU HXT  H N N 126 
GLY N    N N N 127 
GLY CA   C N N 128 
GLY C    C N N 129 
GLY O    O N N 130 
GLY OXT  O N N 131 
GLY H    H N N 132 
GLY H2   H N N 133 
GLY HA2  H N N 134 
GLY HA3  H N N 135 
GLY HXT  H N N 136 
HIS N    N N N 137 
HIS CA   C N S 138 
HIS C    C N N 139 
HIS O    O N N 140 
HIS CB   C N N 141 
HIS CG   C Y N 142 
HIS ND1  N Y N 143 
HIS CD2  C Y N 144 
HIS CE1  C Y N 145 
HIS NE2  N Y N 146 
HIS OXT  O N N 147 
HIS H    H N N 148 
HIS H2   H N N 149 
HIS HA   H N N 150 
HIS HB2  H N N 151 
HIS HB3  H N N 152 
HIS HD1  H N N 153 
HIS HD2  H N N 154 
HIS HE1  H N N 155 
HIS HE2  H N N 156 
HIS HXT  H N N 157 
HOH O    O N N 158 
HOH H1   H N N 159 
HOH H2   H N N 160 
ILE N    N N N 161 
ILE CA   C N S 162 
ILE C    C N N 163 
ILE O    O N N 164 
ILE CB   C N S 165 
ILE CG1  C N N 166 
ILE CG2  C N N 167 
ILE CD1  C N N 168 
ILE OXT  O N N 169 
ILE H    H N N 170 
ILE H2   H N N 171 
ILE HA   H N N 172 
ILE HB   H N N 173 
ILE HG12 H N N 174 
ILE HG13 H N N 175 
ILE HG21 H N N 176 
ILE HG22 H N N 177 
ILE HG23 H N N 178 
ILE HD11 H N N 179 
ILE HD12 H N N 180 
ILE HD13 H N N 181 
ILE HXT  H N N 182 
LEU N    N N N 183 
LEU CA   C N S 184 
LEU C    C N N 185 
LEU O    O N N 186 
LEU CB   C N N 187 
LEU CG   C N N 188 
LEU CD1  C N N 189 
LEU CD2  C N N 190 
LEU OXT  O N N 191 
LEU H    H N N 192 
LEU H2   H N N 193 
LEU HA   H N N 194 
LEU HB2  H N N 195 
LEU HB3  H N N 196 
LEU HG   H N N 197 
LEU HD11 H N N 198 
LEU HD12 H N N 199 
LEU HD13 H N N 200 
LEU HD21 H N N 201 
LEU HD22 H N N 202 
LEU HD23 H N N 203 
LEU HXT  H N N 204 
LYS N    N N N 205 
LYS CA   C N S 206 
LYS C    C N N 207 
LYS O    O N N 208 
LYS CB   C N N 209 
LYS CG   C N N 210 
LYS CD   C N N 211 
LYS CE   C N N 212 
LYS NZ   N N N 213 
LYS OXT  O N N 214 
LYS H    H N N 215 
LYS H2   H N N 216 
LYS HA   H N N 217 
LYS HB2  H N N 218 
LYS HB3  H N N 219 
LYS HG2  H N N 220 
LYS HG3  H N N 221 
LYS HD2  H N N 222 
LYS HD3  H N N 223 
LYS HE2  H N N 224 
LYS HE3  H N N 225 
LYS HZ1  H N N 226 
LYS HZ2  H N N 227 
LYS HZ3  H N N 228 
LYS HXT  H N N 229 
MET N    N N N 230 
MET CA   C N S 231 
MET C    C N N 232 
MET O    O N N 233 
MET CB   C N N 234 
MET CG   C N N 235 
MET SD   S N N 236 
MET CE   C N N 237 
MET OXT  O N N 238 
MET H    H N N 239 
MET H2   H N N 240 
MET HA   H N N 241 
MET HB2  H N N 242 
MET HB3  H N N 243 
MET HG2  H N N 244 
MET HG3  H N N 245 
MET HE1  H N N 246 
MET HE2  H N N 247 
MET HE3  H N N 248 
MET HXT  H N N 249 
PHE N    N N N 250 
PHE CA   C N S 251 
PHE C    C N N 252 
PHE O    O N N 253 
PHE CB   C N N 254 
PHE CG   C Y N 255 
PHE CD1  C Y N 256 
PHE CD2  C Y N 257 
PHE CE1  C Y N 258 
PHE CE2  C Y N 259 
PHE CZ   C Y N 260 
PHE OXT  O N N 261 
PHE H    H N N 262 
PHE H2   H N N 263 
PHE HA   H N N 264 
PHE HB2  H N N 265 
PHE HB3  H N N 266 
PHE HD1  H N N 267 
PHE HD2  H N N 268 
PHE HE1  H N N 269 
PHE HE2  H N N 270 
PHE HZ   H N N 271 
PHE HXT  H N N 272 
PRO N    N N N 273 
PRO CA   C N S 274 
PRO C    C N N 275 
PRO O    O N N 276 
PRO CB   C N N 277 
PRO CG   C N N 278 
PRO CD   C N N 279 
PRO OXT  O N N 280 
PRO H    H N N 281 
PRO HA   H N N 282 
PRO HB2  H N N 283 
PRO HB3  H N N 284 
PRO HG2  H N N 285 
PRO HG3  H N N 286 
PRO HD2  H N N 287 
PRO HD3  H N N 288 
PRO HXT  H N N 289 
SER N    N N N 290 
SER CA   C N S 291 
SER C    C N N 292 
SER O    O N N 293 
SER CB   C N N 294 
SER OG   O N N 295 
SER OXT  O N N 296 
SER H    H N N 297 
SER H2   H N N 298 
SER HA   H N N 299 
SER HB2  H N N 300 
SER HB3  H N N 301 
SER HG   H N N 302 
SER HXT  H N N 303 
THR N    N N N 304 
THR CA   C N S 305 
THR C    C N N 306 
THR O    O N N 307 
THR CB   C N R 308 
THR OG1  O N N 309 
THR CG2  C N N 310 
THR OXT  O N N 311 
THR H    H N N 312 
THR H2   H N N 313 
THR HA   H N N 314 
THR HB   H N N 315 
THR HG1  H N N 316 
THR HG21 H N N 317 
THR HG22 H N N 318 
THR HG23 H N N 319 
THR HXT  H N N 320 
TRP N    N N N 321 
TRP CA   C N S 322 
TRP C    C N N 323 
TRP O    O N N 324 
TRP CB   C N N 325 
TRP CG   C Y N 326 
TRP CD1  C Y N 327 
TRP CD2  C Y N 328 
TRP NE1  N Y N 329 
TRP CE2  C Y N 330 
TRP CE3  C Y N 331 
TRP CZ2  C Y N 332 
TRP CZ3  C Y N 333 
TRP CH2  C Y N 334 
TRP OXT  O N N 335 
TRP H    H N N 336 
TRP H2   H N N 337 
TRP HA   H N N 338 
TRP HB2  H N N 339 
TRP HB3  H N N 340 
TRP HD1  H N N 341 
TRP HE1  H N N 342 
TRP HE3  H N N 343 
TRP HZ2  H N N 344 
TRP HZ3  H N N 345 
TRP HH2  H N N 346 
TRP HXT  H N N 347 
TYR N    N N N 348 
TYR CA   C N S 349 
TYR C    C N N 350 
TYR O    O N N 351 
TYR CB   C N N 352 
TYR CG   C Y N 353 
TYR CD1  C Y N 354 
TYR CD2  C Y N 355 
TYR CE1  C Y N 356 
TYR CE2  C Y N 357 
TYR CZ   C Y N 358 
TYR OH   O N N 359 
TYR OXT  O N N 360 
TYR H    H N N 361 
TYR H2   H N N 362 
TYR HA   H N N 363 
TYR HB2  H N N 364 
TYR HB3  H N N 365 
TYR HD1  H N N 366 
TYR HD2  H N N 367 
TYR HE1  H N N 368 
TYR HE2  H N N 369 
TYR HH   H N N 370 
TYR HXT  H N N 371 
VAL N    N N N 372 
VAL CA   C N S 373 
VAL C    C N N 374 
VAL O    O N N 375 
VAL CB   C N N 376 
VAL CG1  C N N 377 
VAL CG2  C N N 378 
VAL OXT  O N N 379 
VAL H    H N N 380 
VAL H2   H N N 381 
VAL HA   H N N 382 
VAL HB   H N N 383 
VAL HG11 H N N 384 
VAL HG12 H N N 385 
VAL HG13 H N N 386 
VAL HG21 H N N 387 
VAL HG22 H N N 388 
VAL HG23 H N N 389 
VAL HXT  H N N 390 
# 
loop_
_chem_comp_bond.comp_id 
_chem_comp_bond.atom_id_1 
_chem_comp_bond.atom_id_2 
_chem_comp_bond.value_order 
_chem_comp_bond.pdbx_aromatic_flag 
_chem_comp_bond.pdbx_stereo_config 
_chem_comp_bond.pdbx_ordinal 
ALA N   CA   sing N N 1   
ALA N   H    sing N N 2   
ALA N   H2   sing N N 3   
ALA CA  C    sing N N 4   
ALA CA  CB   sing N N 5   
ALA CA  HA   sing N N 6   
ALA C   O    doub N N 7   
ALA C   OXT  sing N N 8   
ALA CB  HB1  sing N N 9   
ALA CB  HB2  sing N N 10  
ALA CB  HB3  sing N N 11  
ALA OXT HXT  sing N N 12  
ARG N   CA   sing N N 13  
ARG N   H    sing N N 14  
ARG N   H2   sing N N 15  
ARG CA  C    sing N N 16  
ARG CA  CB   sing N N 17  
ARG CA  HA   sing N N 18  
ARG C   O    doub N N 19  
ARG C   OXT  sing N N 20  
ARG CB  CG   sing N N 21  
ARG CB  HB2  sing N N 22  
ARG CB  HB3  sing N N 23  
ARG CG  CD   sing N N 24  
ARG CG  HG2  sing N N 25  
ARG CG  HG3  sing N N 26  
ARG CD  NE   sing N N 27  
ARG CD  HD2  sing N N 28  
ARG CD  HD3  sing N N 29  
ARG NE  CZ   sing N N 30  
ARG NE  HE   sing N N 31  
ARG CZ  NH1  sing N N 32  
ARG CZ  NH2  doub N N 33  
ARG NH1 HH11 sing N N 34  
ARG NH1 HH12 sing N N 35  
ARG NH2 HH21 sing N N 36  
ARG NH2 HH22 sing N N 37  
ARG OXT HXT  sing N N 38  
ASN N   CA   sing N N 39  
ASN N   H    sing N N 40  
ASN N   H2   sing N N 41  
ASN CA  C    sing N N 42  
ASN CA  CB   sing N N 43  
ASN CA  HA   sing N N 44  
ASN C   O    doub N N 45  
ASN C   OXT  sing N N 46  
ASN CB  CG   sing N N 47  
ASN CB  HB2  sing N N 48  
ASN CB  HB3  sing N N 49  
ASN CG  OD1  doub N N 50  
ASN CG  ND2  sing N N 51  
ASN ND2 HD21 sing N N 52  
ASN ND2 HD22 sing N N 53  
ASN OXT HXT  sing N N 54  
ASP N   CA   sing N N 55  
ASP N   H    sing N N 56  
ASP N   H2   sing N N 57  
ASP CA  C    sing N N 58  
ASP CA  CB   sing N N 59  
ASP CA  HA   sing N N 60  
ASP C   O    doub N N 61  
ASP C   OXT  sing N N 62  
ASP CB  CG   sing N N 63  
ASP CB  HB2  sing N N 64  
ASP CB  HB3  sing N N 65  
ASP CG  OD1  doub N N 66  
ASP CG  OD2  sing N N 67  
ASP OD2 HD2  sing N N 68  
ASP OXT HXT  sing N N 69  
CYS N   CA   sing N N 70  
CYS N   H    sing N N 71  
CYS N   H2   sing N N 72  
CYS CA  C    sing N N 73  
CYS CA  CB   sing N N 74  
CYS CA  HA   sing N N 75  
CYS C   O    doub N N 76  
CYS C   OXT  sing N N 77  
CYS CB  SG   sing N N 78  
CYS CB  HB2  sing N N 79  
CYS CB  HB3  sing N N 80  
CYS SG  HG   sing N N 81  
CYS OXT HXT  sing N N 82  
GLN N   CA   sing N N 83  
GLN N   H    sing N N 84  
GLN N   H2   sing N N 85  
GLN CA  C    sing N N 86  
GLN CA  CB   sing N N 87  
GLN CA  HA   sing N N 88  
GLN C   O    doub N N 89  
GLN C   OXT  sing N N 90  
GLN CB  CG   sing N N 91  
GLN CB  HB2  sing N N 92  
GLN CB  HB3  sing N N 93  
GLN CG  CD   sing N N 94  
GLN CG  HG2  sing N N 95  
GLN CG  HG3  sing N N 96  
GLN CD  OE1  doub N N 97  
GLN CD  NE2  sing N N 98  
GLN NE2 HE21 sing N N 99  
GLN NE2 HE22 sing N N 100 
GLN OXT HXT  sing N N 101 
GLU N   CA   sing N N 102 
GLU N   H    sing N N 103 
GLU N   H2   sing N N 104 
GLU CA  C    sing N N 105 
GLU CA  CB   sing N N 106 
GLU CA  HA   sing N N 107 
GLU C   O    doub N N 108 
GLU C   OXT  sing N N 109 
GLU CB  CG   sing N N 110 
GLU CB  HB2  sing N N 111 
GLU CB  HB3  sing N N 112 
GLU CG  CD   sing N N 113 
GLU CG  HG2  sing N N 114 
GLU CG  HG3  sing N N 115 
GLU CD  OE1  doub N N 116 
GLU CD  OE2  sing N N 117 
GLU OE2 HE2  sing N N 118 
GLU OXT HXT  sing N N 119 
GLY N   CA   sing N N 120 
GLY N   H    sing N N 121 
GLY N   H2   sing N N 122 
GLY CA  C    sing N N 123 
GLY CA  HA2  sing N N 124 
GLY CA  HA3  sing N N 125 
GLY C   O    doub N N 126 
GLY C   OXT  sing N N 127 
GLY OXT HXT  sing N N 128 
HIS N   CA   sing N N 129 
HIS N   H    sing N N 130 
HIS N   H2   sing N N 131 
HIS CA  C    sing N N 132 
HIS CA  CB   sing N N 133 
HIS CA  HA   sing N N 134 
HIS C   O    doub N N 135 
HIS C   OXT  sing N N 136 
HIS CB  CG   sing N N 137 
HIS CB  HB2  sing N N 138 
HIS CB  HB3  sing N N 139 
HIS CG  ND1  sing Y N 140 
HIS CG  CD2  doub Y N 141 
HIS ND1 CE1  doub Y N 142 
HIS ND1 HD1  sing N N 143 
HIS CD2 NE2  sing Y N 144 
HIS CD2 HD2  sing N N 145 
HIS CE1 NE2  sing Y N 146 
HIS CE1 HE1  sing N N 147 
HIS NE2 HE2  sing N N 148 
HIS OXT HXT  sing N N 149 
HOH O   H1   sing N N 150 
HOH O   H2   sing N N 151 
ILE N   CA   sing N N 152 
ILE N   H    sing N N 153 
ILE N   H2   sing N N 154 
ILE CA  C    sing N N 155 
ILE CA  CB   sing N N 156 
ILE CA  HA   sing N N 157 
ILE C   O    doub N N 158 
ILE C   OXT  sing N N 159 
ILE CB  CG1  sing N N 160 
ILE CB  CG2  sing N N 161 
ILE CB  HB   sing N N 162 
ILE CG1 CD1  sing N N 163 
ILE CG1 HG12 sing N N 164 
ILE CG1 HG13 sing N N 165 
ILE CG2 HG21 sing N N 166 
ILE CG2 HG22 sing N N 167 
ILE CG2 HG23 sing N N 168 
ILE CD1 HD11 sing N N 169 
ILE CD1 HD12 sing N N 170 
ILE CD1 HD13 sing N N 171 
ILE OXT HXT  sing N N 172 
LEU N   CA   sing N N 173 
LEU N   H    sing N N 174 
LEU N   H2   sing N N 175 
LEU CA  C    sing N N 176 
LEU CA  CB   sing N N 177 
LEU CA  HA   sing N N 178 
LEU C   O    doub N N 179 
LEU C   OXT  sing N N 180 
LEU CB  CG   sing N N 181 
LEU CB  HB2  sing N N 182 
LEU CB  HB3  sing N N 183 
LEU CG  CD1  sing N N 184 
LEU CG  CD2  sing N N 185 
LEU CG  HG   sing N N 186 
LEU CD1 HD11 sing N N 187 
LEU CD1 HD12 sing N N 188 
LEU CD1 HD13 sing N N 189 
LEU CD2 HD21 sing N N 190 
LEU CD2 HD22 sing N N 191 
LEU CD2 HD23 sing N N 192 
LEU OXT HXT  sing N N 193 
LYS N   CA   sing N N 194 
LYS N   H    sing N N 195 
LYS N   H2   sing N N 196 
LYS CA  C    sing N N 197 
LYS CA  CB   sing N N 198 
LYS CA  HA   sing N N 199 
LYS C   O    doub N N 200 
LYS C   OXT  sing N N 201 
LYS CB  CG   sing N N 202 
LYS CB  HB2  sing N N 203 
LYS CB  HB3  sing N N 204 
LYS CG  CD   sing N N 205 
LYS CG  HG2  sing N N 206 
LYS CG  HG3  sing N N 207 
LYS CD  CE   sing N N 208 
LYS CD  HD2  sing N N 209 
LYS CD  HD3  sing N N 210 
LYS CE  NZ   sing N N 211 
LYS CE  HE2  sing N N 212 
LYS CE  HE3  sing N N 213 
LYS NZ  HZ1  sing N N 214 
LYS NZ  HZ2  sing N N 215 
LYS NZ  HZ3  sing N N 216 
LYS OXT HXT  sing N N 217 
MET N   CA   sing N N 218 
MET N   H    sing N N 219 
MET N   H2   sing N N 220 
MET CA  C    sing N N 221 
MET CA  CB   sing N N 222 
MET CA  HA   sing N N 223 
MET C   O    doub N N 224 
MET C   OXT  sing N N 225 
MET CB  CG   sing N N 226 
MET CB  HB2  sing N N 227 
MET CB  HB3  sing N N 228 
MET CG  SD   sing N N 229 
MET CG  HG2  sing N N 230 
MET CG  HG3  sing N N 231 
MET SD  CE   sing N N 232 
MET CE  HE1  sing N N 233 
MET CE  HE2  sing N N 234 
MET CE  HE3  sing N N 235 
MET OXT HXT  sing N N 236 
PHE N   CA   sing N N 237 
PHE N   H    sing N N 238 
PHE N   H2   sing N N 239 
PHE CA  C    sing N N 240 
PHE CA  CB   sing N N 241 
PHE CA  HA   sing N N 242 
PHE C   O    doub N N 243 
PHE C   OXT  sing N N 244 
PHE CB  CG   sing N N 245 
PHE CB  HB2  sing N N 246 
PHE CB  HB3  sing N N 247 
PHE CG  CD1  doub Y N 248 
PHE CG  CD2  sing Y N 249 
PHE CD1 CE1  sing Y N 250 
PHE CD1 HD1  sing N N 251 
PHE CD2 CE2  doub Y N 252 
PHE CD2 HD2  sing N N 253 
PHE CE1 CZ   doub Y N 254 
PHE CE1 HE1  sing N N 255 
PHE CE2 CZ   sing Y N 256 
PHE CE2 HE2  sing N N 257 
PHE CZ  HZ   sing N N 258 
PHE OXT HXT  sing N N 259 
PRO N   CA   sing N N 260 
PRO N   CD   sing N N 261 
PRO N   H    sing N N 262 
PRO CA  C    sing N N 263 
PRO CA  CB   sing N N 264 
PRO CA  HA   sing N N 265 
PRO C   O    doub N N 266 
PRO C   OXT  sing N N 267 
PRO CB  CG   sing N N 268 
PRO CB  HB2  sing N N 269 
PRO CB  HB3  sing N N 270 
PRO CG  CD   sing N N 271 
PRO CG  HG2  sing N N 272 
PRO CG  HG3  sing N N 273 
PRO CD  HD2  sing N N 274 
PRO CD  HD3  sing N N 275 
PRO OXT HXT  sing N N 276 
SER N   CA   sing N N 277 
SER N   H    sing N N 278 
SER N   H2   sing N N 279 
SER CA  C    sing N N 280 
SER CA  CB   sing N N 281 
SER CA  HA   sing N N 282 
SER C   O    doub N N 283 
SER C   OXT  sing N N 284 
SER CB  OG   sing N N 285 
SER CB  HB2  sing N N 286 
SER CB  HB3  sing N N 287 
SER OG  HG   sing N N 288 
SER OXT HXT  sing N N 289 
THR N   CA   sing N N 290 
THR N   H    sing N N 291 
THR N   H2   sing N N 292 
THR CA  C    sing N N 293 
THR CA  CB   sing N N 294 
THR CA  HA   sing N N 295 
THR C   O    doub N N 296 
THR C   OXT  sing N N 297 
THR CB  OG1  sing N N 298 
THR CB  CG2  sing N N 299 
THR CB  HB   sing N N 300 
THR OG1 HG1  sing N N 301 
THR CG2 HG21 sing N N 302 
THR CG2 HG22 sing N N 303 
THR CG2 HG23 sing N N 304 
THR OXT HXT  sing N N 305 
TRP N   CA   sing N N 306 
TRP N   H    sing N N 307 
TRP N   H2   sing N N 308 
TRP CA  C    sing N N 309 
TRP CA  CB   sing N N 310 
TRP CA  HA   sing N N 311 
TRP C   O    doub N N 312 
TRP C   OXT  sing N N 313 
TRP CB  CG   sing N N 314 
TRP CB  HB2  sing N N 315 
TRP CB  HB3  sing N N 316 
TRP CG  CD1  doub Y N 317 
TRP CG  CD2  sing Y N 318 
TRP CD1 NE1  sing Y N 319 
TRP CD1 HD1  sing N N 320 
TRP CD2 CE2  doub Y N 321 
TRP CD2 CE3  sing Y N 322 
TRP NE1 CE2  sing Y N 323 
TRP NE1 HE1  sing N N 324 
TRP CE2 CZ2  sing Y N 325 
TRP CE3 CZ3  doub Y N 326 
TRP CE3 HE3  sing N N 327 
TRP CZ2 CH2  doub Y N 328 
TRP CZ2 HZ2  sing N N 329 
TRP CZ3 CH2  sing Y N 330 
TRP CZ3 HZ3  sing N N 331 
TRP CH2 HH2  sing N N 332 
TRP OXT HXT  sing N N 333 
TYR N   CA   sing N N 334 
TYR N   H    sing N N 335 
TYR N   H2   sing N N 336 
TYR CA  C    sing N N 337 
TYR CA  CB   sing N N 338 
TYR CA  HA   sing N N 339 
TYR C   O    doub N N 340 
TYR C   OXT  sing N N 341 
TYR CB  CG   sing N N 342 
TYR CB  HB2  sing N N 343 
TYR CB  HB3  sing N N 344 
TYR CG  CD1  doub Y N 345 
TYR CG  CD2  sing Y N 346 
TYR CD1 CE1  sing Y N 347 
TYR CD1 HD1  sing N N 348 
TYR CD2 CE2  doub Y N 349 
TYR CD2 HD2  sing N N 350 
TYR CE1 CZ   doub Y N 351 
TYR CE1 HE1  sing N N 352 
TYR CE2 CZ   sing Y N 353 
TYR CE2 HE2  sing N N 354 
TYR CZ  OH   sing N N 355 
TYR OH  HH   sing N N 356 
TYR OXT HXT  sing N N 357 
VAL N   CA   sing N N 358 
VAL N   H    sing N N 359 
VAL N   H2   sing N N 360 
VAL CA  C    sing N N 361 
VAL CA  CB   sing N N 362 
VAL CA  HA   sing N N 363 
VAL C   O    doub N N 364 
VAL C   OXT  sing N N 365 
VAL CB  CG1  sing N N 366 
VAL CB  CG2  sing N N 367 
VAL CB  HB   sing N N 368 
VAL CG1 HG11 sing N N 369 
VAL CG1 HG12 sing N N 370 
VAL CG1 HG13 sing N N 371 
VAL CG2 HG21 sing N N 372 
VAL CG2 HG22 sing N N 373 
VAL CG2 HG23 sing N N 374 
VAL OXT HXT  sing N N 375 
# 
_pdbx_entity_nonpoly.entity_id   2 
_pdbx_entity_nonpoly.name        water 
_pdbx_entity_nonpoly.comp_id     HOH 
# 
_pdbx_initial_refinement_model.id               1 
_pdbx_initial_refinement_model.entity_id_list   ? 
_pdbx_initial_refinement_model.type             'experimental model' 
_pdbx_initial_refinement_model.source_name      PDB 
_pdbx_initial_refinement_model.accession_code   1T3G 
_pdbx_initial_refinement_model.details          ? 
# 
_pdbx_struct_assembly_auth_evidence.id                     1 
_pdbx_struct_assembly_auth_evidence.assembly_id            1 
_pdbx_struct_assembly_auth_evidence.experimental_support   'gel filtration' 
_pdbx_struct_assembly_auth_evidence.details                ? 
# 
